data_3EQN
#
_entry.id   3EQN
#
_cell.length_a   66.281
_cell.length_b   67.148
_cell.length_c   105.183
_cell.angle_alpha   81.04
_cell.angle_beta   76.34
_cell.angle_gamma   61.45
#
_symmetry.space_group_name_H-M   'P 1'
#
loop_
_entity.id
_entity.type
_entity.pdbx_description
1 polymer 'Glucan 1,3-beta-glucosidase'
2 branched beta-D-mannopyranose-(1-4)-2-acetamido-2-deoxy-beta-D-glucopyranose-(1-4)-2-acetamido-2-deoxy-beta-D-glucopyranose
3 non-polymer 'ZINC ION'
4 non-polymer 'SODIUM ION'
5 non-polymer GLYCEROL
6 non-polymer 'ACETATE ION'
7 water water
#
_entity_poly.entity_id   1
_entity_poly.type   'polypeptide(L)'
_entity_poly.pdbx_seq_one_letter_code
;EAEAEFLGSTCSSPLTHGSAAPGDPFWLQNIQHQGIAAFNGNPGGYPVFRNVKNYGAKGDGNTDDTAAIQAAINAGGRCG
QGCDSTTTQPALVYFPPGTYKVSSPLVVLYQTQLIGDAKNLPTLLAAPNFSGIALIDADPYLAGGAQYYVNQNNFFRSVR
NFVIDLRQVSGSATGIHWQVSQATSLINIVFQMSTAAGNQHQGIFMENGSGGFLGDLVFNGGNIGATFGNQQFTVRNLTF
NNANTAINAIWNWGWTFQRITINNCQVGFDLTQGGTSNTGAQGVGAEAIIDAVVTNTQTFVRWSGASSGHLQGSLVLNNI
QLTNVPVAVGVKGGPTVLAGGTTTINSWAQGNVYHGTNGNPTFTQGNIANINRPGVLLDSTGRIVSKSHPQYTGYAPSDF
VSVRSQGAKGDGHTDDTQAIKNVFAKYAGCKIIFFDAGTYIVTDTIQIPAGTQIVGEVWSVIMGTGSKFTDYNNPQPVIQ
VGAPGSSGVVEITDMIFTTRGPAAGAIIVEWNVHDPSGQQAAAGAWDTHLIIGGTAQSGLQVGQCPTSGAGGNNCFADFL
GLHLTSGSSAYLEGMWVWLADHDLDSGGSQQISLWSNGGIMSESQGPVWLIGTASEHHINYQYFLKNAANHYIGLAQTET
PYFQPNPNPPAPFITNSNFDPSQLGQGDAWAMTVQNSHGILVFGAGFYSFFSAYNTGCQSPQNCQNQIVNVDSSSDIAFY
SLTTVDTTWQFSVNAQGVINRSNNPNGFADTITAWTRN
;
_entity_poly.pdbx_strand_id   A,B
#
loop_
_chem_comp.id
_chem_comp.type
_chem_comp.name
_chem_comp.formula
ACT non-polymer 'ACETATE ION' 'C2 H3 O2 -1'
BMA D-saccharide, beta linking beta-D-mannopyranose 'C6 H12 O6'
GOL non-polymer GLYCEROL 'C3 H8 O3'
NA non-polymer 'SODIUM ION' 'Na 1'
NAG D-saccharide, beta linking 2-acetamido-2-deoxy-beta-D-glucopyranose 'C8 H15 N O6'
ZN non-polymer 'ZINC ION' 'Zn 2'
#
# COMPACT_ATOMS: atom_id res chain seq x y z
N LEU A 7 -22.43 -26.06 -17.17
CA LEU A 7 -21.57 -27.14 -16.59
C LEU A 7 -21.76 -28.47 -17.34
N GLY A 8 -20.65 -29.20 -17.52
CA GLY A 8 -20.67 -30.52 -18.16
C GLY A 8 -21.44 -31.56 -17.36
N SER A 9 -22.03 -32.52 -18.07
CA SER A 9 -22.92 -33.51 -17.44
C SER A 9 -22.24 -34.46 -16.44
N THR A 10 -20.92 -34.61 -16.56
CA THR A 10 -20.18 -35.54 -15.69
C THR A 10 -19.92 -35.03 -14.26
N CYS A 11 -20.17 -33.75 -14.00
CA CYS A 11 -19.97 -33.17 -12.66
C CYS A 11 -21.12 -32.22 -12.25
N SER A 12 -21.14 -31.87 -10.97
CA SER A 12 -22.27 -31.16 -10.37
C SER A 12 -21.84 -29.85 -9.70
N SER A 13 -20.54 -29.74 -9.46
CA SER A 13 -19.92 -28.51 -8.98
C SER A 13 -18.74 -28.21 -9.91
N PRO A 14 -18.44 -26.92 -10.15
CA PRO A 14 -17.32 -26.58 -11.02
C PRO A 14 -15.97 -26.95 -10.40
N LEU A 15 -15.02 -27.39 -11.23
CA LEU A 15 -13.65 -27.61 -10.79
C LEU A 15 -12.97 -26.24 -10.57
N THR A 16 -12.66 -25.93 -9.32
CA THR A 16 -12.13 -24.61 -8.95
C THR A 16 -10.67 -24.62 -8.50
N HIS A 17 -10.13 -25.82 -8.31
CA HIS A 17 -8.72 -25.99 -7.92
C HIS A 17 -8.26 -27.40 -8.25
N GLY A 18 -6.94 -27.57 -8.37
CA GLY A 18 -6.38 -28.85 -8.78
C GLY A 18 -6.29 -29.88 -7.67
N SER A 19 -6.14 -31.15 -8.06
CA SER A 19 -6.15 -32.28 -7.14
C SER A 19 -4.77 -32.86 -6.84
N ALA A 20 -3.72 -32.28 -7.41
CA ALA A 20 -2.38 -32.83 -7.24
C ALA A 20 -1.88 -32.79 -5.81
N ALA A 21 -1.19 -33.86 -5.42
CA ALA A 21 -0.38 -33.87 -4.20
C ALA A 21 0.78 -32.91 -4.39
N PRO A 22 1.21 -32.23 -3.31
CA PRO A 22 2.29 -31.23 -3.34
C PRO A 22 3.57 -31.74 -4.00
N GLY A 23 3.92 -33.01 -3.75
CA GLY A 23 5.16 -33.58 -4.27
C GLY A 23 5.01 -34.31 -5.59
N ASP A 24 3.84 -34.23 -6.21
CA ASP A 24 3.67 -34.82 -7.51
C ASP A 24 4.43 -33.95 -8.52
N PRO A 25 4.92 -34.57 -9.61
CA PRO A 25 5.52 -33.73 -10.64
C PRO A 25 4.44 -32.95 -11.40
N PHE A 26 4.84 -31.85 -12.01
CA PHE A 26 3.95 -31.07 -12.87
C PHE A 26 3.16 -31.99 -13.82
N TRP A 27 1.86 -31.73 -13.97
CA TRP A 27 0.95 -32.61 -14.71
C TRP A 27 1.43 -33.00 -16.11
N LEU A 28 2.12 -32.08 -16.79
CA LEU A 28 2.53 -32.30 -18.17
C LEU A 28 3.46 -33.49 -18.33
N GLN A 29 4.18 -33.83 -17.27
CA GLN A 29 5.10 -34.96 -17.32
C GLN A 29 4.36 -36.28 -17.54
N ASN A 30 3.29 -36.50 -16.78
CA ASN A 30 2.65 -37.81 -16.72
C ASN A 30 1.29 -37.96 -17.38
N ILE A 31 0.73 -36.86 -17.88
CA ILE A 31 -0.45 -36.93 -18.73
C ILE A 31 -0.17 -37.84 -19.92
N GLN A 32 -1.19 -38.53 -20.45
CA GLN A 32 -0.95 -39.40 -21.59
C GLN A 32 -0.52 -38.60 -22.81
N HIS A 33 0.52 -39.08 -23.50
CA HIS A 33 1.06 -38.35 -24.63
C HIS A 33 0.56 -38.94 -25.94
N GLN A 34 -0.42 -38.25 -26.51
CA GLN A 34 -1.18 -38.77 -27.66
C GLN A 34 -1.20 -37.81 -28.83
N GLY A 35 -0.30 -36.82 -28.84
CA GLY A 35 -0.32 -35.81 -29.88
C GLY A 35 0.01 -36.39 -31.24
N ILE A 36 -0.57 -35.79 -32.27
CA ILE A 36 -0.21 -36.15 -33.63
C ILE A 36 0.07 -34.91 -34.48
N ALA A 37 1.04 -35.04 -35.39
CA ALA A 37 1.31 -34.04 -36.39
C ALA A 37 0.58 -34.55 -37.63
N ALA A 38 -0.67 -34.09 -37.81
CA ALA A 38 -1.55 -34.67 -38.84
C ALA A 38 -0.98 -34.68 -40.25
N PHE A 39 -0.26 -33.63 -40.64
CA PHE A 39 0.20 -33.50 -42.02
C PHE A 39 1.70 -33.76 -42.18
N ASN A 40 2.26 -34.40 -41.15
CA ASN A 40 3.63 -34.89 -41.18
C ASN A 40 3.74 -36.07 -42.16
N GLY A 41 4.94 -36.35 -42.64
CA GLY A 41 5.16 -37.50 -43.53
C GLY A 41 4.82 -38.83 -42.89
N ASN A 42 4.94 -38.90 -41.56
CA ASN A 42 4.64 -40.12 -40.83
C ASN A 42 3.90 -39.87 -39.51
N PRO A 43 2.61 -39.48 -39.58
CA PRO A 43 1.89 -39.14 -38.35
C PRO A 43 1.96 -40.25 -37.30
N GLY A 44 1.91 -41.51 -37.73
CA GLY A 44 1.90 -42.62 -36.78
C GLY A 44 3.24 -42.95 -36.13
N GLY A 45 4.32 -42.30 -36.58
CA GLY A 45 5.65 -42.59 -36.01
C GLY A 45 6.38 -41.37 -35.47
N TYR A 46 5.79 -40.20 -35.70
CA TYR A 46 6.42 -38.93 -35.32
C TYR A 46 5.94 -38.52 -33.92
N PRO A 47 6.87 -38.45 -32.94
CA PRO A 47 6.47 -38.11 -31.58
C PRO A 47 6.33 -36.58 -31.38
N VAL A 48 5.21 -36.12 -30.85
CA VAL A 48 5.07 -34.69 -30.57
C VAL A 48 5.78 -34.30 -29.29
N PHE A 49 5.59 -35.11 -28.24
CA PHE A 49 6.11 -34.82 -26.90
C PHE A 49 7.43 -35.57 -26.69
N ARG A 50 8.44 -34.88 -26.15
CA ARG A 50 9.76 -35.46 -25.90
C ARG A 50 10.24 -35.06 -24.51
N ASN A 51 10.28 -36.02 -23.60
CA ASN A 51 10.90 -35.80 -22.29
C ASN A 51 12.42 -35.93 -22.44
N VAL A 52 13.17 -34.89 -22.07
CA VAL A 52 14.62 -34.91 -22.27
C VAL A 52 15.29 -36.11 -21.58
N LYS A 53 14.72 -36.54 -20.46
CA LYS A 53 15.33 -37.66 -19.73
C LYS A 53 15.18 -38.98 -20.49
N ASN A 54 14.17 -39.07 -21.35
CA ASN A 54 14.01 -40.24 -22.26
C ASN A 54 14.99 -40.25 -23.44
N TYR A 55 15.70 -39.15 -23.62
CA TYR A 55 16.74 -39.04 -24.65
C TYR A 55 18.13 -38.97 -24.04
N GLY A 56 18.22 -39.38 -22.77
CA GLY A 56 19.52 -39.57 -22.10
C GLY A 56 19.99 -38.46 -21.18
N ALA A 57 19.20 -37.40 -21.01
CA ALA A 57 19.59 -36.31 -20.10
C ALA A 57 19.56 -36.76 -18.65
N LYS A 58 20.61 -36.43 -17.90
CA LYS A 58 20.70 -36.85 -16.49
C LYS A 58 20.12 -35.84 -15.49
N GLY A 59 20.30 -34.54 -15.76
CA GLY A 59 19.86 -33.48 -14.85
C GLY A 59 20.57 -33.50 -13.51
N ASP A 60 21.83 -33.94 -13.50
CA ASP A 60 22.59 -34.07 -12.24
C ASP A 60 23.61 -32.95 -12.02
N GLY A 61 23.67 -32.01 -12.95
CA GLY A 61 24.56 -30.84 -12.87
C GLY A 61 26.03 -31.10 -13.19
N ASN A 62 26.38 -32.35 -13.47
CA ASN A 62 27.76 -32.72 -13.75
C ASN A 62 27.91 -33.32 -15.16
N THR A 63 27.00 -34.23 -15.49
CA THR A 63 26.95 -34.84 -16.82
C THR A 63 26.60 -33.76 -17.81
N ASP A 64 27.33 -33.73 -18.92
CA ASP A 64 27.02 -32.77 -19.97
C ASP A 64 25.78 -33.25 -20.73
N ASP A 65 24.68 -32.51 -20.56
CA ASP A 65 23.37 -32.95 -21.08
C ASP A 65 23.00 -32.31 -22.43
N THR A 66 23.92 -31.54 -23.02
CA THR A 66 23.66 -30.78 -24.25
C THR A 66 23.12 -31.71 -25.36
N ALA A 67 23.86 -32.79 -25.63
CA ALA A 67 23.48 -33.69 -26.72
C ALA A 67 22.12 -34.34 -26.52
N ALA A 68 21.87 -34.84 -25.30
CA ALA A 68 20.59 -35.48 -24.97
C ALA A 68 19.39 -34.53 -25.19
N ILE A 69 19.48 -33.31 -24.67
CA ILE A 69 18.46 -32.30 -24.93
C ILE A 69 18.27 -32.03 -26.42
N GLN A 70 19.37 -31.86 -27.16
CA GLN A 70 19.30 -31.62 -28.59
C GLN A 70 18.62 -32.75 -29.36
N ALA A 71 18.80 -34.00 -28.90
CA ALA A 71 18.08 -35.14 -29.51
C ALA A 71 16.59 -35.06 -29.26
N ALA A 72 16.22 -34.64 -28.05
CA ALA A 72 14.79 -34.44 -27.72
C ALA A 72 14.16 -33.39 -28.63
N ILE A 73 14.95 -32.36 -28.96
CA ILE A 73 14.56 -31.33 -29.90
C ILE A 73 14.52 -31.89 -31.34
N ASN A 74 15.59 -32.61 -31.72
CA ASN A 74 15.80 -32.95 -33.13
C ASN A 74 15.02 -34.17 -33.62
N ALA A 75 14.52 -34.98 -32.70
CA ALA A 75 13.94 -36.28 -33.09
C ALA A 75 12.82 -36.13 -34.12
N GLY A 76 12.79 -37.04 -35.08
CA GLY A 76 11.65 -37.17 -35.99
C GLY A 76 11.89 -36.63 -37.39
N GLY A 77 12.99 -35.93 -37.58
CA GLY A 77 13.31 -35.29 -38.84
C GLY A 77 12.52 -33.99 -38.93
N ARG A 78 13.13 -32.92 -38.42
CA ARG A 78 12.44 -31.64 -38.24
C ARG A 78 12.97 -30.55 -39.16
N CYS A 79 12.47 -29.33 -38.98
CA CYS A 79 12.75 -28.23 -39.87
C CYS A 79 14.02 -27.55 -39.43
N GLY A 80 15.15 -27.99 -39.99
CA GLY A 80 16.45 -27.42 -39.67
C GLY A 80 17.06 -26.72 -40.85
N GLN A 81 18.36 -26.92 -41.05
CA GLN A 81 19.06 -26.19 -42.11
C GLN A 81 18.46 -26.58 -43.45
N GLY A 82 18.24 -25.60 -44.31
CA GLY A 82 17.66 -25.89 -45.62
C GLY A 82 16.14 -25.86 -45.68
N CYS A 83 15.50 -25.75 -44.52
CA CYS A 83 14.02 -25.66 -44.46
C CYS A 83 13.61 -24.28 -43.93
N ASP A 84 12.68 -23.60 -44.62
CA ASP A 84 12.33 -22.21 -44.30
C ASP A 84 11.46 -22.07 -43.06
N SER A 85 10.62 -23.08 -42.85
CA SER A 85 9.49 -23.00 -41.91
C SER A 85 8.67 -24.27 -42.03
N THR A 86 7.85 -24.53 -41.03
CA THR A 86 6.95 -25.66 -41.05
C THR A 86 5.83 -25.48 -40.04
N THR A 87 4.73 -26.15 -40.30
CA THR A 87 3.72 -26.40 -39.26
C THR A 87 3.51 -27.90 -39.01
N THR A 88 4.30 -28.74 -39.69
CA THR A 88 4.05 -30.18 -39.70
C THR A 88 5.05 -30.98 -38.87
N GLN A 89 5.99 -30.28 -38.24
CA GLN A 89 7.06 -30.93 -37.47
C GLN A 89 7.17 -30.24 -36.10
N PRO A 90 6.11 -30.31 -35.27
CA PRO A 90 6.12 -29.69 -33.94
C PRO A 90 6.88 -30.50 -32.91
N ALA A 91 7.32 -29.84 -31.84
CA ALA A 91 7.94 -30.56 -30.75
C ALA A 91 7.68 -29.84 -29.46
N LEU A 92 7.20 -30.59 -28.46
CA LEU A 92 7.17 -30.10 -27.08
C LEU A 92 8.28 -30.84 -26.36
N VAL A 93 9.33 -30.10 -26.03
CA VAL A 93 10.50 -30.68 -25.39
C VAL A 93 10.39 -30.40 -23.87
N TYR A 94 10.22 -31.47 -23.10
CA TYR A 94 9.87 -31.36 -21.69
C TYR A 94 11.00 -31.68 -20.68
N PHE A 95 11.17 -30.81 -19.69
CA PHE A 95 12.28 -30.92 -18.75
C PHE A 95 11.77 -31.14 -17.34
N PRO A 96 11.86 -32.37 -16.83
CA PRO A 96 11.53 -32.59 -15.42
C PRO A 96 12.55 -31.84 -14.53
N PRO A 97 12.25 -31.73 -13.22
CA PRO A 97 13.22 -31.06 -12.36
C PRO A 97 14.63 -31.64 -12.43
N GLY A 98 15.63 -30.78 -12.25
CA GLY A 98 17.01 -31.19 -12.30
C GLY A 98 17.86 -30.04 -12.77
N THR A 99 19.18 -30.24 -12.75
CA THR A 99 20.11 -29.23 -13.19
C THR A 99 20.84 -29.79 -14.41
N TYR A 100 20.59 -29.18 -15.56
CA TYR A 100 21.07 -29.68 -16.84
C TYR A 100 22.30 -28.88 -17.29
N LYS A 101 23.46 -29.49 -17.19
CA LYS A 101 24.70 -28.84 -17.62
C LYS A 101 24.83 -28.85 -19.15
N VAL A 102 25.01 -27.66 -19.72
CA VAL A 102 25.08 -27.50 -21.17
C VAL A 102 26.34 -26.71 -21.54
N SER A 103 27.00 -27.11 -22.63
CA SER A 103 28.29 -26.53 -23.00
C SER A 103 28.33 -25.89 -24.38
N SER A 104 27.25 -26.02 -25.14
CA SER A 104 27.08 -25.36 -26.44
C SER A 104 25.58 -25.07 -26.66
N PRO A 105 25.23 -24.24 -27.65
CA PRO A 105 23.83 -23.82 -27.72
C PRO A 105 22.82 -24.92 -28.00
N LEU A 106 21.67 -24.82 -27.32
CA LEU A 106 20.51 -25.65 -27.58
C LEU A 106 19.80 -24.96 -28.72
N VAL A 107 19.75 -25.62 -29.87
CA VAL A 107 19.15 -24.99 -31.05
C VAL A 107 17.68 -25.34 -31.04
N VAL A 108 16.85 -24.31 -30.86
CA VAL A 108 15.40 -24.50 -30.77
C VAL A 108 14.81 -24.32 -32.18
N LEU A 109 14.60 -25.45 -32.83
CA LEU A 109 14.18 -25.48 -34.23
C LEU A 109 12.79 -24.87 -34.39
N TYR A 110 12.46 -24.49 -35.63
CA TYR A 110 11.11 -24.05 -35.97
C TYR A 110 10.03 -24.94 -35.33
N GLN A 111 9.04 -24.29 -34.73
CA GLN A 111 7.87 -24.99 -34.16
C GLN A 111 8.20 -25.88 -32.95
N THR A 112 9.08 -25.35 -32.08
CA THR A 112 9.49 -26.03 -30.86
C THR A 112 9.13 -25.22 -29.63
N GLN A 113 8.69 -25.91 -28.58
CA GLN A 113 8.54 -25.31 -27.27
C GLN A 113 9.43 -26.07 -26.31
N LEU A 114 10.19 -25.35 -25.50
CA LEU A 114 10.91 -25.94 -24.37
C LEU A 114 10.11 -25.60 -23.12
N ILE A 115 9.71 -26.63 -22.40
CA ILE A 115 8.85 -26.43 -21.21
C ILE A 115 9.42 -27.19 -20.03
N GLY A 116 9.62 -26.48 -18.91
CA GLY A 116 10.10 -27.14 -17.71
C GLY A 116 8.95 -27.41 -16.73
N ASP A 117 9.20 -28.32 -15.80
CA ASP A 117 8.31 -28.52 -14.65
C ASP A 117 8.03 -27.16 -13.96
N ALA A 118 6.75 -26.79 -13.90
CA ALA A 118 6.37 -25.47 -13.35
C ALA A 118 6.33 -25.42 -11.83
N LYS A 119 6.39 -26.58 -11.19
CA LYS A 119 6.40 -26.67 -9.71
C LYS A 119 7.80 -26.54 -9.13
N ASN A 120 8.77 -27.13 -9.83
CA ASN A 120 10.15 -27.07 -9.43
C ASN A 120 10.98 -26.83 -10.67
N LEU A 121 11.22 -25.56 -10.96
CA LEU A 121 11.81 -25.15 -12.23
C LEU A 121 13.13 -25.85 -12.46
N PRO A 122 13.30 -26.52 -13.60
CA PRO A 122 14.62 -27.07 -13.91
C PRO A 122 15.63 -25.94 -14.19
N THR A 123 16.92 -26.21 -13.94
CA THR A 123 17.94 -25.24 -14.23
C THR A 123 18.74 -25.63 -15.50
N LEU A 124 18.90 -24.70 -16.43
CA LEU A 124 19.85 -24.88 -17.51
C LEU A 124 21.15 -24.21 -17.04
N LEU A 125 22.16 -25.03 -16.81
CA LEU A 125 23.42 -24.57 -16.22
C LEU A 125 24.52 -24.51 -17.27
N ALA A 126 24.98 -23.29 -17.56
CA ALA A 126 26.10 -23.08 -18.47
C ALA A 126 27.37 -23.68 -17.85
N ALA A 127 27.96 -24.64 -18.56
CA ALA A 127 29.28 -25.14 -18.20
C ALA A 127 30.33 -24.01 -18.17
N PRO A 128 31.36 -24.11 -17.29
CA PRO A 128 32.39 -23.05 -17.24
C PRO A 128 33.02 -22.79 -18.61
N ASN A 129 33.07 -23.83 -19.45
CA ASN A 129 33.65 -23.71 -20.80
C ASN A 129 32.60 -23.57 -21.90
N PHE A 130 31.41 -23.08 -21.55
CA PHE A 130 30.39 -22.86 -22.55
C PHE A 130 30.92 -22.02 -23.72
N SER A 131 30.59 -22.44 -24.93
CA SER A 131 30.95 -21.72 -26.13
C SER A 131 29.73 -21.64 -27.07
N GLY A 132 29.47 -20.45 -27.62
CA GLY A 132 28.40 -20.26 -28.59
C GLY A 132 27.58 -19.01 -28.30
N ILE A 133 26.68 -18.66 -29.22
CA ILE A 133 25.98 -17.39 -29.16
C ILE A 133 25.16 -17.18 -27.85
N ALA A 134 24.55 -18.27 -27.37
CA ALA A 134 23.66 -18.23 -26.21
C ALA A 134 23.33 -19.66 -25.83
N LEU A 135 22.87 -19.86 -24.60
CA LEU A 135 22.50 -21.21 -24.15
C LEU A 135 21.34 -21.77 -24.99
N ILE A 136 20.39 -20.91 -25.33
CA ILE A 136 19.26 -21.27 -26.23
C ILE A 136 19.35 -20.40 -27.49
N ASP A 137 19.28 -21.05 -28.66
CA ASP A 137 19.47 -20.34 -29.92
C ASP A 137 18.29 -20.60 -30.84
N ALA A 138 17.47 -19.57 -31.08
CA ALA A 138 16.27 -19.71 -31.93
C ALA A 138 16.52 -19.46 -33.41
N ASP A 139 17.74 -19.06 -33.78
CA ASP A 139 18.07 -18.86 -35.20
C ASP A 139 19.58 -18.88 -35.43
N PRO A 140 20.16 -20.09 -35.52
CA PRO A 140 21.62 -20.18 -35.67
C PRO A 140 22.19 -19.47 -36.88
N TYR A 141 23.37 -18.89 -36.70
CA TYR A 141 24.17 -18.35 -37.78
C TYR A 141 25.08 -19.44 -38.36
N LEU A 142 25.26 -19.39 -39.68
CA LEU A 142 26.10 -20.33 -40.39
C LEU A 142 27.23 -19.59 -41.12
N ALA A 143 28.07 -20.36 -41.81
CA ALA A 143 29.19 -19.80 -42.58
C ALA A 143 28.74 -18.66 -43.49
N GLY A 144 29.51 -17.57 -43.44
CA GLY A 144 29.25 -16.40 -44.26
C GLY A 144 28.04 -15.61 -43.77
N GLY A 145 27.59 -15.90 -42.56
CA GLY A 145 26.48 -15.17 -41.94
C GLY A 145 25.10 -15.45 -42.52
N ALA A 146 24.94 -16.60 -43.17
CA ALA A 146 23.61 -17.11 -43.51
C ALA A 146 23.02 -17.61 -42.19
N GLN A 147 21.70 -17.80 -42.14
CA GLN A 147 21.06 -18.33 -40.93
C GLN A 147 20.09 -19.44 -41.28
N TYR A 148 19.70 -20.23 -40.28
CA TYR A 148 18.64 -21.22 -40.47
C TYR A 148 17.35 -20.62 -41.05
N TYR A 149 16.89 -19.52 -40.44
CA TYR A 149 15.56 -18.96 -40.75
C TYR A 149 15.63 -17.44 -41.00
N VAL A 150 14.75 -16.95 -41.86
CA VAL A 150 14.63 -15.52 -42.08
C VAL A 150 14.00 -14.94 -40.80
N ASN A 151 14.65 -13.95 -40.19
CA ASN A 151 14.18 -13.47 -38.88
C ASN A 151 12.71 -13.03 -38.85
N GLN A 152 12.26 -12.39 -39.92
CA GLN A 152 10.86 -11.90 -40.03
C GLN A 152 9.84 -13.02 -40.18
N ASN A 153 10.34 -14.23 -40.43
CA ASN A 153 9.49 -15.43 -40.57
C ASN A 153 9.74 -16.47 -39.48
N ASN A 154 10.40 -16.04 -38.41
CA ASN A 154 10.82 -16.98 -37.39
C ASN A 154 9.73 -17.09 -36.31
N PHE A 155 8.68 -17.84 -36.63
CA PHE A 155 7.45 -17.91 -35.83
C PHE A 155 7.45 -19.19 -34.98
N PHE A 156 6.49 -19.32 -34.07
CA PHE A 156 6.21 -20.62 -33.40
C PHE A 156 7.38 -21.12 -32.56
N ARG A 157 7.62 -20.43 -31.45
CA ARG A 157 8.74 -20.79 -30.57
C ARG A 157 8.34 -20.36 -29.17
N SER A 158 8.53 -21.22 -28.18
CA SER A 158 8.30 -20.81 -26.77
C SER A 158 9.35 -21.43 -25.86
N VAL A 159 9.67 -20.72 -24.78
CA VAL A 159 10.50 -21.27 -23.70
C VAL A 159 9.79 -20.88 -22.41
N ARG A 160 9.53 -21.87 -21.54
CA ARG A 160 8.69 -21.68 -20.34
C ARG A 160 9.24 -22.46 -19.13
N ASN A 161 9.33 -21.80 -17.97
CA ASN A 161 9.61 -22.46 -16.69
C ASN A 161 11.04 -22.99 -16.59
N PHE A 162 12.01 -22.08 -16.58
CA PHE A 162 13.41 -22.44 -16.36
C PHE A 162 14.11 -21.43 -15.48
N VAL A 163 15.14 -21.89 -14.78
CA VAL A 163 16.21 -21.03 -14.33
C VAL A 163 17.34 -21.19 -15.34
N ILE A 164 17.84 -20.09 -15.88
CA ILE A 164 18.98 -20.12 -16.79
C ILE A 164 20.14 -19.51 -16.03
N ASP A 165 21.14 -20.35 -15.71
CA ASP A 165 22.24 -19.96 -14.81
C ASP A 165 23.59 -19.82 -15.56
N LEU A 166 24.07 -18.59 -15.71
CA LEU A 166 25.32 -18.28 -16.41
C LEU A 166 26.53 -18.09 -15.48
N ARG A 167 26.30 -18.21 -14.17
CA ARG A 167 27.28 -17.77 -13.18
C ARG A 167 28.62 -18.52 -13.17
N GLN A 168 28.70 -19.68 -13.84
CA GLN A 168 29.96 -20.44 -13.92
C GLN A 168 30.83 -20.02 -15.07
N VAL A 169 30.32 -19.14 -15.93
CA VAL A 169 31.06 -18.73 -17.11
C VAL A 169 31.87 -17.48 -16.79
N SER A 170 33.20 -17.58 -16.86
CA SER A 170 34.03 -16.43 -16.48
C SER A 170 34.05 -15.29 -17.52
N GLY A 171 33.88 -15.63 -18.79
CA GLY A 171 33.83 -14.64 -19.87
C GLY A 171 32.42 -14.27 -20.25
N SER A 172 32.24 -13.84 -21.50
CA SER A 172 30.89 -13.48 -21.98
C SER A 172 29.99 -14.71 -22.04
N ALA A 173 28.71 -14.50 -21.78
CA ALA A 173 27.71 -15.56 -21.86
C ALA A 173 26.36 -14.93 -22.02
N THR A 174 25.48 -15.57 -22.79
CA THR A 174 24.14 -15.07 -23.05
C THR A 174 23.14 -16.20 -22.83
N GLY A 175 21.99 -15.89 -22.22
CA GLY A 175 21.00 -16.93 -21.92
C GLY A 175 20.24 -17.38 -23.14
N ILE A 176 19.66 -16.43 -23.88
CA ILE A 176 18.78 -16.74 -25.03
C ILE A 176 19.03 -15.82 -26.21
N HIS A 177 19.30 -16.42 -27.36
CA HIS A 177 19.35 -15.68 -28.62
C HIS A 177 17.91 -15.73 -29.16
N TRP A 178 17.13 -14.69 -28.83
CA TRP A 178 15.69 -14.70 -29.07
C TRP A 178 15.36 -13.86 -30.32
N GLN A 179 15.94 -14.25 -31.44
CA GLN A 179 15.76 -13.55 -32.70
C GLN A 179 14.50 -14.08 -33.36
N VAL A 180 13.37 -13.49 -33.00
CA VAL A 180 12.07 -14.12 -33.33
C VAL A 180 11.03 -13.12 -33.79
N SER A 181 9.95 -13.65 -34.36
CA SER A 181 8.83 -12.86 -34.80
C SER A 181 7.53 -13.26 -34.08
N GLN A 182 6.39 -13.29 -34.79
CA GLN A 182 5.09 -13.47 -34.13
C GLN A 182 4.83 -14.92 -33.67
N ALA A 183 3.81 -15.12 -32.85
CA ALA A 183 3.51 -16.44 -32.27
C ALA A 183 4.72 -17.06 -31.54
N THR A 184 5.40 -16.23 -30.74
CA THR A 184 6.49 -16.72 -29.90
C THR A 184 6.22 -16.21 -28.49
N SER A 185 6.80 -16.88 -27.50
CA SER A 185 6.72 -16.36 -26.13
C SER A 185 7.86 -16.87 -25.27
N LEU A 186 8.26 -16.02 -24.31
CA LEU A 186 9.06 -16.47 -23.18
C LEU A 186 8.16 -16.25 -21.98
N ILE A 187 8.08 -17.26 -21.11
CA ILE A 187 7.22 -17.23 -19.92
C ILE A 187 7.93 -17.82 -18.72
N ASN A 188 7.96 -17.10 -17.60
CA ASN A 188 8.37 -17.69 -16.31
C ASN A 188 9.80 -18.22 -16.35
N ILE A 189 10.74 -17.34 -16.64
CA ILE A 189 12.14 -17.70 -16.65
C ILE A 189 12.89 -16.79 -15.67
N VAL A 190 13.78 -17.39 -14.90
CA VAL A 190 14.68 -16.62 -14.03
C VAL A 190 16.08 -16.71 -14.60
N PHE A 191 16.69 -15.56 -14.89
CA PHE A 191 18.09 -15.53 -15.35
C PHE A 191 18.99 -15.21 -14.16
N GLN A 192 20.00 -16.05 -13.93
CA GLN A 192 20.96 -15.85 -12.82
C GLN A 192 22.32 -15.56 -13.44
N MET A 193 22.82 -14.35 -13.19
CA MET A 193 24.02 -13.91 -13.87
C MET A 193 25.00 -13.32 -12.85
N SER A 194 26.25 -13.21 -13.26
CA SER A 194 27.29 -12.67 -12.39
C SER A 194 27.06 -11.20 -12.09
N THR A 195 27.46 -10.78 -10.88
CA THR A 195 27.47 -9.34 -10.53
C THR A 195 28.91 -8.83 -10.39
N ALA A 196 29.88 -9.65 -10.77
CA ALA A 196 31.28 -9.26 -10.71
C ALA A 196 31.57 -8.07 -11.61
N ALA A 197 32.38 -7.12 -11.14
CA ALA A 197 32.84 -5.99 -11.95
C ALA A 197 33.41 -6.48 -13.26
N GLY A 198 32.90 -5.91 -14.35
CA GLY A 198 33.43 -6.19 -15.67
C GLY A 198 32.88 -7.45 -16.32
N ASN A 199 31.92 -8.11 -15.67
CA ASN A 199 31.32 -9.31 -16.24
C ASN A 199 30.66 -8.99 -17.56
N GLN A 200 30.55 -9.99 -18.42
CA GLN A 200 29.96 -9.82 -19.75
C GLN A 200 28.79 -10.76 -19.92
N HIS A 201 27.99 -10.91 -18.86
CA HIS A 201 26.77 -11.73 -18.94
C HIS A 201 25.59 -10.92 -19.43
N GLN A 202 24.70 -11.59 -20.16
CA GLN A 202 23.58 -10.93 -20.86
C GLN A 202 22.44 -11.94 -20.85
N GLY A 203 21.25 -11.53 -20.38
CA GLY A 203 20.15 -12.48 -20.27
C GLY A 203 19.63 -12.91 -21.64
N ILE A 204 19.23 -11.92 -22.43
CA ILE A 204 18.65 -12.13 -23.76
C ILE A 204 19.44 -11.31 -24.76
N PHE A 205 19.68 -11.88 -25.94
CA PHE A 205 20.20 -11.13 -27.10
C PHE A 205 19.23 -11.28 -28.26
N MET A 206 18.59 -10.18 -28.65
CA MET A 206 17.69 -10.13 -29.81
C MET A 206 18.15 -9.01 -30.72
N GLU A 207 18.53 -9.34 -31.96
CA GLU A 207 19.16 -8.35 -32.83
C GLU A 207 18.22 -7.76 -33.88
N ASN A 208 17.19 -8.54 -34.24
CA ASN A 208 16.16 -8.08 -35.18
C ASN A 208 14.95 -9.03 -35.13
N GLY A 209 13.97 -8.80 -35.99
CA GLY A 209 12.74 -9.59 -36.02
C GLY A 209 11.48 -8.74 -36.06
N SER A 210 10.33 -9.43 -35.99
CA SER A 210 9.01 -8.79 -36.09
C SER A 210 8.13 -9.45 -35.02
N GLY A 211 8.30 -9.04 -33.76
CA GLY A 211 7.62 -9.73 -32.65
C GLY A 211 6.16 -9.31 -32.52
N GLY A 212 5.45 -9.82 -31.52
CA GLY A 212 6.01 -10.72 -30.53
C GLY A 212 5.54 -10.33 -29.14
N PHE A 213 5.43 -11.33 -28.29
CA PHE A 213 5.12 -11.08 -26.88
C PHE A 213 6.08 -11.85 -25.98
N LEU A 214 6.55 -11.23 -24.90
CA LEU A 214 7.20 -11.99 -23.85
C LEU A 214 6.89 -11.42 -22.47
N GLY A 215 6.95 -12.27 -21.44
CA GLY A 215 6.58 -11.84 -20.10
C GLY A 215 6.91 -12.75 -18.94
N ASP A 216 6.74 -12.20 -17.74
CA ASP A 216 6.90 -12.96 -16.52
C ASP A 216 8.32 -13.49 -16.40
N LEU A 217 9.28 -12.59 -16.50
CA LEU A 217 10.69 -12.97 -16.39
C LEU A 217 11.35 -12.20 -15.25
N VAL A 218 12.40 -12.80 -14.70
CA VAL A 218 13.18 -12.18 -13.63
C VAL A 218 14.64 -12.29 -14.01
N PHE A 219 15.34 -11.16 -14.01
CA PHE A 219 16.77 -11.13 -14.33
C PHE A 219 17.55 -10.72 -13.09
N ASN A 220 18.51 -11.54 -12.67
CA ASN A 220 19.33 -11.29 -11.48
C ASN A 220 20.78 -11.12 -11.90
N GLY A 221 21.30 -9.89 -11.76
CA GLY A 221 22.68 -9.62 -12.13
C GLY A 221 22.93 -9.37 -13.60
N GLY A 222 24.18 -9.53 -14.00
CA GLY A 222 24.60 -9.37 -15.38
C GLY A 222 24.91 -7.96 -15.82
N ASN A 223 25.77 -7.85 -16.83
CA ASN A 223 26.07 -6.59 -17.44
C ASN A 223 24.83 -6.00 -18.13
N ILE A 224 24.08 -6.85 -18.84
CA ILE A 224 22.87 -6.41 -19.55
C ILE A 224 21.79 -7.45 -19.28
N GLY A 225 20.61 -7.01 -18.85
CA GLY A 225 19.48 -7.94 -18.67
C GLY A 225 19.02 -8.45 -20.02
N ALA A 226 18.68 -7.53 -20.91
CA ALA A 226 18.21 -7.89 -22.23
C ALA A 226 18.71 -6.88 -23.25
N THR A 227 19.30 -7.37 -24.33
CA THR A 227 19.56 -6.54 -25.50
C THR A 227 18.41 -6.81 -26.47
N PHE A 228 17.70 -5.74 -26.84
CA PHE A 228 16.52 -5.85 -27.70
C PHE A 228 16.64 -5.00 -28.97
N GLY A 229 16.45 -5.66 -30.12
CA GLY A 229 16.43 -5.02 -31.40
C GLY A 229 15.39 -5.78 -32.23
N ASN A 230 14.31 -5.12 -32.60
CA ASN A 230 13.19 -5.78 -33.27
C ASN A 230 12.20 -4.71 -33.68
N GLN A 231 11.51 -4.91 -34.80
CA GLN A 231 10.47 -3.94 -35.24
C GLN A 231 9.54 -3.54 -34.09
N GLN A 232 8.96 -4.54 -33.43
CA GLN A 232 7.98 -4.26 -32.37
C GLN A 232 7.83 -5.47 -31.46
N PHE A 233 7.43 -5.23 -30.21
CA PHE A 233 7.22 -6.32 -29.27
C PHE A 233 6.38 -5.72 -28.15
N THR A 234 5.69 -6.59 -27.43
CA THR A 234 5.05 -6.23 -26.16
C THR A 234 5.68 -7.09 -25.07
N VAL A 235 6.07 -6.45 -23.98
CA VAL A 235 6.75 -7.08 -22.88
C VAL A 235 5.96 -6.75 -21.61
N ARG A 236 5.61 -7.77 -20.83
CA ARG A 236 4.81 -7.56 -19.61
C ARG A 236 5.46 -8.27 -18.42
N ASN A 237 5.56 -7.56 -17.29
CA ASN A 237 6.05 -8.17 -16.06
C ASN A 237 7.46 -8.73 -16.15
N LEU A 238 8.41 -7.85 -16.47
CA LEU A 238 9.81 -8.19 -16.38
C LEU A 238 10.39 -7.47 -15.19
N THR A 239 11.22 -8.19 -14.43
CA THR A 239 11.88 -7.61 -13.24
C THR A 239 13.38 -7.72 -13.41
N PHE A 240 14.12 -6.63 -13.18
CA PHE A 240 15.57 -6.65 -13.32
C PHE A 240 16.17 -6.23 -11.98
N ASN A 241 17.05 -7.07 -11.45
CA ASN A 241 17.72 -6.83 -10.15
C ASN A 241 19.23 -6.78 -10.37
N ASN A 242 19.87 -5.70 -9.92
CA ASN A 242 21.33 -5.61 -9.89
C ASN A 242 22.04 -5.80 -11.23
N ALA A 243 21.41 -5.35 -12.32
CA ALA A 243 22.07 -5.32 -13.62
C ALA A 243 22.85 -4.03 -13.75
N ASN A 244 23.86 -4.02 -14.61
CA ASN A 244 24.47 -2.77 -14.99
C ASN A 244 23.44 -1.99 -15.83
N THR A 245 23.03 -2.56 -16.96
CA THR A 245 21.95 -1.99 -17.77
C THR A 245 20.83 -3.03 -17.84
N ALA A 246 19.62 -2.66 -17.42
CA ALA A 246 18.51 -3.61 -17.47
C ALA A 246 18.18 -3.96 -18.92
N ILE A 247 17.92 -2.95 -19.74
CA ILE A 247 17.45 -3.12 -21.13
C ILE A 247 18.29 -2.26 -22.05
N ASN A 248 18.99 -2.92 -22.95
CA ASN A 248 19.84 -2.26 -23.95
C ASN A 248 19.03 -2.31 -25.25
N ALA A 249 18.33 -1.23 -25.56
CA ALA A 249 17.45 -1.21 -26.74
C ALA A 249 18.23 -0.60 -27.87
N ILE A 250 18.58 -1.43 -28.85
CA ILE A 250 19.48 -1.02 -29.93
C ILE A 250 18.74 -0.45 -31.14
N TRP A 251 17.56 -0.99 -31.41
CA TRP A 251 16.69 -0.40 -32.43
C TRP A 251 15.26 -0.95 -32.33
N ASN A 252 14.32 -0.15 -32.80
CA ASN A 252 12.97 -0.61 -33.03
C ASN A 252 12.21 0.35 -33.91
N TRP A 253 10.99 -0.03 -34.27
CA TRP A 253 10.02 0.93 -34.78
C TRP A 253 9.14 1.37 -33.62
N GLY A 254 8.74 0.42 -32.78
CA GLY A 254 8.04 0.79 -31.52
C GLY A 254 7.69 -0.42 -30.68
N TRP A 255 7.89 -0.31 -29.36
CA TRP A 255 7.53 -1.38 -28.42
C TRP A 255 6.62 -0.82 -27.33
N THR A 256 5.93 -1.74 -26.64
CA THR A 256 5.20 -1.40 -25.41
C THR A 256 5.72 -2.27 -24.28
N PHE A 257 6.08 -1.61 -23.17
CA PHE A 257 6.57 -2.28 -21.96
C PHE A 257 5.55 -2.05 -20.84
N GLN A 258 5.04 -3.13 -20.26
CA GLN A 258 3.98 -3.03 -19.26
C GLN A 258 4.42 -3.74 -17.97
N ARG A 259 4.28 -3.06 -16.82
CA ARG A 259 4.55 -3.69 -15.52
C ARG A 259 6.02 -4.09 -15.42
N ILE A 260 6.91 -3.12 -15.59
CA ILE A 260 8.35 -3.37 -15.49
C ILE A 260 8.83 -2.93 -14.11
N THR A 261 9.70 -3.75 -13.52
CA THR A 261 10.27 -3.45 -12.20
C THR A 261 11.78 -3.48 -12.36
N ILE A 262 12.44 -2.42 -11.91
CA ILE A 262 13.89 -2.29 -12.07
C ILE A 262 14.44 -1.90 -10.71
N ASN A 263 15.29 -2.74 -10.14
CA ASN A 263 15.87 -2.56 -8.81
C ASN A 263 17.39 -2.56 -8.84
N ASN A 264 18.00 -1.52 -8.27
CA ASN A 264 19.45 -1.49 -8.06
C ASN A 264 20.29 -1.65 -9.34
N CYS A 265 19.87 -0.97 -10.40
CA CYS A 265 20.60 -1.01 -11.66
C CYS A 265 21.29 0.33 -11.90
N GLN A 266 22.30 0.36 -12.78
CA GLN A 266 22.88 1.66 -13.16
C GLN A 266 21.98 2.41 -14.11
N VAL A 267 21.47 1.72 -15.14
CA VAL A 267 20.56 2.30 -16.14
C VAL A 267 19.42 1.31 -16.31
N GLY A 268 18.18 1.82 -16.38
CA GLY A 268 17.00 0.98 -16.63
C GLY A 268 16.90 0.70 -18.12
N PHE A 269 16.41 1.66 -18.88
CA PHE A 269 16.33 1.56 -20.34
C PHE A 269 17.44 2.39 -20.96
N ASP A 270 18.41 1.73 -21.60
CA ASP A 270 19.42 2.41 -22.40
C ASP A 270 18.96 2.40 -23.85
N LEU A 271 18.46 3.53 -24.35
CA LEU A 271 17.85 3.63 -25.67
C LEU A 271 18.81 4.26 -26.67
N THR A 272 19.04 3.56 -27.78
CA THR A 272 19.90 4.09 -28.85
C THR A 272 19.07 5.02 -29.72
N GLN A 273 19.54 6.27 -29.86
CA GLN A 273 18.88 7.21 -30.75
C GLN A 273 19.44 7.01 -32.13
N GLY A 274 18.58 6.94 -33.14
CA GLY A 274 19.02 6.88 -34.53
C GLY A 274 18.69 8.17 -35.26
N GLY A 275 18.71 8.10 -36.59
CA GLY A 275 18.37 9.25 -37.43
C GLY A 275 16.89 9.28 -37.72
N THR A 276 16.44 10.33 -38.40
CA THR A 276 15.02 10.46 -38.76
C THR A 276 14.70 10.03 -40.20
N SER A 277 15.75 9.85 -41.01
CA SER A 277 15.55 9.48 -42.42
C SER A 277 15.33 7.97 -42.59
N ASN A 278 14.49 7.59 -43.55
CA ASN A 278 14.30 6.18 -43.85
C ASN A 278 15.46 5.53 -44.62
N THR A 279 16.47 6.33 -44.96
CA THR A 279 17.67 5.80 -45.60
C THR A 279 18.87 5.87 -44.66
N GLY A 280 18.66 6.42 -43.47
CA GLY A 280 19.72 6.61 -42.49
C GLY A 280 19.85 5.50 -41.46
N ALA A 281 20.59 5.79 -40.39
CA ALA A 281 20.84 4.82 -39.34
C ALA A 281 19.52 4.64 -38.57
N GLN A 282 19.13 3.38 -38.32
CA GLN A 282 17.94 3.11 -37.51
C GLN A 282 18.28 2.93 -36.03
N GLY A 283 17.63 3.69 -35.17
CA GLY A 283 17.76 3.47 -33.75
C GLY A 283 16.42 3.04 -33.18
N VAL A 284 16.21 3.37 -31.91
CA VAL A 284 14.93 3.13 -31.23
C VAL A 284 13.97 4.24 -31.69
N GLY A 285 12.96 3.85 -32.46
CA GLY A 285 11.94 4.78 -32.86
C GLY A 285 11.05 5.20 -31.71
N ALA A 286 10.58 4.25 -30.90
CA ALA A 286 9.53 4.58 -29.93
C ALA A 286 9.44 3.58 -28.81
N GLU A 287 9.33 4.08 -27.58
CA GLU A 287 9.02 3.21 -26.47
C GLU A 287 7.83 3.81 -25.76
N ALA A 288 6.91 2.93 -25.38
CA ALA A 288 5.74 3.31 -24.59
C ALA A 288 5.84 2.46 -23.33
N ILE A 289 5.98 3.10 -22.15
CA ILE A 289 6.18 2.39 -20.91
C ILE A 289 5.06 2.69 -19.91
N ILE A 290 4.37 1.65 -19.44
CA ILE A 290 3.18 1.82 -18.58
C ILE A 290 3.30 0.94 -17.34
N ASP A 291 2.99 1.53 -16.16
CA ASP A 291 3.06 0.83 -14.87
C ASP A 291 4.46 0.31 -14.59
N ALA A 292 5.39 1.19 -14.25
CA ALA A 292 6.74 0.74 -13.93
C ALA A 292 7.07 1.10 -12.48
N VAL A 293 7.91 0.28 -11.87
CA VAL A 293 8.40 0.60 -10.52
C VAL A 293 9.91 0.52 -10.59
N VAL A 294 10.59 1.63 -10.27
CA VAL A 294 12.04 1.71 -10.41
C VAL A 294 12.60 2.15 -9.06
N THR A 295 13.61 1.43 -8.57
CA THR A 295 14.16 1.71 -7.24
C THR A 295 15.67 1.70 -7.23
N ASN A 296 16.26 2.66 -6.53
CA ASN A 296 17.72 2.70 -6.33
C ASN A 296 18.49 2.46 -7.62
N THR A 297 18.12 3.21 -8.65
CA THR A 297 18.70 3.07 -9.96
C THR A 297 19.14 4.46 -10.39
N GLN A 298 20.33 4.60 -10.97
CA GLN A 298 20.84 5.94 -11.24
C GLN A 298 20.04 6.69 -12.32
N THR A 299 19.74 6.02 -13.44
CA THR A 299 18.95 6.62 -14.51
C THR A 299 17.88 5.62 -14.96
N PHE A 300 16.63 6.04 -14.94
CA PHE A 300 15.54 5.19 -15.42
C PHE A 300 15.59 5.01 -16.95
N VAL A 301 15.47 6.10 -17.71
CA VAL A 301 15.58 6.04 -19.17
C VAL A 301 16.71 6.94 -19.66
N ARG A 302 17.64 6.36 -20.42
CA ARG A 302 18.77 7.11 -20.94
C ARG A 302 18.75 7.04 -22.47
N TRP A 303 18.68 8.19 -23.12
CA TRP A 303 18.79 8.25 -24.58
C TRP A 303 20.25 8.47 -24.92
N SER A 304 20.71 7.88 -26.03
CA SER A 304 22.12 7.94 -26.42
C SER A 304 22.51 9.32 -26.97
N GLY A 305 21.53 10.08 -27.43
CA GLY A 305 21.74 11.45 -27.88
C GLY A 305 20.54 12.31 -27.54
N ALA A 306 20.71 13.63 -27.68
CA ALA A 306 19.69 14.59 -27.29
C ALA A 306 18.71 14.84 -28.42
N SER A 307 17.53 15.34 -28.08
CA SER A 307 16.57 15.77 -29.08
C SER A 307 16.54 17.30 -29.07
N SER A 308 16.57 17.88 -30.27
CA SER A 308 16.71 19.32 -30.44
C SER A 308 15.46 19.91 -31.10
N GLY A 309 14.36 19.95 -30.34
CA GLY A 309 13.18 20.65 -30.80
C GLY A 309 12.41 20.00 -31.95
N HIS A 310 12.81 18.78 -32.33
CA HIS A 310 12.02 17.96 -33.24
C HIS A 310 12.12 16.49 -32.83
N LEU A 311 11.14 15.71 -33.27
CA LEU A 311 11.13 14.27 -32.99
C LEU A 311 12.37 13.55 -33.51
N GLN A 312 12.97 12.75 -32.65
CA GLN A 312 14.05 11.87 -33.03
C GLN A 312 14.15 10.84 -31.93
N GLY A 313 13.18 9.91 -31.93
CA GLY A 313 13.03 8.91 -30.88
C GLY A 313 11.93 9.35 -29.92
N SER A 314 10.86 8.58 -29.88
CA SER A 314 9.67 8.90 -29.09
C SER A 314 9.70 8.16 -27.76
N LEU A 315 9.17 8.80 -26.73
CA LEU A 315 8.99 8.15 -25.41
C LEU A 315 7.65 8.57 -24.78
N VAL A 316 6.88 7.59 -24.30
CA VAL A 316 5.66 7.90 -23.52
C VAL A 316 5.76 7.13 -22.24
N LEU A 317 5.61 7.84 -21.11
CA LEU A 317 5.70 7.25 -19.79
C LEU A 317 4.35 7.42 -19.12
N ASN A 318 3.83 6.34 -18.54
CA ASN A 318 2.54 6.40 -17.84
C ASN A 318 2.59 5.60 -16.52
N ASN A 319 2.36 6.30 -15.41
CA ASN A 319 2.34 5.69 -14.08
C ASN A 319 3.65 5.04 -13.70
N ILE A 320 4.70 5.86 -13.62
CA ILE A 320 6.03 5.37 -13.28
C ILE A 320 6.35 5.75 -11.82
N GLN A 321 6.56 4.75 -10.98
CA GLN A 321 6.87 5.01 -9.57
C GLN A 321 8.35 4.91 -9.38
N LEU A 322 8.98 6.03 -9.02
CA LEU A 322 10.42 6.07 -8.80
C LEU A 322 10.69 6.21 -7.32
N THR A 323 11.67 5.45 -6.83
CA THR A 323 12.17 5.62 -5.46
C THR A 323 13.69 5.68 -5.52
N ASN A 324 14.25 6.82 -5.11
CA ASN A 324 15.69 7.08 -5.16
C ASN A 324 16.27 6.79 -6.56
N VAL A 325 15.70 7.44 -7.57
CA VAL A 325 16.17 7.33 -8.96
C VAL A 325 16.48 8.75 -9.43
N PRO A 326 17.76 9.17 -9.29
CA PRO A 326 18.11 10.58 -9.50
C PRO A 326 17.67 11.18 -10.82
N VAL A 327 17.83 10.42 -11.91
CA VAL A 327 17.49 10.89 -13.24
C VAL A 327 16.37 10.05 -13.85
N ALA A 328 15.17 10.63 -14.01
CA ALA A 328 14.07 9.91 -14.67
C ALA A 328 14.34 9.69 -16.16
N VAL A 329 14.64 10.77 -16.89
CA VAL A 329 14.99 10.70 -18.31
C VAL A 329 16.24 11.54 -18.50
N GLY A 330 17.26 10.91 -19.07
CA GLY A 330 18.55 11.59 -19.27
C GLY A 330 19.17 11.25 -20.61
N VAL A 331 20.20 12.01 -20.95
CA VAL A 331 20.95 11.77 -22.18
C VAL A 331 22.33 11.27 -21.75
N LYS A 332 22.82 10.23 -22.42
CA LYS A 332 24.12 9.65 -22.12
C LYS A 332 25.21 10.67 -22.36
N GLY A 333 25.97 10.98 -21.32
CA GLY A 333 27.00 12.03 -21.38
C GLY A 333 26.42 13.38 -21.73
N GLY A 334 25.21 13.63 -21.26
CA GLY A 334 24.49 14.85 -21.61
C GLY A 334 23.57 15.24 -20.47
N PRO A 335 22.66 16.19 -20.73
CA PRO A 335 21.81 16.73 -19.68
C PRO A 335 20.70 15.79 -19.20
N THR A 336 20.25 16.04 -17.98
CA THR A 336 19.00 15.48 -17.47
C THR A 336 17.85 16.13 -18.24
N VAL A 337 16.93 15.30 -18.74
CA VAL A 337 15.74 15.77 -19.41
C VAL A 337 14.56 15.84 -18.43
N LEU A 338 14.37 14.80 -17.62
CA LEU A 338 13.39 14.83 -16.56
C LEU A 338 14.07 14.41 -15.24
N ALA A 339 14.07 15.31 -14.27
CA ALA A 339 14.61 15.00 -12.95
C ALA A 339 13.81 13.89 -12.28
N GLY A 340 14.49 13.00 -11.58
CA GLY A 340 13.82 11.97 -10.81
C GLY A 340 13.79 12.30 -9.33
N GLY A 341 14.25 11.35 -8.51
CA GLY A 341 14.20 11.44 -7.06
C GLY A 341 13.29 10.32 -6.57
N THR A 342 12.29 10.72 -5.80
CA THR A 342 11.23 9.79 -5.37
C THR A 342 9.95 10.50 -5.73
N THR A 343 9.20 9.93 -6.66
CA THR A 343 8.02 10.59 -7.19
C THR A 343 7.27 9.60 -8.07
N THR A 344 6.05 9.95 -8.44
CA THR A 344 5.30 9.16 -9.41
C THR A 344 5.04 10.04 -10.62
N ILE A 345 5.48 9.55 -11.77
CA ILE A 345 5.25 10.23 -13.04
C ILE A 345 3.90 9.76 -13.58
N ASN A 346 2.96 10.68 -13.73
CA ASN A 346 1.64 10.30 -14.22
C ASN A 346 1.71 10.06 -15.72
N SER A 347 1.82 11.14 -16.50
CA SER A 347 1.91 11.04 -17.95
C SER A 347 2.94 12.02 -18.47
N TRP A 348 3.95 11.51 -19.20
CA TRP A 348 5.07 12.32 -19.67
C TRP A 348 5.41 11.84 -21.07
N ALA A 349 5.84 12.77 -21.93
CA ALA A 349 6.17 12.40 -23.30
C ALA A 349 7.33 13.19 -23.89
N GLN A 350 8.06 12.52 -24.78
CA GLN A 350 9.03 13.15 -25.66
C GLN A 350 8.63 12.78 -27.08
N GLY A 351 8.36 13.81 -27.88
CA GLY A 351 7.94 13.60 -29.27
C GLY A 351 6.82 14.56 -29.64
N ASN A 352 6.20 14.31 -30.79
CA ASN A 352 5.16 15.20 -31.33
C ASN A 352 3.77 14.81 -30.81
N VAL A 353 3.12 15.78 -30.18
CA VAL A 353 1.82 15.63 -29.55
C VAL A 353 0.77 16.38 -30.37
N TYR A 354 -0.37 15.73 -30.58
CA TYR A 354 -1.42 16.25 -31.44
C TYR A 354 -2.79 16.27 -30.76
N HIS A 355 -3.69 17.15 -31.23
CA HIS A 355 -5.04 17.26 -30.65
C HIS A 355 -6.02 17.45 -31.79
N GLY A 356 -7.13 16.71 -31.76
CA GLY A 356 -8.23 16.87 -32.72
C GLY A 356 -7.79 16.88 -34.17
N THR A 357 -8.23 17.90 -34.91
CA THR A 357 -7.91 17.97 -36.33
C THR A 357 -6.76 18.94 -36.60
N ASN A 358 -6.02 19.32 -35.55
CA ASN A 358 -4.82 20.14 -35.71
C ASN A 358 -3.65 19.27 -36.23
N GLY A 359 -3.30 19.41 -37.52
CA GLY A 359 -2.26 18.58 -38.12
C GLY A 359 -0.82 18.98 -37.81
N ASN A 360 -0.65 20.11 -37.10
CA ASN A 360 0.67 20.65 -36.80
C ASN A 360 1.16 20.20 -35.41
N PRO A 361 2.36 19.61 -35.34
CA PRO A 361 2.85 18.99 -34.10
C PRO A 361 3.21 19.97 -33.00
N THR A 362 3.06 19.52 -31.76
CA THR A 362 3.67 20.21 -30.64
C THR A 362 4.77 19.30 -30.13
N PHE A 363 6.01 19.63 -30.49
CA PHE A 363 7.12 18.84 -29.96
C PHE A 363 7.20 19.05 -28.46
N THR A 364 7.22 17.94 -27.72
CA THR A 364 7.04 17.96 -26.27
C THR A 364 8.17 17.17 -25.63
N GLN A 365 8.72 17.68 -24.53
CA GLN A 365 9.55 16.87 -23.64
C GLN A 365 9.13 17.35 -22.28
N GLY A 366 8.07 16.74 -21.77
CA GLY A 366 7.42 17.26 -20.56
C GLY A 366 6.13 16.52 -20.30
N ASN A 367 5.43 16.90 -19.23
CA ASN A 367 4.16 16.31 -18.87
C ASN A 367 3.13 16.53 -19.96
N ILE A 368 2.27 15.53 -20.16
CA ILE A 368 1.10 15.69 -21.02
C ILE A 368 -0.14 15.50 -20.15
N ALA A 369 -1.31 15.76 -20.71
CA ALA A 369 -2.56 15.58 -19.95
C ALA A 369 -2.63 14.15 -19.43
N ASN A 370 -3.12 13.99 -18.20
CA ASN A 370 -3.14 12.65 -17.60
C ASN A 370 -3.83 11.68 -18.54
N ILE A 371 -3.15 10.57 -18.81
CA ILE A 371 -3.73 9.51 -19.66
C ILE A 371 -4.93 8.87 -18.96
N ASN A 372 -6.08 8.83 -19.63
CA ASN A 372 -7.25 8.18 -19.03
C ASN A 372 -7.16 6.65 -19.08
N ARG A 373 -7.34 6.01 -17.93
CA ARG A 373 -7.29 4.57 -17.79
C ARG A 373 -8.63 4.14 -17.20
N PRO A 374 -9.58 3.71 -18.07
CA PRO A 374 -10.89 3.28 -17.57
C PRO A 374 -10.79 2.28 -16.42
N GLY A 375 -11.52 2.54 -15.33
CA GLY A 375 -11.44 1.75 -14.11
C GLY A 375 -11.55 0.25 -14.29
N VAL A 376 -12.44 -0.18 -15.18
CA VAL A 376 -12.67 -1.63 -15.41
C VAL A 376 -11.45 -2.37 -15.97
N LEU A 377 -10.49 -1.61 -16.51
CA LEU A 377 -9.25 -2.18 -17.05
C LEU A 377 -8.14 -2.31 -16.00
N LEU A 378 -8.42 -1.83 -14.79
CA LEU A 378 -7.41 -1.76 -13.72
C LEU A 378 -7.65 -2.76 -12.61
N ASP A 379 -6.57 -3.29 -12.05
CA ASP A 379 -6.67 -4.20 -10.92
C ASP A 379 -6.79 -3.41 -9.60
N SER A 380 -6.80 -4.13 -8.49
CA SER A 380 -7.00 -3.50 -7.18
C SER A 380 -5.89 -2.50 -6.85
N THR A 381 -4.73 -2.64 -7.50
CA THR A 381 -3.61 -1.70 -7.32
C THR A 381 -3.63 -0.50 -8.30
N GLY A 382 -4.68 -0.41 -9.12
CA GLY A 382 -4.85 0.72 -10.03
C GLY A 382 -3.96 0.64 -11.27
N ARG A 383 -3.50 -0.57 -11.60
CA ARG A 383 -2.63 -0.78 -12.74
C ARG A 383 -3.31 -1.64 -13.79
N ILE A 384 -2.90 -1.51 -15.04
CA ILE A 384 -3.48 -2.35 -16.10
C ILE A 384 -3.36 -3.83 -15.68
N VAL A 385 -4.45 -4.59 -15.84
CA VAL A 385 -4.41 -6.00 -15.46
C VAL A 385 -3.24 -6.76 -16.12
N SER A 386 -2.55 -7.55 -15.32
CA SER A 386 -1.42 -8.40 -15.74
C SER A 386 -1.75 -9.84 -15.37
N LYS A 387 -1.97 -10.70 -16.37
CA LYS A 387 -2.27 -12.11 -16.09
C LYS A 387 -1.46 -13.04 -16.98
N SER A 388 -0.64 -13.91 -16.36
CA SER A 388 0.16 -14.86 -17.12
C SER A 388 -0.64 -16.06 -17.63
N HIS A 389 -0.11 -16.63 -18.71
CA HIS A 389 -0.52 -17.93 -19.27
C HIS A 389 -0.84 -18.91 -18.14
N PRO A 390 -2.12 -19.28 -17.97
CA PRO A 390 -2.47 -20.20 -16.88
C PRO A 390 -1.84 -21.57 -17.10
N GLN A 391 -1.10 -22.08 -16.11
CA GLN A 391 -0.42 -23.38 -16.26
C GLN A 391 -0.93 -24.48 -15.34
N TYR A 392 -1.92 -24.16 -14.51
CA TYR A 392 -2.58 -25.19 -13.69
C TYR A 392 -1.58 -26.01 -12.89
N THR A 393 -0.69 -25.33 -12.18
CA THR A 393 0.45 -25.97 -11.51
C THR A 393 0.00 -26.94 -10.40
N GLY A 394 -1.14 -26.67 -9.76
CA GLY A 394 -1.64 -27.54 -8.69
C GLY A 394 -2.55 -28.67 -9.15
N TYR A 395 -2.71 -28.84 -10.46
CA TYR A 395 -3.64 -29.85 -11.02
C TYR A 395 -2.96 -31.19 -11.37
N ALA A 396 -3.66 -32.30 -11.16
CA ALA A 396 -3.15 -33.64 -11.48
C ALA A 396 -3.53 -34.04 -12.91
N PRO A 397 -2.79 -34.97 -13.55
CA PRO A 397 -3.27 -35.47 -14.83
C PRO A 397 -4.76 -35.88 -14.80
N SER A 398 -5.24 -36.38 -13.66
CA SER A 398 -6.64 -36.83 -13.59
C SER A 398 -7.67 -35.68 -13.65
N ASP A 399 -7.19 -34.44 -13.46
CA ASP A 399 -8.01 -33.23 -13.57
C ASP A 399 -8.22 -32.80 -15.03
N PHE A 400 -7.56 -33.51 -15.94
CA PHE A 400 -7.65 -33.24 -17.38
C PHE A 400 -8.46 -34.33 -18.10
N VAL A 401 -9.10 -33.96 -19.20
CA VAL A 401 -9.65 -34.96 -20.11
C VAL A 401 -9.08 -34.76 -21.50
N SER A 402 -8.56 -35.85 -22.07
CA SER A 402 -7.99 -35.85 -23.40
C SER A 402 -9.05 -35.99 -24.48
N VAL A 403 -9.01 -35.09 -25.47
CA VAL A 403 -9.94 -35.17 -26.60
C VAL A 403 -9.70 -36.43 -27.43
N ARG A 404 -8.44 -36.88 -27.52
CA ARG A 404 -8.12 -38.12 -28.21
C ARG A 404 -8.78 -39.30 -27.52
N SER A 405 -8.65 -39.35 -26.19
CA SER A 405 -9.26 -40.41 -25.36
C SER A 405 -10.79 -40.40 -25.50
N GLN A 406 -11.35 -39.25 -25.86
CA GLN A 406 -12.80 -39.10 -26.05
C GLN A 406 -13.23 -39.16 -27.52
N GLY A 407 -12.34 -39.68 -28.36
CA GLY A 407 -12.70 -40.00 -29.73
C GLY A 407 -12.48 -38.95 -30.80
N ALA A 408 -11.81 -37.84 -30.45
CA ALA A 408 -11.43 -36.88 -31.47
C ALA A 408 -10.09 -37.29 -32.08
N LYS A 409 -10.08 -37.53 -33.39
CA LYS A 409 -8.93 -38.15 -34.06
C LYS A 409 -7.75 -37.19 -34.25
N GLY A 410 -8.03 -35.92 -34.54
CA GLY A 410 -7.00 -34.94 -34.80
C GLY A 410 -6.11 -35.26 -35.98
N ASP A 411 -6.67 -35.98 -36.97
CA ASP A 411 -5.88 -36.48 -38.12
C ASP A 411 -5.98 -35.62 -39.36
N GLY A 412 -6.72 -34.51 -39.27
CA GLY A 412 -6.83 -33.56 -40.36
C GLY A 412 -7.73 -34.03 -41.48
N HIS A 413 -8.47 -35.12 -41.23
CA HIS A 413 -9.31 -35.74 -42.25
C HIS A 413 -10.66 -36.16 -41.70
N THR A 414 -10.65 -36.88 -40.58
CA THR A 414 -11.88 -37.32 -39.91
C THR A 414 -12.66 -36.09 -39.41
N ASP A 415 -13.97 -36.10 -39.62
CA ASP A 415 -14.84 -35.06 -39.05
C ASP A 415 -14.92 -35.26 -37.54
N ASP A 416 -14.30 -34.35 -36.79
CA ASP A 416 -14.25 -34.45 -35.33
C ASP A 416 -15.32 -33.62 -34.62
N THR A 417 -16.23 -33.04 -35.38
CA THR A 417 -17.24 -32.10 -34.85
C THR A 417 -18.01 -32.71 -33.69
N GLN A 418 -18.60 -33.90 -33.92
CA GLN A 418 -19.41 -34.52 -32.87
C GLN A 418 -18.61 -34.92 -31.64
N ALA A 419 -17.41 -35.46 -31.84
CA ALA A 419 -16.56 -35.85 -30.71
C ALA A 419 -16.23 -34.64 -29.83
N ILE A 420 -15.89 -33.52 -30.46
CA ILE A 420 -15.55 -32.28 -29.75
C ILE A 420 -16.76 -31.71 -29.01
N LYS A 421 -17.90 -31.67 -29.69
CA LYS A 421 -19.16 -31.25 -29.07
C LYS A 421 -19.45 -32.08 -27.83
N ASN A 422 -19.30 -33.40 -27.97
CA ASN A 422 -19.59 -34.30 -26.85
C ASN A 422 -18.66 -34.05 -25.67
N VAL A 423 -17.39 -33.78 -25.95
CA VAL A 423 -16.41 -33.45 -24.92
C VAL A 423 -16.84 -32.24 -24.10
N PHE A 424 -17.20 -31.15 -24.78
CA PHE A 424 -17.69 -29.96 -24.09
C PHE A 424 -18.98 -30.22 -23.33
N ALA A 425 -19.90 -30.95 -23.95
CA ALA A 425 -21.19 -31.26 -23.32
C ALA A 425 -21.00 -32.08 -22.05
N LYS A 426 -20.01 -32.98 -22.05
CA LYS A 426 -19.72 -33.81 -20.87
C LYS A 426 -18.80 -33.22 -19.82
N TYR A 427 -17.79 -32.45 -20.25
CA TYR A 427 -16.66 -32.09 -19.36
C TYR A 427 -16.41 -30.61 -19.09
N ALA A 428 -17.06 -29.72 -19.85
CA ALA A 428 -16.87 -28.27 -19.65
C ALA A 428 -17.10 -27.88 -18.19
N GLY A 429 -16.07 -27.33 -17.54
CA GLY A 429 -16.15 -26.94 -16.13
C GLY A 429 -15.89 -28.04 -15.12
N CYS A 430 -15.81 -29.29 -15.58
CA CYS A 430 -15.55 -30.47 -14.73
C CYS A 430 -14.11 -30.92 -14.78
N LYS A 431 -13.53 -30.85 -15.97
CA LYS A 431 -12.14 -31.23 -16.22
C LYS A 431 -11.52 -30.21 -17.16
N ILE A 432 -10.23 -29.98 -17.03
CA ILE A 432 -9.53 -29.15 -18.02
C ILE A 432 -9.52 -29.93 -19.34
N ILE A 433 -9.92 -29.29 -20.44
CA ILE A 433 -10.03 -29.97 -21.72
C ILE A 433 -8.69 -29.92 -22.43
N PHE A 434 -8.08 -31.09 -22.60
CA PHE A 434 -6.74 -31.18 -23.20
C PHE A 434 -6.81 -31.59 -24.64
N PHE A 435 -6.55 -30.62 -25.52
CA PHE A 435 -6.50 -30.88 -26.93
C PHE A 435 -5.11 -31.37 -27.32
N ASP A 436 -4.96 -32.69 -27.33
CA ASP A 436 -3.74 -33.32 -27.80
C ASP A 436 -3.38 -32.73 -29.16
N ALA A 437 -2.08 -32.60 -29.44
CA ALA A 437 -1.64 -32.05 -30.71
C ALA A 437 -2.35 -32.79 -31.84
N GLY A 438 -2.71 -32.03 -32.87
CA GLY A 438 -3.43 -32.57 -34.00
C GLY A 438 -4.18 -31.47 -34.75
N THR A 439 -4.79 -31.86 -35.86
CA THR A 439 -5.67 -30.95 -36.60
C THR A 439 -7.06 -31.56 -36.64
N TYR A 440 -8.02 -30.81 -36.08
CA TYR A 440 -9.36 -31.30 -35.82
C TYR A 440 -10.33 -30.63 -36.78
N ILE A 441 -10.78 -31.39 -37.78
CA ILE A 441 -11.67 -30.87 -38.81
C ILE A 441 -13.08 -30.79 -38.24
N VAL A 442 -13.68 -29.60 -38.32
CA VAL A 442 -15.06 -29.40 -37.84
C VAL A 442 -15.91 -28.77 -38.96
N THR A 443 -17.19 -29.15 -39.01
CA THR A 443 -18.08 -28.69 -40.08
C THR A 443 -19.33 -27.99 -39.51
N ASP A 444 -19.35 -27.79 -38.19
CA ASP A 444 -20.39 -27.02 -37.51
C ASP A 444 -19.75 -26.21 -36.38
N THR A 445 -20.50 -25.24 -35.88
CA THR A 445 -20.07 -24.39 -34.77
C THR A 445 -19.73 -25.18 -33.52
N ILE A 446 -18.54 -24.91 -32.99
CA ILE A 446 -18.10 -25.49 -31.74
C ILE A 446 -18.27 -24.43 -30.66
N GLN A 447 -19.29 -24.60 -29.81
CA GLN A 447 -19.50 -23.65 -28.74
C GLN A 447 -18.75 -24.12 -27.50
N ILE A 448 -17.76 -23.33 -27.09
CA ILE A 448 -17.07 -23.53 -25.83
C ILE A 448 -17.88 -22.87 -24.71
N PRO A 449 -18.44 -23.68 -23.79
CA PRO A 449 -19.28 -23.09 -22.75
C PRO A 449 -18.50 -22.19 -21.77
N ALA A 450 -19.17 -21.18 -21.24
CA ALA A 450 -18.63 -20.40 -20.13
C ALA A 450 -18.28 -21.37 -19.00
N GLY A 451 -17.14 -21.14 -18.36
CA GLY A 451 -16.63 -22.06 -17.34
C GLY A 451 -15.51 -22.98 -17.81
N THR A 452 -15.30 -23.08 -19.12
CA THR A 452 -14.37 -24.08 -19.68
C THR A 452 -12.91 -23.61 -19.63
N GLN A 453 -12.01 -24.53 -19.37
CA GLN A 453 -10.58 -24.25 -19.54
C GLN A 453 -10.04 -25.25 -20.56
N ILE A 454 -9.41 -24.73 -21.61
CA ILE A 454 -8.85 -25.61 -22.64
C ILE A 454 -7.36 -25.36 -22.85
N VAL A 455 -6.64 -26.46 -23.08
CA VAL A 455 -5.19 -26.45 -23.14
C VAL A 455 -4.76 -27.26 -24.36
N GLY A 456 -3.94 -26.67 -25.22
CA GLY A 456 -3.37 -27.39 -26.37
C GLY A 456 -1.98 -27.94 -26.09
N GLU A 457 -1.37 -28.47 -27.14
CA GLU A 457 -0.08 -29.12 -27.06
C GLU A 457 0.72 -28.79 -28.32
N VAL A 458 1.37 -27.63 -28.28
CA VAL A 458 2.21 -27.07 -29.37
C VAL A 458 1.52 -26.74 -30.69
N TRP A 459 0.79 -27.70 -31.28
CA TRP A 459 0.06 -27.46 -32.51
C TRP A 459 -1.24 -28.25 -32.43
N SER A 460 -2.22 -27.62 -31.78
CA SER A 460 -3.55 -28.18 -31.59
C SER A 460 -4.50 -27.24 -32.30
N VAL A 461 -5.04 -27.70 -33.43
CA VAL A 461 -5.75 -26.86 -34.37
C VAL A 461 -7.22 -27.29 -34.49
N ILE A 462 -8.13 -26.34 -34.33
CA ILE A 462 -9.51 -26.58 -34.75
C ILE A 462 -9.72 -25.89 -36.09
N MET A 463 -10.06 -26.70 -37.10
CA MET A 463 -10.04 -26.25 -38.47
C MET A 463 -11.46 -26.38 -39.03
N GLY A 464 -12.16 -25.26 -39.21
CA GLY A 464 -13.54 -25.29 -39.72
C GLY A 464 -13.58 -25.32 -41.23
N THR A 465 -14.51 -26.08 -41.78
CA THR A 465 -14.63 -26.19 -43.24
C THR A 465 -16.05 -26.59 -43.68
N GLY A 466 -16.29 -26.57 -44.98
CA GLY A 466 -17.58 -27.00 -45.54
C GLY A 466 -18.65 -25.93 -45.60
N SER A 467 -19.81 -26.32 -46.11
CA SER A 467 -20.91 -25.41 -46.45
C SER A 467 -21.46 -24.50 -45.35
N LYS A 468 -21.27 -24.85 -44.08
CA LYS A 468 -21.68 -23.97 -42.99
C LYS A 468 -20.87 -22.66 -43.05
N PHE A 469 -19.67 -22.73 -43.64
CA PHE A 469 -18.74 -21.61 -43.59
C PHE A 469 -18.35 -20.97 -44.92
N THR A 470 -19.12 -21.23 -45.99
CA THR A 470 -18.71 -20.80 -47.33
C THR A 470 -19.50 -19.63 -47.90
N ASP A 471 -20.51 -19.17 -47.17
CA ASP A 471 -21.42 -18.15 -47.68
C ASP A 471 -21.16 -16.79 -47.04
N TYR A 472 -20.53 -15.85 -47.76
CA TYR A 472 -20.26 -14.55 -47.13
C TYR A 472 -21.52 -13.71 -46.84
N ASN A 473 -22.64 -14.10 -47.42
CA ASN A 473 -23.91 -13.44 -47.14
C ASN A 473 -24.53 -13.93 -45.86
N ASN A 474 -24.04 -15.06 -45.37
CA ASN A 474 -24.56 -15.66 -44.16
C ASN A 474 -23.39 -16.20 -43.34
N PRO A 475 -22.52 -15.30 -42.84
CA PRO A 475 -21.37 -15.79 -42.06
C PRO A 475 -21.75 -16.49 -40.76
N GLN A 476 -20.95 -17.48 -40.37
CA GLN A 476 -21.22 -18.32 -39.23
C GLN A 476 -19.93 -18.56 -38.48
N PRO A 477 -20.02 -18.66 -37.15
CA PRO A 477 -18.86 -18.87 -36.27
C PRO A 477 -18.36 -20.30 -36.28
N VAL A 478 -17.06 -20.47 -36.48
CA VAL A 478 -16.43 -21.79 -36.32
C VAL A 478 -16.34 -22.13 -34.83
N ILE A 479 -15.83 -21.17 -34.05
CA ILE A 479 -15.72 -21.30 -32.60
C ILE A 479 -16.57 -20.22 -31.97
N GLN A 480 -17.34 -20.60 -30.96
CA GLN A 480 -18.14 -19.67 -30.17
C GLN A 480 -17.65 -19.75 -28.73
N VAL A 481 -17.01 -18.69 -28.25
CA VAL A 481 -16.48 -18.65 -26.88
C VAL A 481 -17.55 -18.13 -25.92
N GLY A 482 -18.24 -19.08 -25.30
CA GLY A 482 -19.43 -18.80 -24.50
C GLY A 482 -20.67 -18.62 -25.37
N ALA A 483 -21.83 -18.93 -24.80
CA ALA A 483 -23.09 -18.54 -25.40
C ALA A 483 -23.25 -17.02 -25.29
N PRO A 484 -24.01 -16.42 -26.22
CA PRO A 484 -24.33 -14.99 -26.03
C PRO A 484 -24.87 -14.73 -24.61
N GLY A 485 -24.33 -13.70 -23.95
CA GLY A 485 -24.76 -13.29 -22.61
C GLY A 485 -24.17 -14.06 -21.42
N SER A 486 -23.31 -15.03 -21.72
CA SER A 486 -22.73 -15.86 -20.65
C SER A 486 -21.61 -15.13 -19.92
N SER A 487 -21.35 -15.55 -18.70
CA SER A 487 -20.21 -15.07 -17.97
C SER A 487 -19.58 -16.23 -17.23
N GLY A 488 -18.29 -16.11 -16.98
CA GLY A 488 -17.56 -17.14 -16.25
C GLY A 488 -16.11 -17.17 -16.71
N VAL A 489 -15.38 -18.15 -16.18
CA VAL A 489 -13.99 -18.38 -16.58
C VAL A 489 -14.02 -19.06 -17.93
N VAL A 490 -13.26 -18.53 -18.89
CA VAL A 490 -12.92 -19.28 -20.10
C VAL A 490 -11.45 -19.00 -20.37
N GLU A 491 -10.61 -20.00 -20.18
CA GLU A 491 -9.17 -19.85 -20.38
C GLU A 491 -8.76 -20.78 -21.50
N ILE A 492 -8.11 -20.21 -22.51
CA ILE A 492 -7.68 -20.97 -23.67
C ILE A 492 -6.19 -20.74 -23.82
N THR A 493 -5.43 -21.84 -23.88
CA THR A 493 -3.98 -21.75 -24.04
C THR A 493 -3.50 -22.70 -25.11
N ASP A 494 -2.51 -22.27 -25.88
CA ASP A 494 -1.89 -23.09 -26.92
C ASP A 494 -2.84 -23.72 -27.91
N MET A 495 -3.80 -22.95 -28.40
CA MET A 495 -4.69 -23.43 -29.47
C MET A 495 -4.50 -22.63 -30.76
N ILE A 496 -4.78 -23.26 -31.89
CA ILE A 496 -4.88 -22.58 -33.18
C ILE A 496 -6.31 -22.77 -33.69
N PHE A 497 -6.93 -21.69 -34.17
CA PHE A 497 -8.26 -21.77 -34.77
C PHE A 497 -8.15 -21.27 -36.19
N THR A 498 -8.72 -22.01 -37.15
CA THR A 498 -8.48 -21.68 -38.54
C THR A 498 -9.56 -22.30 -39.43
N THR A 499 -9.31 -22.26 -40.72
CA THR A 499 -10.24 -22.83 -41.71
C THR A 499 -9.52 -23.71 -42.73
N ARG A 500 -10.29 -24.58 -43.39
CA ARG A 500 -9.83 -25.24 -44.60
C ARG A 500 -10.67 -24.64 -45.73
N GLY A 501 -10.01 -24.02 -46.71
CA GLY A 501 -10.66 -23.21 -47.71
C GLY A 501 -11.37 -24.05 -48.76
N PRO A 502 -12.29 -23.43 -49.53
CA PRO A 502 -12.79 -22.05 -49.36
C PRO A 502 -13.71 -21.90 -48.15
N ALA A 503 -13.70 -20.73 -47.52
CA ALA A 503 -14.53 -20.51 -46.34
C ALA A 503 -14.88 -19.03 -46.19
N ALA A 504 -15.47 -18.49 -47.25
CA ALA A 504 -15.85 -17.07 -47.33
C ALA A 504 -16.78 -16.58 -46.21
N GLY A 505 -17.47 -17.51 -45.56
CA GLY A 505 -18.45 -17.20 -44.51
C GLY A 505 -17.94 -17.44 -43.09
N ALA A 506 -16.69 -17.87 -42.93
CA ALA A 506 -16.24 -18.23 -41.59
C ALA A 506 -15.98 -17.01 -40.70
N ILE A 507 -16.64 -16.97 -39.55
CA ILE A 507 -16.21 -16.08 -38.47
C ILE A 507 -15.45 -17.02 -37.54
N ILE A 508 -14.12 -16.92 -37.55
CA ILE A 508 -13.34 -18.00 -36.99
C ILE A 508 -13.60 -18.11 -35.49
N VAL A 509 -13.57 -16.97 -34.80
CA VAL A 509 -13.88 -16.95 -33.37
C VAL A 509 -14.92 -15.88 -33.07
N GLU A 510 -16.06 -16.29 -32.54
CA GLU A 510 -17.05 -15.34 -32.01
C GLU A 510 -16.92 -15.38 -30.50
N TRP A 511 -16.48 -14.28 -29.90
CA TRP A 511 -16.18 -14.30 -28.48
C TRP A 511 -17.29 -13.57 -27.72
N ASN A 512 -18.04 -14.32 -26.91
CA ASN A 512 -19.23 -13.78 -26.21
C ASN A 512 -19.13 -13.62 -24.69
N VAL A 513 -18.36 -14.50 -24.07
CA VAL A 513 -18.35 -14.59 -22.61
C VAL A 513 -17.74 -13.33 -21.98
N HIS A 514 -18.18 -13.03 -20.76
CA HIS A 514 -17.72 -11.90 -19.97
C HIS A 514 -17.16 -12.42 -18.66
N ASP A 515 -16.20 -11.70 -18.06
CA ASP A 515 -15.72 -12.02 -16.72
C ASP A 515 -16.87 -12.14 -15.72
N PRO A 516 -16.78 -13.09 -14.78
CA PRO A 516 -17.70 -13.07 -13.64
C PRO A 516 -17.35 -11.92 -12.71
N SER A 517 -18.27 -11.55 -11.82
CA SER A 517 -17.98 -10.56 -10.82
C SER A 517 -16.76 -10.97 -9.99
N GLY A 518 -15.85 -10.05 -9.72
CA GLY A 518 -14.69 -10.31 -8.87
C GLY A 518 -13.53 -11.16 -9.41
N GLN A 519 -13.56 -11.49 -10.71
CA GLN A 519 -12.43 -12.19 -11.34
C GLN A 519 -12.11 -11.56 -12.70
N GLN A 520 -11.18 -10.61 -12.67
CA GLN A 520 -10.75 -9.93 -13.89
C GLN A 520 -9.92 -10.85 -14.77
N ALA A 521 -10.14 -10.75 -16.10
CA ALA A 521 -9.39 -11.56 -17.07
C ALA A 521 -9.59 -13.07 -16.87
N ALA A 522 -10.71 -13.42 -16.25
CA ALA A 522 -11.12 -14.82 -16.14
C ALA A 522 -11.38 -15.41 -17.51
N ALA A 523 -11.79 -14.54 -18.45
CA ALA A 523 -12.01 -14.93 -19.85
C ALA A 523 -10.86 -14.43 -20.71
N GLY A 524 -10.06 -15.33 -21.26
CA GLY A 524 -8.95 -14.87 -22.08
C GLY A 524 -8.25 -15.96 -22.82
N ALA A 525 -7.23 -15.56 -23.59
CA ALA A 525 -6.43 -16.53 -24.34
C ALA A 525 -4.96 -16.12 -24.34
N TRP A 526 -4.10 -17.13 -24.31
CA TRP A 526 -2.64 -16.96 -24.31
C TRP A 526 -2.04 -17.96 -25.27
N ASP A 527 -1.01 -17.56 -26.02
CA ASP A 527 -0.32 -18.47 -26.94
C ASP A 527 -1.33 -19.16 -27.88
N THR A 528 -2.35 -18.40 -28.24
CA THR A 528 -3.47 -18.88 -29.04
C THR A 528 -3.61 -17.95 -30.24
N HIS A 529 -3.70 -18.53 -31.44
CA HIS A 529 -3.56 -17.76 -32.64
C HIS A 529 -4.56 -18.20 -33.69
N LEU A 530 -4.83 -17.29 -34.62
CA LEU A 530 -5.64 -17.63 -35.79
C LEU A 530 -4.70 -17.61 -36.98
N ILE A 531 -4.18 -18.79 -37.31
CA ILE A 531 -3.24 -18.90 -38.44
C ILE A 531 -4.06 -19.30 -39.65
N ILE A 532 -4.38 -18.30 -40.47
CA ILE A 532 -5.38 -18.46 -41.52
C ILE A 532 -4.76 -18.70 -42.89
N GLY A 533 -4.86 -19.96 -43.33
CA GLY A 533 -4.27 -20.37 -44.59
C GLY A 533 -2.75 -20.48 -44.55
N GLY A 534 -2.15 -20.70 -45.72
CA GLY A 534 -0.70 -20.80 -45.81
C GLY A 534 -0.05 -22.03 -45.16
N THR A 535 -0.85 -23.02 -44.76
CA THR A 535 -0.32 -24.20 -44.04
C THR A 535 -0.71 -25.50 -44.78
N ALA A 536 -0.02 -26.60 -44.45
CA ALA A 536 -0.28 -27.89 -45.10
C ALA A 536 -1.74 -28.31 -45.13
N GLN A 537 -2.22 -28.68 -46.32
CA GLN A 537 -3.55 -29.23 -46.51
C GLN A 537 -4.67 -28.34 -45.97
N SER A 538 -4.43 -27.02 -46.04
CA SER A 538 -5.45 -26.03 -45.70
C SER A 538 -6.32 -25.66 -46.89
N GLY A 539 -5.88 -26.03 -48.10
CA GLY A 539 -6.55 -25.58 -49.33
C GLY A 539 -6.25 -24.12 -49.70
N LEU A 540 -5.35 -23.51 -48.95
CA LEU A 540 -5.04 -22.10 -49.03
C LEU A 540 -3.53 -21.90 -49.13
N GLN A 541 -2.93 -22.72 -50.00
CA GLN A 541 -1.51 -22.69 -50.23
C GLN A 541 -1.19 -22.15 -51.61
N VAL A 542 0.09 -22.07 -51.95
CA VAL A 542 0.50 -21.46 -53.20
C VAL A 542 -0.07 -22.26 -54.39
N GLY A 543 -0.23 -23.57 -54.21
CA GLY A 543 -0.79 -24.44 -55.28
C GLY A 543 -2.22 -24.07 -55.64
N GLN A 544 -2.95 -23.48 -54.69
CA GLN A 544 -4.36 -23.13 -54.91
C GLN A 544 -4.52 -21.62 -55.13
N CYS A 545 -3.61 -20.83 -54.54
CA CYS A 545 -3.82 -19.39 -54.42
C CYS A 545 -2.61 -18.52 -54.78
N PRO A 546 -2.16 -18.59 -56.05
CA PRO A 546 -1.01 -17.82 -56.50
C PRO A 546 -1.28 -16.32 -56.45
N THR A 547 -0.21 -15.52 -56.45
CA THR A 547 -0.34 -14.07 -56.35
C THR A 547 -1.01 -13.45 -57.58
N SER A 548 -1.09 -14.21 -58.68
CA SER A 548 -1.83 -13.79 -59.87
C SER A 548 -3.30 -13.55 -59.58
N GLY A 549 -3.82 -14.22 -58.55
CA GLY A 549 -5.22 -14.15 -58.19
C GLY A 549 -6.04 -15.18 -58.96
N ALA A 550 -5.37 -16.02 -59.74
CA ALA A 550 -6.05 -17.04 -60.58
C ALA A 550 -6.91 -18.05 -59.81
N GLY A 551 -6.58 -18.26 -58.54
CA GLY A 551 -7.35 -19.16 -57.69
C GLY A 551 -8.76 -18.64 -57.42
N GLY A 552 -8.94 -17.33 -57.57
CA GLY A 552 -10.27 -16.69 -57.50
C GLY A 552 -11.10 -17.13 -56.31
N ASN A 553 -12.26 -17.73 -56.57
CA ASN A 553 -13.21 -18.04 -55.48
C ASN A 553 -12.78 -19.19 -54.57
N ASN A 554 -11.72 -19.90 -54.95
CA ASN A 554 -11.18 -20.98 -54.10
C ASN A 554 -10.38 -20.42 -52.95
N CYS A 555 -10.09 -19.13 -53.02
CA CYS A 555 -9.10 -18.51 -52.12
C CYS A 555 -9.68 -17.64 -51.01
N PHE A 556 -10.99 -17.71 -50.83
CA PHE A 556 -11.65 -17.14 -49.67
C PHE A 556 -11.25 -17.95 -48.43
N ALA A 557 -10.61 -17.28 -47.48
CA ALA A 557 -10.09 -17.94 -46.30
C ALA A 557 -11.03 -17.79 -45.12
N ASP A 558 -11.66 -16.62 -44.97
CA ASP A 558 -12.61 -16.38 -43.89
C ASP A 558 -13.40 -15.09 -44.15
N PHE A 559 -14.47 -14.89 -43.40
CA PHE A 559 -15.14 -13.61 -43.37
C PHE A 559 -14.53 -12.65 -42.33
N LEU A 560 -14.40 -13.15 -41.11
CA LEU A 560 -13.87 -12.40 -39.98
C LEU A 560 -13.02 -13.30 -39.11
N GLY A 561 -11.85 -12.81 -38.68
CA GLY A 561 -11.00 -13.60 -37.81
C GLY A 561 -11.63 -13.69 -36.43
N LEU A 562 -11.74 -12.55 -35.77
CA LEU A 562 -12.22 -12.50 -34.40
C LEU A 562 -13.34 -11.49 -34.28
N HIS A 563 -14.41 -11.92 -33.60
CA HIS A 563 -15.57 -11.07 -33.37
C HIS A 563 -15.88 -10.97 -31.88
N LEU A 564 -15.53 -9.84 -31.27
CA LEU A 564 -15.80 -9.64 -29.86
C LEU A 564 -17.19 -9.01 -29.78
N THR A 565 -18.14 -9.72 -29.22
CA THR A 565 -19.53 -9.26 -29.32
C THR A 565 -19.89 -8.32 -28.17
N SER A 566 -21.05 -7.67 -28.28
CA SER A 566 -21.46 -6.63 -27.34
C SER A 566 -21.26 -6.89 -25.84
N GLY A 567 -21.67 -8.06 -25.35
CA GLY A 567 -21.63 -8.34 -23.90
C GLY A 567 -20.37 -9.06 -23.42
N SER A 568 -19.38 -9.18 -24.29
CA SER A 568 -18.15 -9.91 -23.98
C SER A 568 -17.12 -9.09 -23.20
N SER A 569 -16.17 -9.81 -22.62
CA SER A 569 -14.91 -9.25 -22.14
C SER A 569 -13.84 -10.24 -22.57
N ALA A 570 -12.60 -9.78 -22.71
CA ALA A 570 -11.52 -10.69 -23.13
C ALA A 570 -10.17 -10.14 -22.74
N TYR A 571 -9.31 -11.01 -22.21
CA TYR A 571 -7.91 -10.68 -22.00
C TYR A 571 -7.15 -11.54 -23.01
N LEU A 572 -6.65 -10.92 -24.08
CA LEU A 572 -6.03 -11.69 -25.17
C LEU A 572 -4.57 -11.30 -25.28
N GLU A 573 -3.69 -12.26 -25.01
CA GLU A 573 -2.26 -11.95 -24.91
C GLU A 573 -1.46 -12.65 -26.02
N GLY A 574 -0.83 -11.83 -26.87
CA GLY A 574 0.01 -12.34 -27.97
C GLY A 574 -0.74 -12.86 -29.19
N MET A 575 -2.06 -12.82 -29.16
CA MET A 575 -2.85 -13.43 -30.24
C MET A 575 -2.56 -12.82 -31.61
N TRP A 576 -2.18 -13.66 -32.57
CA TRP A 576 -1.90 -13.24 -33.93
C TRP A 576 -3.07 -13.67 -34.81
N VAL A 577 -3.75 -12.72 -35.42
CA VAL A 577 -4.86 -13.04 -36.33
C VAL A 577 -4.29 -12.80 -37.73
N TRP A 578 -3.63 -13.83 -38.25
CA TRP A 578 -2.78 -13.73 -39.44
C TRP A 578 -3.47 -14.31 -40.64
N LEU A 579 -3.88 -13.45 -41.57
CA LEU A 579 -4.26 -13.96 -42.91
C LEU A 579 -2.96 -14.18 -43.67
N ALA A 580 -2.68 -15.44 -43.99
CA ALA A 580 -1.38 -15.79 -44.57
C ALA A 580 -1.00 -14.96 -45.79
N ASP A 581 0.14 -14.29 -45.71
CA ASP A 581 0.69 -13.57 -46.86
C ASP A 581 1.58 -14.50 -47.68
N HIS A 582 2.06 -15.58 -47.06
CA HIS A 582 2.95 -16.53 -47.74
C HIS A 582 2.76 -17.94 -47.16
N ASP A 583 3.28 -18.92 -47.87
CA ASP A 583 3.01 -20.33 -47.62
C ASP A 583 4.14 -20.93 -46.77
N LEU A 584 3.77 -21.38 -45.57
CA LEU A 584 4.74 -21.87 -44.58
C LEU A 584 5.21 -23.31 -44.81
N ASP A 585 4.47 -24.06 -45.64
CA ASP A 585 4.69 -25.51 -45.74
C ASP A 585 5.11 -26.01 -47.12
N SER A 586 4.83 -25.27 -48.18
CA SER A 586 5.14 -25.73 -49.54
C SER A 586 6.62 -25.65 -49.90
N GLY A 587 7.39 -24.91 -49.10
CA GLY A 587 8.80 -24.67 -49.37
C GLY A 587 8.97 -23.34 -50.09
N GLY A 588 10.09 -22.69 -49.84
CA GLY A 588 10.46 -21.46 -50.52
C GLY A 588 9.74 -20.18 -50.08
N SER A 589 8.89 -20.28 -49.05
CA SER A 589 8.19 -19.11 -48.47
C SER A 589 7.48 -18.27 -49.55
N GLN A 590 6.71 -18.96 -50.40
CA GLN A 590 6.13 -18.31 -51.56
C GLN A 590 4.88 -17.52 -51.19
N GLN A 591 4.84 -16.29 -51.67
CA GLN A 591 3.69 -15.43 -51.43
C GLN A 591 2.43 -15.96 -52.08
N ILE A 592 1.29 -15.67 -51.46
CA ILE A 592 -0.02 -16.19 -51.88
C ILE A 592 -1.05 -15.10 -51.66
N SER A 593 -2.15 -15.13 -52.43
CA SER A 593 -3.26 -14.20 -52.25
C SER A 593 -4.47 -14.95 -51.70
N LEU A 594 -4.84 -14.64 -50.45
CA LEU A 594 -6.04 -15.16 -49.79
C LEU A 594 -6.95 -14.00 -49.42
N TRP A 595 -8.26 -14.27 -49.36
CA TRP A 595 -9.25 -13.24 -49.09
C TRP A 595 -9.89 -13.38 -47.72
N SER A 596 -9.67 -12.39 -46.87
CA SER A 596 -10.35 -12.30 -45.58
C SER A 596 -11.03 -10.95 -45.51
N ASN A 597 -12.28 -10.89 -45.08
CA ASN A 597 -13.02 -9.61 -45.15
C ASN A 597 -12.52 -8.62 -44.08
N GLY A 598 -12.23 -9.14 -42.89
CA GLY A 598 -11.75 -8.31 -41.77
C GLY A 598 -11.04 -9.14 -40.74
N GLY A 599 -10.19 -8.51 -39.95
CA GLY A 599 -9.36 -9.26 -39.00
C GLY A 599 -10.02 -9.42 -37.66
N ILE A 600 -10.09 -8.31 -36.93
CA ILE A 600 -10.67 -8.24 -35.59
C ILE A 600 -11.74 -7.15 -35.56
N MET A 601 -12.96 -7.52 -35.18
CA MET A 601 -14.03 -6.55 -34.99
C MET A 601 -14.47 -6.68 -33.55
N SER A 602 -14.42 -5.56 -32.82
CA SER A 602 -14.94 -5.55 -31.47
C SER A 602 -16.11 -4.60 -31.30
N GLU A 603 -17.20 -5.14 -30.76
CA GLU A 603 -18.35 -4.35 -30.34
C GLU A 603 -18.50 -4.41 -28.81
N SER A 604 -17.49 -4.99 -28.15
CA SER A 604 -17.53 -5.25 -26.72
C SER A 604 -17.57 -3.96 -25.92
N GLN A 605 -18.38 -3.97 -24.85
CA GLN A 605 -18.41 -2.89 -23.87
C GLN A 605 -17.29 -3.06 -22.84
N GLY A 606 -16.46 -4.08 -23.03
CA GLY A 606 -15.30 -4.28 -22.18
C GLY A 606 -15.58 -4.95 -20.84
N PRO A 607 -14.55 -5.14 -20.02
CA PRO A 607 -13.16 -4.76 -20.31
C PRO A 607 -12.59 -5.65 -21.41
N VAL A 608 -11.84 -5.06 -22.33
CA VAL A 608 -11.04 -5.83 -23.28
C VAL A 608 -9.59 -5.37 -23.18
N TRP A 609 -8.70 -6.32 -22.93
CA TRP A 609 -7.26 -6.06 -22.93
C TRP A 609 -6.66 -6.83 -24.11
N LEU A 610 -6.07 -6.11 -25.06
CA LEU A 610 -5.36 -6.73 -26.20
C LEU A 610 -3.88 -6.44 -25.97
N ILE A 611 -3.18 -7.45 -25.44
CA ILE A 611 -1.79 -7.30 -25.01
C ILE A 611 -0.91 -7.95 -26.07
N GLY A 612 -0.27 -7.16 -26.93
CA GLY A 612 0.66 -7.72 -27.92
C GLY A 612 -0.03 -8.49 -29.03
N THR A 613 -1.25 -8.09 -29.33
CA THR A 613 -1.97 -8.76 -30.41
C THR A 613 -1.55 -8.20 -31.76
N ALA A 614 -1.82 -8.96 -32.82
CA ALA A 614 -1.56 -8.43 -34.16
C ALA A 614 -2.64 -8.95 -35.08
N SER A 615 -2.92 -8.17 -36.13
CA SER A 615 -3.89 -8.56 -37.12
C SER A 615 -3.37 -8.11 -38.47
N GLU A 616 -3.24 -9.06 -39.41
CA GLU A 616 -2.56 -8.76 -40.65
C GLU A 616 -3.22 -9.36 -41.87
N HIS A 617 -3.31 -8.54 -42.91
CA HIS A 617 -3.56 -8.97 -44.30
C HIS A 617 -5.03 -9.20 -44.63
N HIS A 618 -5.89 -8.55 -43.84
CA HIS A 618 -7.34 -8.59 -44.07
C HIS A 618 -7.79 -7.43 -44.98
N ILE A 619 -8.89 -7.63 -45.72
CA ILE A 619 -9.23 -6.69 -46.80
C ILE A 619 -9.79 -5.33 -46.34
N ASN A 620 -10.76 -5.31 -45.46
CA ASN A 620 -11.40 -4.04 -45.11
C ASN A 620 -10.76 -3.32 -43.92
N TYR A 621 -10.25 -4.11 -42.99
CA TYR A 621 -9.62 -3.56 -41.79
C TYR A 621 -8.87 -4.67 -41.07
N GLN A 622 -7.82 -4.29 -40.34
CA GLN A 622 -7.17 -5.21 -39.41
C GLN A 622 -7.88 -5.19 -38.05
N TYR A 623 -8.17 -3.98 -37.54
CA TYR A 623 -8.99 -3.81 -36.33
C TYR A 623 -10.12 -2.84 -36.61
N PHE A 624 -11.34 -3.21 -36.21
CA PHE A 624 -12.55 -2.36 -36.30
C PHE A 624 -13.22 -2.34 -34.93
N LEU A 625 -13.23 -1.16 -34.28
CA LEU A 625 -13.94 -0.99 -33.02
C LEU A 625 -15.27 -0.31 -33.36
N LYS A 626 -16.37 -1.03 -33.13
CA LYS A 626 -17.68 -0.53 -33.53
C LYS A 626 -18.56 -0.48 -32.31
N ASN A 627 -18.93 0.73 -31.88
CA ASN A 627 -19.75 0.89 -30.66
C ASN A 627 -19.14 0.19 -29.45
N ALA A 628 -17.81 0.27 -29.34
CA ALA A 628 -17.08 -0.44 -28.30
C ALA A 628 -16.76 0.46 -27.11
N ALA A 629 -16.40 -0.14 -25.98
CA ALA A 629 -15.98 0.62 -24.81
C ALA A 629 -14.94 -0.11 -23.98
N ASN A 630 -14.16 0.69 -23.26
CA ASN A 630 -13.25 0.16 -22.24
C ASN A 630 -12.28 -0.88 -22.77
N HIS A 631 -11.46 -0.47 -23.73
CA HIS A 631 -10.40 -1.33 -24.27
C HIS A 631 -9.04 -0.75 -23.92
N TYR A 632 -8.13 -1.61 -23.48
CA TYR A 632 -6.71 -1.30 -23.39
C TYR A 632 -6.08 -2.12 -24.51
N ILE A 633 -5.33 -1.45 -25.38
CA ILE A 633 -4.73 -2.11 -26.53
C ILE A 633 -3.28 -1.67 -26.60
N GLY A 634 -2.38 -2.60 -26.34
CA GLY A 634 -0.94 -2.29 -26.41
C GLY A 634 0.00 -3.50 -26.30
N LEU A 635 0.98 -3.61 -27.21
CA LEU A 635 0.99 -2.90 -28.50
C LEU A 635 0.09 -3.66 -29.46
N ALA A 636 -0.44 -2.96 -30.46
CA ALA A 636 -1.16 -3.61 -31.58
C ALA A 636 -0.37 -3.40 -32.88
N GLN A 637 -0.29 -4.45 -33.70
CA GLN A 637 0.55 -4.40 -34.91
C GLN A 637 -0.25 -4.89 -36.09
N THR A 638 -0.06 -4.27 -37.26
CA THR A 638 -0.87 -4.61 -38.44
C THR A 638 -0.04 -4.54 -39.71
N GLU A 639 -0.50 -5.23 -40.76
CA GLU A 639 0.00 -5.04 -42.09
C GLU A 639 -1.19 -5.08 -43.06
N THR A 640 -1.13 -4.26 -44.10
CA THR A 640 -2.08 -4.36 -45.21
C THR A 640 -1.80 -5.62 -46.08
N PRO A 641 -2.84 -6.27 -46.65
CA PRO A 641 -2.59 -7.41 -47.57
C PRO A 641 -1.81 -6.95 -48.79
N TYR A 642 -0.94 -7.82 -49.32
CA TYR A 642 0.08 -7.34 -50.28
C TYR A 642 -0.48 -7.10 -51.68
N PHE A 643 -1.65 -7.67 -51.95
CA PHE A 643 -2.30 -7.51 -53.26
C PHE A 643 -2.96 -6.16 -53.47
N GLN A 644 -3.37 -5.51 -52.37
CA GLN A 644 -4.02 -4.20 -52.50
C GLN A 644 -3.04 -3.18 -53.10
N PRO A 645 -3.56 -2.26 -53.94
CA PRO A 645 -4.96 -1.98 -54.25
C PRO A 645 -5.59 -2.78 -55.40
N ASN A 646 -5.04 -3.95 -55.70
CA ASN A 646 -5.58 -4.82 -56.74
C ASN A 646 -6.18 -6.10 -56.18
N PRO A 647 -7.49 -6.13 -55.86
CA PRO A 647 -8.50 -5.08 -56.01
C PRO A 647 -8.62 -4.18 -54.79
N ASN A 648 -9.42 -3.12 -54.92
CA ASN A 648 -9.76 -2.20 -53.82
C ASN A 648 -10.70 -2.89 -52.85
N PRO A 649 -10.62 -2.54 -51.55
CA PRO A 649 -11.68 -3.03 -50.67
C PRO A 649 -13.04 -2.53 -51.17
N PRO A 650 -14.10 -3.33 -50.97
CA PRO A 650 -14.11 -4.57 -50.20
C PRO A 650 -13.85 -5.85 -51.03
N ALA A 651 -13.56 -5.71 -52.32
CA ALA A 651 -13.47 -6.85 -53.24
C ALA A 651 -12.37 -7.83 -52.80
N PRO A 652 -12.60 -9.15 -53.01
CA PRO A 652 -13.73 -9.76 -53.73
C PRO A 652 -14.97 -10.03 -52.87
N PHE A 653 -15.01 -9.50 -51.65
CA PHE A 653 -16.26 -9.47 -50.92
C PHE A 653 -17.12 -8.33 -51.46
N ILE A 654 -18.36 -8.27 -50.97
CA ILE A 654 -19.26 -7.16 -51.26
C ILE A 654 -19.54 -6.38 -49.96
N THR A 655 -19.97 -5.14 -50.08
CA THR A 655 -20.27 -4.32 -48.89
C THR A 655 -21.29 -5.00 -47.99
N ASN A 656 -21.01 -4.95 -46.70
CA ASN A 656 -21.85 -5.57 -45.67
C ASN A 656 -21.98 -4.56 -44.53
N SER A 657 -23.17 -4.01 -44.38
CA SER A 657 -23.36 -2.90 -43.43
C SER A 657 -23.30 -3.35 -41.97
N ASN A 658 -23.32 -4.67 -41.73
CA ASN A 658 -23.22 -5.21 -40.38
C ASN A 658 -21.77 -5.32 -39.90
N PHE A 659 -20.87 -5.63 -40.83
CA PHE A 659 -19.49 -5.97 -40.47
C PHE A 659 -18.42 -5.04 -41.03
N ASP A 660 -18.84 -4.11 -41.89
CA ASP A 660 -17.91 -3.16 -42.47
C ASP A 660 -18.07 -1.78 -41.87
N PRO A 661 -16.98 -1.02 -41.79
CA PRO A 661 -17.14 0.37 -41.35
C PRO A 661 -17.90 1.18 -42.39
N SER A 662 -18.48 2.30 -41.95
CA SER A 662 -19.24 3.19 -42.83
C SER A 662 -18.38 3.71 -43.95
N GLN A 663 -17.13 4.02 -43.62
CA GLN A 663 -16.17 4.55 -44.57
C GLN A 663 -15.14 3.48 -44.90
N LEU A 664 -15.31 2.86 -46.07
CA LEU A 664 -14.36 1.85 -46.52
C LEU A 664 -12.98 2.44 -46.82
N GLY A 665 -11.96 1.59 -46.76
CA GLY A 665 -10.60 2.00 -47.05
C GLY A 665 -10.43 2.57 -48.44
N GLN A 666 -9.52 3.53 -48.53
CA GLN A 666 -9.18 4.21 -49.78
C GLN A 666 -8.10 3.40 -50.49
N GLY A 667 -8.54 2.44 -51.31
CA GLY A 667 -7.64 1.55 -52.05
C GLY A 667 -7.00 0.44 -51.21
N ASP A 668 -6.89 0.67 -49.89
CA ASP A 668 -6.22 -0.23 -48.97
C ASP A 668 -6.98 -0.33 -47.66
N ALA A 669 -6.90 -1.49 -47.00
CA ALA A 669 -7.47 -1.73 -45.67
C ALA A 669 -7.05 -0.68 -44.62
N TRP A 670 -7.98 -0.29 -43.75
CA TRP A 670 -7.62 0.44 -42.52
C TRP A 670 -6.81 -0.49 -41.62
N ALA A 671 -5.76 0.01 -40.96
CA ALA A 671 -5.16 -0.74 -39.86
C ALA A 671 -6.15 -0.79 -38.71
N MET A 672 -6.67 0.38 -38.35
CA MET A 672 -7.64 0.48 -37.29
C MET A 672 -8.65 1.55 -37.65
N THR A 673 -9.93 1.21 -37.49
CA THR A 673 -10.99 2.20 -37.69
C THR A 673 -12.00 2.13 -36.55
N VAL A 674 -12.44 3.29 -36.10
CA VAL A 674 -13.16 3.38 -34.84
C VAL A 674 -14.44 4.18 -35.00
N GLN A 675 -15.56 3.57 -34.61
CA GLN A 675 -16.88 4.24 -34.69
C GLN A 675 -17.54 4.22 -33.33
N ASN A 676 -18.04 5.37 -32.90
CA ASN A 676 -18.91 5.48 -31.74
C ASN A 676 -18.45 4.66 -30.52
N SER A 677 -17.16 4.80 -30.19
CA SER A 677 -16.55 4.02 -29.11
C SER A 677 -16.02 4.94 -28.01
N HIS A 678 -15.93 4.44 -26.79
CA HIS A 678 -15.43 5.28 -25.71
C HIS A 678 -14.57 4.49 -24.74
N GLY A 679 -13.74 5.21 -23.98
CA GLY A 679 -12.83 4.57 -23.07
C GLY A 679 -11.88 3.62 -23.78
N ILE A 680 -11.43 4.03 -24.98
CA ILE A 680 -10.41 3.25 -25.73
C ILE A 680 -9.02 3.87 -25.57
N LEU A 681 -8.10 3.07 -25.04
CA LEU A 681 -6.72 3.47 -24.85
C LEU A 681 -5.83 2.62 -25.73
N VAL A 682 -5.25 3.23 -26.77
CA VAL A 682 -4.25 2.53 -27.60
C VAL A 682 -2.89 3.02 -27.17
N PHE A 683 -2.10 2.11 -26.59
CA PHE A 683 -0.83 2.44 -25.96
C PHE A 683 0.30 1.64 -26.65
N GLY A 684 0.78 2.21 -27.76
CA GLY A 684 1.74 1.56 -28.66
C GLY A 684 1.01 0.85 -29.78
N ALA A 685 1.31 1.26 -31.01
CA ALA A 685 0.73 0.69 -32.23
C ALA A 685 1.80 0.71 -33.32
N GLY A 686 1.78 -0.31 -34.19
CA GLY A 686 2.73 -0.40 -35.28
C GLY A 686 1.89 -0.82 -36.46
N PHE A 687 1.46 0.17 -37.27
CA PHE A 687 0.51 -0.08 -38.35
C PHE A 687 1.18 0.16 -39.71
N TYR A 688 1.35 -0.90 -40.51
CA TYR A 688 2.30 -0.86 -41.63
C TYR A 688 1.68 -1.11 -43.00
N SER A 689 2.28 -0.49 -44.02
CA SER A 689 1.93 -0.76 -45.41
C SER A 689 3.21 -0.83 -46.25
N PHE A 690 3.47 -1.98 -46.86
CA PHE A 690 4.74 -2.23 -47.56
C PHE A 690 4.65 -2.36 -49.09
N PHE A 691 3.44 -2.47 -49.63
CA PHE A 691 3.27 -2.81 -51.05
C PHE A 691 2.20 -1.99 -51.76
N SER A 692 2.33 -1.92 -53.08
CA SER A 692 1.20 -1.59 -53.95
C SER A 692 1.13 -2.74 -54.96
N ALA A 693 0.13 -3.60 -54.82
CA ALA A 693 -0.03 -4.78 -55.68
C ALA A 693 1.30 -5.55 -55.85
N TYR A 694 1.85 -6.01 -54.73
CA TYR A 694 3.11 -6.78 -54.71
C TYR A 694 4.38 -6.03 -55.12
N ASN A 695 4.25 -4.76 -55.49
CA ASN A 695 5.40 -3.94 -55.84
C ASN A 695 5.89 -3.14 -54.63
N THR A 696 7.20 -3.16 -54.37
CA THR A 696 7.78 -2.49 -53.19
C THR A 696 8.30 -1.09 -53.46
N GLY A 697 8.13 -0.59 -54.69
CA GLY A 697 8.62 0.73 -55.08
C GLY A 697 8.16 1.87 -54.18
N CYS A 698 6.93 1.75 -53.67
CA CYS A 698 6.33 2.74 -52.78
C CYS A 698 7.07 2.93 -51.45
N GLN A 699 7.92 1.97 -51.08
CA GLN A 699 8.67 2.06 -49.82
C GLN A 699 9.62 3.25 -49.81
N SER A 700 10.25 3.55 -50.95
CA SER A 700 11.15 4.69 -51.00
C SER A 700 10.45 6.04 -50.81
N PRO A 701 9.43 6.38 -51.64
CA PRO A 701 8.65 7.60 -51.39
C PRO A 701 7.75 7.56 -50.15
N GLN A 702 7.63 6.37 -49.55
CA GLN A 702 6.84 6.18 -48.32
C GLN A 702 5.37 6.52 -48.51
N ASN A 703 4.81 6.04 -49.63
CA ASN A 703 3.41 6.27 -49.96
C ASN A 703 2.68 5.01 -50.44
N CYS A 704 2.97 3.87 -49.82
CA CYS A 704 2.30 2.61 -50.17
C CYS A 704 0.78 2.68 -50.06
N GLN A 705 0.29 3.37 -49.03
CA GLN A 705 -1.13 3.75 -49.01
C GLN A 705 -1.35 5.15 -48.49
N ASN A 706 -2.54 5.67 -48.72
CA ASN A 706 -2.79 7.09 -48.44
C ASN A 706 -3.26 7.35 -47.00
N GLN A 707 -4.13 6.49 -46.48
CA GLN A 707 -4.63 6.60 -45.11
C GLN A 707 -4.58 5.23 -44.41
N ILE A 708 -4.58 5.23 -43.07
CA ILE A 708 -4.40 3.98 -42.34
C ILE A 708 -5.11 3.88 -40.98
N VAL A 709 -5.33 5.00 -40.31
CA VAL A 709 -6.10 5.00 -39.06
C VAL A 709 -7.25 5.97 -39.18
N ASN A 710 -8.46 5.48 -38.94
CA ASN A 710 -9.64 6.33 -39.02
C ASN A 710 -10.41 6.38 -37.70
N VAL A 711 -10.83 7.58 -37.31
CA VAL A 711 -11.81 7.73 -36.22
C VAL A 711 -12.94 8.63 -36.71
N ASP A 712 -14.14 8.42 -36.16
CA ASP A 712 -15.28 9.32 -36.43
C ASP A 712 -15.16 10.59 -35.57
N SER A 713 -16.18 11.45 -35.58
CA SER A 713 -16.08 12.73 -34.86
C SER A 713 -16.17 12.59 -33.36
N SER A 714 -16.90 11.58 -32.88
CA SER A 714 -17.31 11.55 -31.48
C SER A 714 -16.60 10.54 -30.57
N SER A 715 -15.95 9.53 -31.15
CA SER A 715 -15.32 8.51 -30.32
C SER A 715 -14.35 9.09 -29.28
N ASP A 716 -14.47 8.57 -28.06
CA ASP A 716 -13.56 8.86 -26.96
C ASP A 716 -12.43 7.83 -26.98
N ILE A 717 -11.39 8.16 -27.74
CA ILE A 717 -10.22 7.28 -27.94
C ILE A 717 -8.97 8.14 -27.86
N ALA A 718 -7.88 7.57 -27.34
CA ALA A 718 -6.60 8.26 -27.34
C ALA A 718 -5.56 7.29 -27.89
N PHE A 719 -4.61 7.82 -28.66
CA PHE A 719 -3.49 7.03 -29.17
C PHE A 719 -2.17 7.54 -28.60
N TYR A 720 -1.33 6.62 -28.14
CA TYR A 720 0.03 6.96 -27.66
C TYR A 720 1.02 6.09 -28.39
N SER A 721 2.11 6.70 -28.87
CA SER A 721 3.17 5.96 -29.55
C SER A 721 2.63 5.16 -30.76
N LEU A 722 1.91 5.88 -31.61
CA LEU A 722 1.34 5.33 -32.82
C LEU A 722 2.36 5.44 -33.94
N THR A 723 2.90 4.29 -34.36
CA THR A 723 3.91 4.24 -35.40
C THR A 723 3.30 3.67 -36.68
N THR A 724 3.55 4.32 -37.82
CA THR A 724 3.07 3.79 -39.10
C THR A 724 4.26 3.69 -40.06
N VAL A 725 4.10 2.91 -41.12
CA VAL A 725 5.15 2.73 -42.12
C VAL A 725 4.56 2.99 -43.50
N ASP A 726 5.25 3.85 -44.27
CA ASP A 726 4.94 4.11 -45.68
C ASP A 726 3.48 4.48 -45.98
N THR A 727 2.89 5.27 -45.09
CA THR A 727 1.52 5.81 -45.28
C THR A 727 1.56 7.33 -45.21
N THR A 728 0.94 7.99 -46.18
CA THR A 728 0.99 9.47 -46.29
C THR A 728 0.34 10.17 -45.09
N TRP A 729 -0.90 9.80 -44.83
CA TRP A 729 -1.68 10.34 -43.72
C TRP A 729 -1.72 9.28 -42.64
N GLN A 730 -0.96 9.52 -41.57
CA GLN A 730 -0.85 8.54 -40.48
C GLN A 730 -2.15 8.41 -39.69
N PHE A 731 -2.95 9.47 -39.72
CA PHE A 731 -4.12 9.54 -38.84
C PHE A 731 -5.20 10.38 -39.52
N SER A 732 -6.42 9.84 -39.54
CA SER A 732 -7.55 10.47 -40.22
C SER A 732 -8.75 10.61 -39.32
N VAL A 733 -9.52 11.67 -39.57
CA VAL A 733 -10.82 11.82 -38.91
C VAL A 733 -11.88 11.86 -40.02
N ASN A 734 -12.88 10.98 -39.95
CA ASN A 734 -13.91 10.86 -40.98
C ASN A 734 -13.33 10.64 -42.37
N ALA A 735 -12.28 9.82 -42.44
CA ALA A 735 -11.61 9.45 -43.67
C ALA A 735 -10.98 10.64 -44.43
N GLN A 736 -10.62 11.69 -43.68
CA GLN A 736 -9.85 12.80 -44.22
C GLN A 736 -8.58 12.86 -43.40
N GLY A 737 -7.44 12.81 -44.08
CA GLY A 737 -6.13 12.84 -43.44
C GLY A 737 -5.97 14.08 -42.56
N VAL A 738 -5.46 13.87 -41.35
CA VAL A 738 -5.21 14.97 -40.44
C VAL A 738 -3.71 15.10 -40.17
N ILE A 739 -3.05 13.98 -39.85
CA ILE A 739 -1.63 14.01 -39.53
C ILE A 739 -0.84 13.37 -40.65
N ASN A 740 0.01 14.17 -41.28
CA ASN A 740 0.85 13.75 -42.40
C ASN A 740 2.18 13.20 -41.88
N ARG A 741 2.60 12.06 -42.42
CA ARG A 741 3.88 11.47 -42.04
C ARG A 741 5.07 12.44 -42.17
N SER A 742 4.96 13.43 -43.06
CA SER A 742 6.05 14.39 -43.25
C SER A 742 6.39 15.12 -41.95
N ASN A 743 5.43 15.24 -41.03
CA ASN A 743 5.70 15.89 -39.75
C ASN A 743 6.38 15.02 -38.72
N ASN A 744 6.39 13.70 -38.93
CA ASN A 744 6.86 12.77 -37.90
C ASN A 744 7.90 11.75 -38.37
N PRO A 745 8.85 12.15 -39.25
CA PRO A 745 9.79 11.10 -39.70
C PRO A 745 10.68 10.65 -38.54
N ASN A 746 10.90 9.33 -38.42
CA ASN A 746 11.51 8.82 -37.20
C ASN A 746 12.40 7.61 -37.47
N GLY A 747 13.00 7.61 -38.66
CA GLY A 747 13.78 6.47 -39.14
C GLY A 747 13.05 5.83 -40.31
N PHE A 748 13.02 4.51 -40.31
CA PHE A 748 12.24 3.77 -41.30
C PHE A 748 10.75 4.06 -41.17
N ALA A 749 10.30 4.21 -39.93
CA ALA A 749 8.89 4.46 -39.65
C ALA A 749 8.66 5.92 -39.20
N ASP A 750 7.39 6.26 -39.04
CA ASP A 750 6.97 7.60 -38.63
C ASP A 750 6.10 7.43 -37.38
N THR A 751 6.25 8.34 -36.40
CA THR A 751 5.63 8.15 -35.08
C THR A 751 4.89 9.37 -34.56
N ILE A 752 3.63 9.15 -34.18
CA ILE A 752 2.82 10.11 -33.45
C ILE A 752 2.95 9.76 -31.96
N THR A 753 3.55 10.64 -31.18
CA THR A 753 3.75 10.36 -29.75
C THR A 753 2.44 10.33 -28.96
N ALA A 754 1.56 11.30 -29.22
CA ALA A 754 0.24 11.30 -28.60
C ALA A 754 -0.76 11.97 -29.50
N TRP A 755 -1.97 11.43 -29.51
CA TRP A 755 -3.16 12.10 -30.05
C TRP A 755 -4.32 11.96 -29.06
N THR A 756 -4.95 13.10 -28.77
CA THR A 756 -6.22 13.09 -28.03
C THR A 756 -7.26 13.94 -28.79
N ARG A 757 -8.52 13.72 -28.45
CA ARG A 757 -9.63 14.37 -29.16
C ARG A 757 -9.57 15.90 -28.97
N ASN A 758 -9.29 16.33 -27.73
CA ASN A 758 -9.22 17.76 -27.38
C ASN A 758 -7.80 18.17 -26.99
N LEU B 7 1.65 -8.26 53.45
CA LEU B 7 0.20 -8.08 53.80
C LEU B 7 -0.01 -7.30 55.09
N GLY B 8 -0.98 -6.38 55.06
CA GLY B 8 -1.32 -5.56 56.23
C GLY B 8 -1.70 -6.38 57.45
N SER B 9 -1.35 -5.87 58.63
CA SER B 9 -1.51 -6.59 59.90
C SER B 9 -2.97 -6.87 60.30
N THR B 10 -3.92 -6.12 59.72
CA THR B 10 -5.33 -6.31 60.08
C THR B 10 -6.03 -7.47 59.38
N CYS B 11 -5.36 -8.13 58.44
CA CYS B 11 -5.97 -9.27 57.75
C CYS B 11 -5.00 -10.45 57.60
N SER B 12 -5.55 -11.64 57.40
CA SER B 12 -4.76 -12.87 57.31
C SER B 12 -4.61 -13.34 55.89
N SER B 13 -5.47 -12.83 55.01
CA SER B 13 -5.51 -13.21 53.61
C SER B 13 -5.77 -11.94 52.81
N PRO B 14 -5.22 -11.83 51.58
CA PRO B 14 -5.45 -10.59 50.82
C PRO B 14 -6.88 -10.42 50.29
N LEU B 15 -7.34 -9.17 50.20
CA LEU B 15 -8.61 -8.85 49.55
C LEU B 15 -8.43 -9.00 48.03
N THR B 16 -9.15 -9.93 47.43
CA THR B 16 -8.98 -10.22 46.00
C THR B 16 -10.21 -9.89 45.15
N HIS B 17 -11.33 -9.59 45.80
CA HIS B 17 -12.56 -9.21 45.09
C HIS B 17 -13.47 -8.41 46.01
N GLY B 18 -14.40 -7.65 45.43
CA GLY B 18 -15.30 -6.80 46.22
C GLY B 18 -16.40 -7.52 46.98
N SER B 19 -16.87 -6.87 48.05
CA SER B 19 -17.89 -7.40 48.95
C SER B 19 -19.29 -6.85 48.66
N ALA B 20 -19.44 -6.03 47.62
CA ALA B 20 -20.74 -5.38 47.36
C ALA B 20 -21.79 -6.35 46.83
N ALA B 21 -23.03 -6.15 47.26
CA ALA B 21 -24.19 -6.82 46.64
C ALA B 21 -24.45 -6.15 45.29
N PRO B 22 -24.81 -6.94 44.25
CA PRO B 22 -25.06 -6.37 42.91
C PRO B 22 -25.99 -5.15 42.89
N GLY B 23 -27.04 -5.18 43.72
CA GLY B 23 -27.98 -4.06 43.79
C GLY B 23 -27.55 -2.85 44.59
N ASP B 24 -26.36 -2.90 45.19
CA ASP B 24 -25.84 -1.75 45.94
C ASP B 24 -25.39 -0.66 44.98
N PRO B 25 -25.56 0.63 45.36
CA PRO B 25 -25.01 1.67 44.49
C PRO B 25 -23.48 1.54 44.44
N PHE B 26 -22.89 2.10 43.38
CA PHE B 26 -21.44 2.19 43.27
C PHE B 26 -20.86 2.79 44.55
N TRP B 27 -19.73 2.22 45.02
CA TRP B 27 -19.11 2.59 46.31
C TRP B 27 -18.92 4.08 46.53
N LEU B 28 -18.61 4.81 45.46
CA LEU B 28 -18.28 6.24 45.57
C LEU B 28 -19.46 7.07 46.10
N GLN B 29 -20.69 6.60 45.91
CA GLN B 29 -21.86 7.32 46.43
C GLN B 29 -21.84 7.40 47.97
N ASN B 30 -21.55 6.27 48.61
CA ASN B 30 -21.78 6.14 50.06
C ASN B 30 -20.54 6.08 50.92
N ILE B 31 -19.37 6.06 50.29
CA ILE B 31 -18.12 6.16 51.06
C ILE B 31 -18.14 7.49 51.83
N GLN B 32 -17.54 7.53 53.01
CA GLN B 32 -17.47 8.78 53.76
C GLN B 32 -16.80 9.90 52.94
N HIS B 33 -17.41 11.09 52.97
CA HIS B 33 -16.86 12.18 52.16
C HIS B 33 -16.12 13.16 53.07
N GLN B 34 -14.79 13.07 53.03
CA GLN B 34 -13.94 13.83 53.96
C GLN B 34 -12.83 14.62 53.26
N GLY B 35 -12.99 14.83 51.96
CA GLY B 35 -12.00 15.55 51.19
C GLY B 35 -11.80 16.97 51.70
N ILE B 36 -10.57 17.41 51.62
CA ILE B 36 -10.27 18.82 51.85
C ILE B 36 -9.41 19.42 50.73
N ALA B 37 -9.71 20.68 50.44
CA ALA B 37 -8.88 21.49 49.59
C ALA B 37 -7.96 22.27 50.53
N ALA B 38 -6.77 21.74 50.75
CA ALA B 38 -5.86 22.24 51.81
C ALA B 38 -5.53 23.73 51.74
N PHE B 39 -5.33 24.23 50.52
CA PHE B 39 -4.89 25.60 50.33
C PHE B 39 -5.98 26.50 49.78
N ASN B 40 -7.21 26.01 49.91
CA ASN B 40 -8.42 26.80 49.62
C ASN B 40 -8.55 27.89 50.69
N GLY B 41 -9.25 28.98 50.36
CA GLY B 41 -9.47 30.06 51.33
C GLY B 41 -10.27 29.65 52.55
N ASN B 42 -11.08 28.61 52.41
CA ASN B 42 -11.85 28.09 53.53
C ASN B 42 -11.91 26.55 53.52
N PRO B 43 -10.79 25.89 53.88
CA PRO B 43 -10.73 24.42 53.83
C PRO B 43 -11.85 23.74 54.62
N GLY B 44 -12.25 24.34 55.75
CA GLY B 44 -13.30 23.76 56.57
C GLY B 44 -14.74 23.90 56.06
N GLY B 45 -14.95 24.78 55.09
CA GLY B 45 -16.31 25.03 54.56
C GLY B 45 -16.50 24.66 53.10
N TYR B 46 -15.40 24.30 52.44
CA TYR B 46 -15.42 24.06 50.99
C TYR B 46 -15.58 22.56 50.73
N PRO B 47 -16.70 22.15 50.10
CA PRO B 47 -16.94 20.73 49.89
C PRO B 47 -16.22 20.21 48.63
N VAL B 48 -15.49 19.11 48.76
CA VAL B 48 -14.83 18.55 47.57
C VAL B 48 -15.80 17.70 46.75
N PHE B 49 -16.58 16.88 47.44
CA PHE B 49 -17.51 15.94 46.81
C PHE B 49 -18.90 16.57 46.72
N ARG B 50 -19.51 16.49 45.54
CA ARG B 50 -20.86 17.00 45.35
C ARG B 50 -21.74 15.99 44.63
N ASN B 51 -22.72 15.43 45.34
CA ASN B 51 -23.73 14.58 44.67
C ASN B 51 -24.81 15.48 44.03
N VAL B 52 -24.96 15.38 42.71
CA VAL B 52 -25.93 16.24 41.99
C VAL B 52 -27.34 16.22 42.58
N LYS B 53 -27.76 15.07 43.09
CA LYS B 53 -29.08 14.97 43.73
C LYS B 53 -29.20 15.82 45.01
N ASN B 54 -28.09 16.05 45.69
CA ASN B 54 -28.06 16.94 46.85
C ASN B 54 -28.20 18.42 46.46
N TYR B 55 -28.05 18.71 45.17
CA TYR B 55 -28.20 20.08 44.65
C TYR B 55 -29.47 20.21 43.80
N GLY B 56 -30.39 19.27 43.98
CA GLY B 56 -31.72 19.38 43.40
C GLY B 56 -32.00 18.63 42.11
N ALA B 57 -31.03 17.89 41.60
CA ALA B 57 -31.22 17.11 40.37
C ALA B 57 -32.17 15.93 40.60
N LYS B 58 -33.16 15.76 39.73
CA LYS B 58 -34.17 14.71 39.87
C LYS B 58 -33.77 13.38 39.24
N GLY B 59 -33.13 13.46 38.07
CA GLY B 59 -32.75 12.27 37.31
C GLY B 59 -33.94 11.47 36.83
N ASP B 60 -35.05 12.16 36.53
CA ASP B 60 -36.27 11.49 36.09
C ASP B 60 -36.53 11.59 34.60
N GLY B 61 -35.61 12.19 33.86
CA GLY B 61 -35.70 12.33 32.42
C GLY B 61 -36.71 13.35 31.91
N ASN B 62 -37.39 14.03 32.83
CA ASN B 62 -38.40 15.04 32.45
C ASN B 62 -38.10 16.41 33.06
N THR B 63 -37.79 16.41 34.35
CA THR B 63 -37.34 17.62 35.02
C THR B 63 -36.05 18.09 34.35
N ASP B 64 -35.98 19.37 34.01
CA ASP B 64 -34.74 19.96 33.51
C ASP B 64 -33.73 20.09 34.66
N ASP B 65 -32.69 19.25 34.62
CA ASP B 65 -31.73 19.16 35.72
C ASP B 65 -30.45 19.99 35.50
N THR B 66 -30.41 20.78 34.43
CA THR B 66 -29.21 21.55 34.05
C THR B 66 -28.69 22.42 35.20
N ALA B 67 -29.58 23.24 35.74
CA ALA B 67 -29.21 24.17 36.82
C ALA B 67 -28.69 23.47 38.06
N ALA B 68 -29.38 22.41 38.48
CA ALA B 68 -28.98 21.60 39.64
C ALA B 68 -27.57 21.02 39.46
N ILE B 69 -27.32 20.41 38.29
CA ILE B 69 -25.98 19.89 38.00
C ILE B 69 -24.92 21.01 38.03
N GLN B 70 -25.25 22.16 37.44
CA GLN B 70 -24.29 23.27 37.42
C GLN B 70 -24.00 23.83 38.81
N ALA B 71 -24.99 23.77 39.71
CA ALA B 71 -24.72 24.13 41.13
C ALA B 71 -23.73 23.16 41.80
N ALA B 72 -23.91 21.86 41.55
CA ALA B 72 -22.98 20.87 42.06
C ALA B 72 -21.56 21.11 41.56
N ILE B 73 -21.43 21.56 40.32
CA ILE B 73 -20.15 22.00 39.75
C ILE B 73 -19.68 23.32 40.39
N ASN B 74 -20.57 24.30 40.47
CA ASN B 74 -20.16 25.66 40.83
C ASN B 74 -19.99 25.92 42.32
N ALA B 75 -20.52 25.04 43.16
CA ALA B 75 -20.53 25.29 44.62
C ALA B 75 -19.16 25.61 45.16
N GLY B 76 -19.12 26.61 46.04
CA GLY B 76 -17.93 26.88 46.87
C GLY B 76 -17.07 28.03 46.40
N GLY B 77 -17.42 28.62 45.26
CA GLY B 77 -16.62 29.71 44.70
C GLY B 77 -15.40 29.14 44.01
N ARG B 78 -15.56 28.83 42.73
CA ARG B 78 -14.53 28.06 42.03
C ARG B 78 -13.89 28.89 40.93
N CYS B 79 -13.06 28.25 40.11
CA CYS B 79 -12.25 28.97 39.14
C CYS B 79 -13.02 29.13 37.83
N GLY B 80 -13.72 30.25 37.68
CA GLY B 80 -14.50 30.51 36.48
C GLY B 80 -13.96 31.67 35.68
N GLN B 81 -14.86 32.48 35.13
CA GLN B 81 -14.44 33.64 34.34
C GLN B 81 -13.53 34.52 35.17
N GLY B 82 -12.42 34.95 34.57
CA GLY B 82 -11.48 35.82 35.28
C GLY B 82 -10.39 35.07 36.02
N CYS B 83 -10.49 33.75 36.07
CA CYS B 83 -9.49 32.93 36.76
C CYS B 83 -8.80 32.03 35.72
N ASP B 84 -7.48 32.08 35.69
CA ASP B 84 -6.67 31.37 34.68
C ASP B 84 -6.66 29.86 34.87
N SER B 85 -6.72 29.43 36.12
CA SER B 85 -6.36 28.07 36.53
C SER B 85 -6.34 28.00 38.05
N THR B 86 -6.37 26.79 38.58
CA THR B 86 -6.32 26.57 40.01
C THR B 86 -5.94 25.13 40.30
N THR B 87 -5.35 24.92 41.49
CA THR B 87 -5.32 23.60 42.12
C THR B 87 -6.00 23.61 43.50
N THR B 88 -6.61 24.75 43.87
CA THR B 88 -7.18 24.92 45.20
C THR B 88 -8.70 24.89 45.29
N GLN B 89 -9.34 24.62 44.14
CA GLN B 89 -10.79 24.63 44.05
C GLN B 89 -11.25 23.40 43.27
N PRO B 90 -10.97 22.19 43.79
CA PRO B 90 -11.34 20.96 43.08
C PRO B 90 -12.83 20.62 43.29
N ALA B 91 -13.39 19.80 42.41
CA ALA B 91 -14.73 19.28 42.64
C ALA B 91 -14.87 17.91 42.02
N LEU B 92 -15.39 16.96 42.80
CA LEU B 92 -15.83 15.68 42.27
C LEU B 92 -17.36 15.76 42.25
N VAL B 93 -17.90 15.87 41.05
CA VAL B 93 -19.35 16.03 40.87
C VAL B 93 -19.91 14.65 40.52
N TYR B 94 -20.71 14.09 41.42
CA TYR B 94 -21.12 12.69 41.35
C TYR B 94 -22.58 12.49 40.92
N PHE B 95 -22.80 11.53 40.02
CA PHE B 95 -24.12 11.29 39.44
C PHE B 95 -24.60 9.87 39.74
N PRO B 96 -25.57 9.72 40.66
CA PRO B 96 -26.20 8.42 40.87
C PRO B 96 -26.99 8.02 39.60
N PRO B 97 -27.41 6.74 39.50
CA PRO B 97 -28.16 6.29 38.33
C PRO B 97 -29.39 7.19 38.10
N GLY B 98 -29.73 7.39 36.83
CA GLY B 98 -30.87 8.24 36.51
C GLY B 98 -30.66 8.81 35.12
N THR B 99 -31.68 9.51 34.65
CA THR B 99 -31.64 10.14 33.34
C THR B 99 -31.80 11.64 33.58
N TYR B 100 -30.73 12.38 33.30
CA TYR B 100 -30.69 13.80 33.64
C TYR B 100 -30.91 14.62 32.39
N LYS B 101 -32.09 15.23 32.29
CA LYS B 101 -32.40 16.05 31.13
C LYS B 101 -31.65 17.39 31.23
N VAL B 102 -30.92 17.74 30.17
CA VAL B 102 -30.18 19.00 30.14
C VAL B 102 -30.53 19.79 28.87
N SER B 103 -30.62 21.12 29.01
CA SER B 103 -31.03 21.98 27.88
C SER B 103 -30.02 23.03 27.47
N SER B 104 -28.93 23.15 28.23
CA SER B 104 -27.84 24.04 27.87
C SER B 104 -26.53 23.43 28.43
N PRO B 105 -25.38 23.91 27.98
CA PRO B 105 -24.15 23.20 28.35
C PRO B 105 -23.87 23.15 29.85
N LEU B 106 -23.37 22.00 30.30
CA LEU B 106 -22.79 21.89 31.63
C LEU B 106 -21.35 22.35 31.52
N VAL B 107 -21.06 23.46 32.19
CA VAL B 107 -19.71 24.04 32.14
C VAL B 107 -18.85 23.35 33.19
N VAL B 108 -17.90 22.56 32.70
CA VAL B 108 -17.00 21.82 33.57
C VAL B 108 -15.77 22.69 33.87
N LEU B 109 -15.84 23.36 35.01
CA LEU B 109 -14.83 24.34 35.38
C LEU B 109 -13.49 23.68 35.62
N TYR B 110 -12.44 24.49 35.63
CA TYR B 110 -11.10 24.04 35.98
C TYR B 110 -11.10 23.12 37.22
N GLN B 111 -10.38 22.00 37.12
CA GLN B 111 -10.19 21.07 38.26
C GLN B 111 -11.49 20.39 38.69
N THR B 112 -12.31 20.00 37.71
CA THR B 112 -13.55 19.29 37.96
C THR B 112 -13.52 17.90 37.36
N GLN B 113 -14.06 16.93 38.11
CA GLN B 113 -14.39 15.63 37.53
C GLN B 113 -15.90 15.39 37.61
N LEU B 114 -16.49 14.94 36.51
CA LEU B 114 -17.87 14.48 36.49
C LEU B 114 -17.78 12.96 36.50
N ILE B 115 -18.40 12.33 37.49
CA ILE B 115 -18.29 10.86 37.62
C ILE B 115 -19.66 10.26 37.88
N GLY B 116 -20.04 9.31 37.03
CA GLY B 116 -21.30 8.59 37.21
C GLY B 116 -21.12 7.26 37.93
N ASP B 117 -22.22 6.75 38.49
CA ASP B 117 -22.26 5.39 39.03
C ASP B 117 -21.78 4.42 37.94
N ALA B 118 -20.71 3.69 38.23
CA ALA B 118 -20.08 2.79 37.25
C ALA B 118 -20.81 1.46 37.04
N LYS B 119 -21.77 1.17 37.93
CA LYS B 119 -22.52 -0.09 37.88
C LYS B 119 -23.76 0.05 37.00
N ASN B 120 -24.37 1.23 37.05
CA ASN B 120 -25.54 1.55 36.25
C ASN B 120 -25.37 2.97 35.76
N LEU B 121 -24.75 3.11 34.59
CA LEU B 121 -24.37 4.42 34.06
C LEU B 121 -25.55 5.40 33.95
N PRO B 122 -25.41 6.58 34.58
CA PRO B 122 -26.41 7.63 34.42
C PRO B 122 -26.40 8.16 32.98
N THR B 123 -27.56 8.61 32.49
CA THR B 123 -27.68 9.17 31.17
C THR B 123 -27.82 10.70 31.27
N LEU B 124 -26.98 11.42 30.53
CA LEU B 124 -27.17 12.84 30.29
C LEU B 124 -27.97 12.94 28.99
N LEU B 125 -29.20 13.43 29.11
CA LEU B 125 -30.14 13.41 28.00
C LEU B 125 -30.37 14.81 27.43
N ALA B 126 -29.96 15.03 26.19
CA ALA B 126 -30.16 16.35 25.59
C ALA B 126 -31.65 16.61 25.38
N ALA B 127 -32.14 17.70 25.96
CA ALA B 127 -33.50 18.15 25.69
C ALA B 127 -33.71 18.39 24.19
N PRO B 128 -34.95 18.17 23.68
CA PRO B 128 -35.23 18.44 22.26
C PRO B 128 -34.85 19.86 21.85
N ASN B 129 -34.97 20.80 22.78
CA ASN B 129 -34.64 22.19 22.52
C ASN B 129 -33.24 22.58 23.00
N PHE B 130 -32.36 21.58 23.18
CA PHE B 130 -30.98 21.87 23.59
C PHE B 130 -30.31 22.97 22.77
N SER B 131 -29.66 23.90 23.46
CA SER B 131 -28.92 24.96 22.78
C SER B 131 -27.56 25.14 23.44
N GLY B 132 -26.51 25.26 22.62
CA GLY B 132 -25.16 25.50 23.12
C GLY B 132 -24.14 24.65 22.38
N ILE B 133 -22.87 24.88 22.67
CA ILE B 133 -21.79 24.25 21.90
C ILE B 133 -21.80 22.71 22.04
N ALA B 134 -22.13 22.23 23.24
CA ALA B 134 -22.12 20.79 23.55
C ALA B 134 -22.78 20.56 24.89
N LEU B 135 -23.14 19.32 25.19
CA LEU B 135 -23.79 19.03 26.45
C LEU B 135 -22.81 19.29 27.62
N ILE B 136 -21.53 18.98 27.41
CA ILE B 136 -20.47 19.23 28.42
C ILE B 136 -19.45 20.19 27.78
N ASP B 137 -19.11 21.27 28.48
CA ASP B 137 -18.27 22.30 27.87
C ASP B 137 -17.08 22.55 28.78
N ALA B 138 -15.88 22.16 28.33
CA ALA B 138 -14.66 22.28 29.15
C ALA B 138 -13.92 23.64 29.02
N ASP B 139 -14.38 24.49 28.11
CA ASP B 139 -13.80 25.82 27.93
C ASP B 139 -14.75 26.75 27.17
N PRO B 140 -15.70 27.36 27.89
CA PRO B 140 -16.69 28.21 27.24
C PRO B 140 -16.11 29.43 26.51
N TYR B 141 -16.75 29.75 25.40
CA TYR B 141 -16.49 30.98 24.65
C TYR B 141 -17.38 32.10 25.17
N LEU B 142 -16.82 33.30 25.20
CA LEU B 142 -17.52 34.52 25.58
C LEU B 142 -17.59 35.49 24.38
N ALA B 143 -18.10 36.70 24.62
CA ALA B 143 -18.18 37.74 23.59
C ALA B 143 -16.80 38.11 23.06
N GLY B 144 -16.71 38.31 21.76
CA GLY B 144 -15.46 38.68 21.11
C GLY B 144 -14.54 37.49 20.92
N GLY B 145 -15.07 36.29 21.22
CA GLY B 145 -14.32 35.05 21.08
C GLY B 145 -13.30 34.80 22.18
N ALA B 146 -13.37 35.57 23.26
CA ALA B 146 -12.61 35.30 24.48
C ALA B 146 -13.09 33.96 25.02
N GLN B 147 -12.28 33.31 25.87
CA GLN B 147 -12.71 32.07 26.54
C GLN B 147 -12.37 32.10 28.04
N TYR B 148 -13.00 31.21 28.80
CA TYR B 148 -12.63 31.04 30.20
C TYR B 148 -11.13 30.78 30.39
N TYR B 149 -10.58 29.84 29.61
CA TYR B 149 -9.22 29.33 29.85
C TYR B 149 -8.43 29.27 28.56
N VAL B 150 -7.13 29.50 28.67
CA VAL B 150 -6.20 29.33 27.54
C VAL B 150 -6.13 27.83 27.23
N ASN B 151 -6.42 27.44 25.99
CA ASN B 151 -6.56 26.02 25.69
C ASN B 151 -5.33 25.19 26.09
N GLN B 152 -4.15 25.75 25.87
CA GLN B 152 -2.88 25.05 26.19
C GLN B 152 -2.64 24.86 27.70
N ASN B 153 -3.40 25.59 28.51
CA ASN B 153 -3.35 25.53 29.99
C ASN B 153 -4.60 24.90 30.62
N ASN B 154 -5.40 24.23 29.80
CA ASN B 154 -6.68 23.73 30.29
C ASN B 154 -6.52 22.30 30.79
N PHE B 155 -5.97 22.21 32.00
CA PHE B 155 -5.58 20.94 32.66
C PHE B 155 -6.65 20.49 33.65
N PHE B 156 -6.49 19.27 34.17
CA PHE B 156 -7.25 18.77 35.34
C PHE B 156 -8.76 18.74 35.08
N ARG B 157 -9.19 17.79 34.26
CA ARG B 157 -10.60 17.64 33.89
C ARG B 157 -10.83 16.20 33.53
N SER B 158 -11.92 15.60 34.05
CA SER B 158 -12.26 14.23 33.68
C SER B 158 -13.77 14.09 33.57
N VAL B 159 -14.21 13.21 32.68
CA VAL B 159 -15.62 12.79 32.62
C VAL B 159 -15.59 11.27 32.56
N ARG B 160 -16.31 10.62 33.48
CA ARG B 160 -16.30 9.15 33.58
C ARG B 160 -17.69 8.55 33.82
N ASN B 161 -18.03 7.48 33.08
CA ASN B 161 -19.20 6.63 33.37
C ASN B 161 -20.53 7.32 33.07
N PHE B 162 -20.78 7.58 31.79
CA PHE B 162 -22.03 8.20 31.36
C PHE B 162 -22.50 7.61 30.06
N VAL B 163 -23.82 7.62 29.89
CA VAL B 163 -24.38 7.58 28.55
C VAL B 163 -24.71 9.03 28.21
N ILE B 164 -24.25 9.51 27.06
CA ILE B 164 -24.63 10.84 26.58
C ILE B 164 -25.55 10.66 25.38
N ASP B 165 -26.82 11.05 25.53
CA ASP B 165 -27.84 10.71 24.56
C ASP B 165 -28.34 11.99 23.88
N LEU B 166 -28.07 12.08 22.57
CA LEU B 166 -28.41 13.27 21.78
C LEU B 166 -29.61 13.04 20.89
N ARG B 167 -30.22 11.86 20.99
CA ARG B 167 -31.20 11.41 19.99
C ARG B 167 -32.51 12.23 19.94
N GLN B 168 -32.78 12.98 21.00
CA GLN B 168 -33.97 13.85 21.04
C GLN B 168 -33.82 15.19 20.32
N VAL B 169 -32.60 15.53 19.92
CA VAL B 169 -32.32 16.83 19.28
C VAL B 169 -32.46 16.73 17.76
N SER B 170 -33.40 17.47 17.18
CA SER B 170 -33.68 17.29 15.75
C SER B 170 -32.56 17.81 14.84
N GLY B 171 -31.87 18.85 15.29
CA GLY B 171 -30.82 19.49 14.49
C GLY B 171 -29.45 19.13 15.04
N SER B 172 -28.51 20.08 14.94
CA SER B 172 -27.12 19.78 15.38
C SER B 172 -27.03 19.66 16.89
N ALA B 173 -26.19 18.73 17.33
CA ALA B 173 -25.93 18.54 18.76
C ALA B 173 -24.56 17.92 18.90
N THR B 174 -23.83 18.32 19.94
CA THR B 174 -22.49 17.76 20.26
C THR B 174 -22.46 17.30 21.72
N GLY B 175 -21.82 16.16 21.96
CA GLY B 175 -21.76 15.61 23.31
C GLY B 175 -20.83 16.37 24.23
N ILE B 176 -19.57 16.53 23.81
CA ILE B 176 -18.56 17.13 24.67
C ILE B 176 -17.68 18.06 23.86
N HIS B 177 -17.55 19.30 24.34
CA HIS B 177 -16.56 20.25 23.87
C HIS B 177 -15.28 20.04 24.69
N TRP B 178 -14.41 19.18 24.18
CA TRP B 178 -13.26 18.68 24.94
C TRP B 178 -11.98 19.40 24.49
N GLN B 179 -12.00 20.72 24.63
CA GLN B 179 -10.87 21.57 24.28
C GLN B 179 -9.94 21.57 25.50
N VAL B 180 -9.05 20.58 25.56
CA VAL B 180 -8.27 20.35 26.77
C VAL B 180 -6.80 20.07 26.52
N SER B 181 -6.01 20.17 27.58
CA SER B 181 -4.61 19.78 27.50
C SER B 181 -4.28 18.59 28.44
N GLN B 182 -3.13 18.62 29.12
CA GLN B 182 -2.67 17.43 29.86
C GLN B 182 -3.41 17.22 31.18
N ALA B 183 -3.23 16.02 31.77
CA ALA B 183 -3.91 15.63 33.01
C ALA B 183 -5.42 15.77 32.87
N THR B 184 -5.92 15.29 31.72
CA THR B 184 -7.35 15.20 31.49
C THR B 184 -7.67 13.77 31.04
N SER B 185 -8.91 13.35 31.22
CA SER B 185 -9.30 12.03 30.68
C SER B 185 -10.80 11.97 30.44
N LEU B 186 -11.17 11.23 29.40
CA LEU B 186 -12.54 10.73 29.29
C LEU B 186 -12.42 9.21 29.46
N ILE B 187 -13.34 8.63 30.22
CA ILE B 187 -13.31 7.19 30.53
C ILE B 187 -14.72 6.62 30.55
N ASN B 188 -14.97 5.54 29.79
CA ASN B 188 -16.20 4.76 29.96
C ASN B 188 -17.45 5.60 29.65
N ILE B 189 -17.53 6.10 28.43
CA ILE B 189 -18.68 6.90 27.99
C ILE B 189 -19.25 6.28 26.74
N VAL B 190 -20.57 6.17 26.71
CA VAL B 190 -21.27 5.73 25.51
C VAL B 190 -22.06 6.90 24.93
N PHE B 191 -21.82 7.21 23.66
CA PHE B 191 -22.48 8.33 23.01
C PHE B 191 -23.59 7.76 22.16
N GLN B 192 -24.83 8.16 22.44
CA GLN B 192 -25.96 7.64 21.65
C GLN B 192 -26.45 8.76 20.75
N MET B 193 -26.37 8.55 19.44
CA MET B 193 -26.69 9.61 18.51
C MET B 193 -27.60 9.10 17.42
N SER B 194 -28.19 10.04 16.69
CA SER B 194 -29.12 9.65 15.62
C SER B 194 -28.41 8.92 14.46
N THR B 195 -29.12 7.98 13.83
CA THR B 195 -28.62 7.39 12.58
C THR B 195 -29.49 7.81 11.39
N ALA B 196 -30.32 8.83 11.61
CA ALA B 196 -31.21 9.33 10.55
C ALA B 196 -30.38 9.97 9.45
N ALA B 197 -30.77 9.76 8.19
CA ALA B 197 -30.10 10.40 7.06
C ALA B 197 -30.03 11.90 7.26
N GLY B 198 -28.83 12.45 7.12
CA GLY B 198 -28.60 13.89 7.24
C GLY B 198 -28.55 14.44 8.66
N ASN B 199 -28.55 13.58 9.69
CA ASN B 199 -28.47 14.10 11.07
C ASN B 199 -27.14 14.85 11.24
N GLN B 200 -27.12 15.77 12.20
CA GLN B 200 -25.95 16.61 12.45
C GLN B 200 -25.49 16.41 13.87
N HIS B 201 -25.48 15.16 14.32
CA HIS B 201 -24.99 14.84 15.66
C HIS B 201 -23.49 14.51 15.63
N GLN B 202 -22.82 14.85 16.72
CA GLN B 202 -21.35 14.76 16.82
C GLN B 202 -21.01 14.42 18.27
N GLY B 203 -20.14 13.44 18.50
CA GLY B 203 -19.88 12.97 19.86
C GLY B 203 -19.00 13.94 20.62
N ILE B 204 -17.84 14.24 20.04
CA ILE B 204 -16.84 15.16 20.61
C ILE B 204 -16.46 16.23 19.59
N PHE B 205 -16.35 17.47 20.08
CA PHE B 205 -15.76 18.56 19.32
C PHE B 205 -14.56 19.04 20.10
N MET B 206 -13.38 18.95 19.48
CA MET B 206 -12.13 19.42 20.06
C MET B 206 -11.40 20.20 18.99
N GLU B 207 -11.21 21.51 19.18
CA GLU B 207 -10.66 22.36 18.13
C GLU B 207 -9.16 22.67 18.24
N ASN B 208 -8.63 22.63 19.46
CA ASN B 208 -7.20 22.86 19.72
C ASN B 208 -6.85 22.39 21.14
N GLY B 209 -5.60 22.61 21.56
CA GLY B 209 -5.13 22.17 22.86
C GLY B 209 -3.80 21.45 22.80
N SER B 210 -3.37 20.93 23.95
CA SER B 210 -2.08 20.25 24.07
C SER B 210 -2.30 19.00 24.94
N GLY B 211 -2.89 17.96 24.35
CA GLY B 211 -3.28 16.77 25.14
C GLY B 211 -2.11 15.86 25.51
N GLY B 212 -2.38 14.77 26.20
CA GLY B 212 -3.72 14.38 26.60
C GLY B 212 -3.94 12.90 26.41
N PHE B 213 -4.85 12.36 27.19
CA PHE B 213 -5.25 10.96 27.02
C PHE B 213 -6.76 10.81 27.09
N LEU B 214 -7.34 10.00 26.21
CA LEU B 214 -8.72 9.60 26.42
C LEU B 214 -8.96 8.15 25.96
N GLY B 215 -9.94 7.49 26.56
CA GLY B 215 -10.16 6.08 26.23
C GLY B 215 -11.44 5.42 26.70
N ASP B 216 -11.65 4.21 26.19
CA ASP B 216 -12.76 3.35 26.61
C ASP B 216 -14.09 4.06 26.33
N LEU B 217 -14.27 4.44 25.06
CA LEU B 217 -15.47 5.14 24.64
C LEU B 217 -16.17 4.36 23.54
N VAL B 218 -17.48 4.48 23.51
CA VAL B 218 -18.26 3.84 22.43
C VAL B 218 -19.14 4.91 21.79
N PHE B 219 -19.14 5.00 20.47
CA PHE B 219 -19.94 6.00 19.76
C PHE B 219 -20.93 5.24 18.89
N ASN B 220 -22.21 5.53 19.06
CA ASN B 220 -23.25 4.89 18.25
C ASN B 220 -23.96 5.94 17.41
N GLY B 221 -23.83 5.85 16.09
CA GLY B 221 -24.48 6.81 15.22
C GLY B 221 -23.77 8.14 15.02
N GLY B 222 -24.53 9.12 14.57
CA GLY B 222 -24.03 10.47 14.35
C GLY B 222 -23.41 10.72 12.99
N ASN B 223 -23.33 12.00 12.64
CA ASN B 223 -22.60 12.45 11.49
C ASN B 223 -21.09 12.29 11.69
N ILE B 224 -20.63 12.67 12.88
CA ILE B 224 -19.19 12.59 13.19
C ILE B 224 -19.05 12.03 14.59
N GLY B 225 -18.23 10.99 14.76
CA GLY B 225 -17.98 10.46 16.10
C GLY B 225 -17.27 11.51 16.93
N ALA B 226 -16.11 11.94 16.44
CA ALA B 226 -15.28 12.92 17.11
C ALA B 226 -14.56 13.81 16.08
N THR B 227 -14.68 15.12 16.26
CA THR B 227 -13.84 16.04 15.53
C THR B 227 -12.69 16.36 16.47
N PHE B 228 -11.48 16.04 16.01
CA PHE B 228 -10.26 16.25 16.77
C PHE B 228 -9.30 17.23 16.11
N GLY B 229 -8.85 18.21 16.91
CA GLY B 229 -7.84 19.17 16.51
C GLY B 229 -7.09 19.53 17.78
N ASN B 230 -5.81 19.21 17.82
CA ASN B 230 -4.99 19.35 19.05
C ASN B 230 -3.55 19.02 18.70
N GLN B 231 -2.57 19.61 19.40
CA GLN B 231 -1.18 19.30 19.11
C GLN B 231 -0.91 17.80 19.12
N GLN B 232 -1.35 17.13 20.19
CA GLN B 232 -1.06 15.71 20.38
C GLN B 232 -2.03 15.09 21.37
N PHE B 233 -2.29 13.81 21.21
CA PHE B 233 -3.15 13.09 22.13
C PHE B 233 -2.86 11.62 21.94
N THR B 234 -3.16 10.83 22.96
CA THR B 234 -3.21 9.38 22.83
C THR B 234 -4.63 8.94 23.12
N VAL B 235 -5.11 8.05 22.25
CA VAL B 235 -6.50 7.62 22.29
C VAL B 235 -6.47 6.10 22.27
N ARG B 236 -7.17 5.47 23.23
CA ARG B 236 -7.09 4.01 23.40
C ARG B 236 -8.48 3.42 23.58
N ASN B 237 -8.78 2.38 22.80
CA ASN B 237 -10.05 1.66 22.93
C ASN B 237 -11.25 2.56 22.66
N LEU B 238 -11.36 3.04 21.43
CA LEU B 238 -12.55 3.77 21.00
C LEU B 238 -13.22 2.91 19.97
N THR B 239 -14.54 2.78 20.07
CA THR B 239 -15.32 2.02 19.09
C THR B 239 -16.37 2.94 18.48
N PHE B 240 -16.48 2.94 17.14
CA PHE B 240 -17.46 3.76 16.45
C PHE B 240 -18.34 2.84 15.64
N ASN B 241 -19.66 2.99 15.81
CA ASN B 241 -20.64 2.18 15.10
C ASN B 241 -21.58 3.10 14.32
N ASN B 242 -21.71 2.87 13.01
CA ASN B 242 -22.74 3.57 12.22
C ASN B 242 -22.65 5.09 12.18
N ALA B 243 -21.43 5.63 12.18
CA ALA B 243 -21.24 7.05 11.96
C ALA B 243 -21.08 7.30 10.45
N ASN B 244 -21.33 8.53 10.02
CA ASN B 244 -20.91 8.94 8.71
C ASN B 244 -19.38 8.93 8.65
N THR B 245 -18.77 9.75 9.50
CA THR B 245 -17.32 9.78 9.67
C THR B 245 -17.04 9.48 11.14
N ALA B 246 -16.22 8.47 11.41
CA ALA B 246 -15.89 8.17 12.80
C ALA B 246 -15.08 9.33 13.40
N ILE B 247 -13.99 9.68 12.73
CA ILE B 247 -13.00 10.64 13.24
C ILE B 247 -12.69 11.69 12.18
N ASN B 248 -13.02 12.92 12.52
CA ASN B 248 -12.78 14.07 11.67
C ASN B 248 -11.56 14.79 12.25
N ALA B 249 -10.39 14.49 11.72
CA ALA B 249 -9.15 15.06 12.25
C ALA B 249 -8.78 16.29 11.46
N ILE B 250 -8.96 17.46 12.08
CA ILE B 250 -8.75 18.75 11.41
C ILE B 250 -7.31 19.29 11.43
N TRP B 251 -6.58 19.07 12.52
CA TRP B 251 -5.17 19.40 12.59
C TRP B 251 -4.53 18.69 13.75
N ASN B 252 -3.24 18.44 13.63
CA ASN B 252 -2.43 18.05 14.75
C ASN B 252 -0.96 18.24 14.44
N TRP B 253 -0.10 18.00 15.44
CA TRP B 253 1.30 17.78 15.13
C TRP B 253 1.53 16.27 15.07
N GLY B 254 0.92 15.53 15.99
CA GLY B 254 1.04 14.05 15.99
C GLY B 254 0.19 13.41 17.07
N TRP B 255 -0.59 12.39 16.70
CA TRP B 255 -1.34 11.59 17.69
C TRP B 255 -1.02 10.10 17.56
N THR B 256 -1.33 9.35 18.62
CA THR B 256 -1.33 7.90 18.58
C THR B 256 -2.71 7.37 18.91
N PHE B 257 -3.21 6.50 18.04
CA PHE B 257 -4.50 5.80 18.21
C PHE B 257 -4.22 4.33 18.43
N GLN B 258 -4.73 3.77 19.52
CA GLN B 258 -4.46 2.38 19.92
C GLN B 258 -5.77 1.66 20.15
N ARG B 259 -5.94 0.48 19.55
CA ARG B 259 -7.14 -0.34 19.77
C ARG B 259 -8.42 0.39 19.35
N ILE B 260 -8.48 0.77 18.08
CA ILE B 260 -9.66 1.43 17.53
C ILE B 260 -10.51 0.41 16.80
N THR B 261 -11.83 0.54 16.92
CA THR B 261 -12.74 -0.31 16.16
C THR B 261 -13.73 0.58 15.44
N ILE B 262 -13.91 0.36 14.12
CA ILE B 262 -14.80 1.18 13.32
C ILE B 262 -15.69 0.23 12.54
N ASN B 263 -17.00 0.26 12.81
CA ASN B 263 -17.97 -0.66 12.20
C ASN B 263 -19.04 0.12 11.45
N ASN B 264 -19.27 -0.22 10.19
CA ASN B 264 -20.41 0.34 9.44
C ASN B 264 -20.38 1.86 9.32
N CYS B 265 -19.21 2.42 9.04
CA CYS B 265 -19.09 3.87 8.80
C CYS B 265 -18.82 4.13 7.32
N GLN B 266 -18.99 5.37 6.88
CA GLN B 266 -18.59 5.73 5.53
C GLN B 266 -17.09 5.96 5.46
N VAL B 267 -16.58 6.74 6.41
CA VAL B 267 -15.14 7.02 6.50
C VAL B 267 -14.71 6.79 7.95
N GLY B 268 -13.56 6.14 8.14
CA GLY B 268 -13.03 5.93 9.49
C GLY B 268 -12.29 7.18 9.94
N PHE B 269 -11.08 7.38 9.44
CA PHE B 269 -10.31 8.60 9.73
C PHE B 269 -10.38 9.55 8.54
N ASP B 270 -10.99 10.72 8.73
CA ASP B 270 -11.00 11.74 7.69
C ASP B 270 -9.94 12.76 8.05
N LEU B 271 -8.80 12.71 7.35
CA LEU B 271 -7.63 13.49 7.74
C LEU B 271 -7.46 14.71 6.84
N THR B 272 -7.38 15.88 7.46
CA THR B 272 -7.13 17.12 6.70
C THR B 272 -5.64 17.27 6.41
N GLN B 273 -5.28 17.36 5.13
CA GLN B 273 -3.89 17.64 4.77
C GLN B 273 -3.63 19.15 4.76
N GLY B 274 -2.57 19.59 5.44
CA GLY B 274 -2.16 21.01 5.37
C GLY B 274 -0.93 21.19 4.48
N GLY B 275 -0.20 22.29 4.70
CA GLY B 275 1.05 22.54 4.01
C GLY B 275 2.23 22.06 4.83
N THR B 276 3.43 22.24 4.28
CA THR B 276 4.66 21.78 4.90
C THR B 276 5.43 22.89 5.60
N SER B 277 5.06 24.14 5.33
CA SER B 277 5.71 25.32 5.92
C SER B 277 5.19 25.63 7.33
N ASN B 278 6.08 26.11 8.21
CA ASN B 278 5.65 26.53 9.55
C ASN B 278 4.95 27.90 9.58
N THR B 279 4.81 28.51 8.40
CA THR B 279 4.08 29.75 8.24
C THR B 279 2.84 29.56 7.36
N GLY B 280 2.58 28.32 6.92
CA GLY B 280 1.42 28.04 6.09
C GLY B 280 0.27 27.42 6.87
N ALA B 281 -0.72 26.93 6.14
CA ALA B 281 -1.90 26.27 6.70
C ALA B 281 -1.50 25.01 7.47
N GLN B 282 -1.99 24.87 8.71
CA GLN B 282 -1.69 23.66 9.50
C GLN B 282 -2.79 22.63 9.32
N GLY B 283 -2.42 21.42 8.92
CA GLY B 283 -3.37 20.32 8.92
C GLY B 283 -2.93 19.21 9.88
N VAL B 284 -3.29 17.98 9.54
CA VAL B 284 -2.86 16.81 10.31
C VAL B 284 -1.43 16.48 9.92
N GLY B 285 -0.51 16.74 10.84
CA GLY B 285 0.90 16.42 10.59
C GLY B 285 1.16 14.92 10.59
N ALA B 286 0.57 14.21 11.55
CA ALA B 286 0.96 12.81 11.70
C ALA B 286 -0.10 11.99 12.44
N GLU B 287 -0.45 10.83 11.89
CA GLU B 287 -1.24 9.86 12.65
C GLU B 287 -0.47 8.56 12.75
N ALA B 288 -0.46 7.98 13.95
CA ALA B 288 0.10 6.66 14.16
C ALA B 288 -1.00 5.77 14.71
N ILE B 289 -1.37 4.74 13.95
CA ILE B 289 -2.51 3.91 14.31
C ILE B 289 -2.05 2.46 14.53
N ILE B 290 -2.38 1.91 15.70
CA ILE B 290 -1.93 0.56 16.09
C ILE B 290 -3.06 -0.27 16.67
N ASP B 291 -3.21 -1.48 16.12
CA ASP B 291 -4.28 -2.41 16.52
C ASP B 291 -5.65 -1.78 16.20
N ALA B 292 -6.10 -1.93 14.96
CA ALA B 292 -7.44 -1.42 14.61
C ALA B 292 -8.24 -2.56 14.00
N VAL B 293 -9.55 -2.54 14.21
CA VAL B 293 -10.45 -3.51 13.55
C VAL B 293 -11.47 -2.66 12.82
N VAL B 294 -11.61 -2.88 11.50
CA VAL B 294 -12.50 -2.03 10.72
C VAL B 294 -13.40 -2.95 9.92
N THR B 295 -14.71 -2.72 9.98
CA THR B 295 -15.64 -3.60 9.26
C THR B 295 -16.69 -2.81 8.50
N ASN B 296 -17.03 -3.27 7.30
CA ASN B 296 -18.11 -2.68 6.50
C ASN B 296 -18.04 -1.16 6.43
N THR B 297 -16.87 -0.66 6.07
CA THR B 297 -16.61 0.76 6.05
C THR B 297 -16.00 1.08 4.70
N GLN B 298 -16.43 2.16 4.08
CA GLN B 298 -16.02 2.38 2.69
C GLN B 298 -14.52 2.76 2.54
N THR B 299 -14.07 3.71 3.36
CA THR B 299 -12.65 4.09 3.39
C THR B 299 -12.22 4.12 4.85
N PHE B 300 -11.14 3.38 5.15
CA PHE B 300 -10.55 3.38 6.49
C PHE B 300 -9.90 4.72 6.81
N VAL B 301 -8.89 5.13 6.03
CA VAL B 301 -8.23 6.44 6.17
C VAL B 301 -8.34 7.23 4.88
N ARG B 302 -8.86 8.45 4.98
CA ARG B 302 -8.97 9.33 3.82
C ARG B 302 -8.22 10.62 4.09
N TRP B 303 -7.30 10.97 3.19
CA TRP B 303 -6.58 12.25 3.27
C TRP B 303 -7.30 13.23 2.35
N SER B 304 -7.32 14.50 2.73
CA SER B 304 -8.04 15.53 1.95
C SER B 304 -7.36 15.89 0.62
N GLY B 305 -6.08 15.57 0.49
CA GLY B 305 -5.33 15.80 -0.74
C GLY B 305 -4.19 14.81 -0.85
N ALA B 306 -3.66 14.64 -2.06
CA ALA B 306 -2.64 13.65 -2.33
C ALA B 306 -1.23 14.08 -1.93
N SER B 307 -0.36 13.10 -1.78
CA SER B 307 1.05 13.35 -1.59
C SER B 307 1.86 12.73 -2.72
N SER B 308 2.93 13.41 -3.11
CA SER B 308 4.13 12.67 -3.52
C SER B 308 5.33 13.51 -3.91
N GLY B 309 6.46 12.84 -3.93
CA GLY B 309 7.72 13.51 -4.02
C GLY B 309 8.13 13.65 -2.58
N HIS B 310 7.17 14.05 -1.74
CA HIS B 310 7.54 14.57 -0.46
C HIS B 310 6.48 14.41 0.62
N LEU B 311 6.98 14.33 1.85
CA LEU B 311 6.16 14.32 3.03
C LEU B 311 5.23 15.54 3.06
N GLN B 312 3.95 15.26 3.29
CA GLN B 312 2.95 16.30 3.53
C GLN B 312 1.79 15.60 4.23
N GLY B 313 1.98 15.31 5.51
CA GLY B 313 1.03 14.46 6.27
C GLY B 313 1.54 13.03 6.40
N SER B 314 1.85 12.63 7.63
CA SER B 314 2.44 11.31 7.90
C SER B 314 1.38 10.34 8.38
N LEU B 315 1.55 9.08 8.02
CA LEU B 315 0.68 8.01 8.50
C LEU B 315 1.49 6.75 8.72
N VAL B 316 1.30 6.14 9.88
CA VAL B 316 1.85 4.80 10.17
C VAL B 316 0.73 3.91 10.61
N LEU B 317 0.60 2.75 9.97
CA LEU B 317 -0.42 1.76 10.29
C LEU B 317 0.24 0.49 10.77
N ASN B 318 -0.22 -0.03 11.89
CA ASN B 318 0.34 -1.30 12.39
C ASN B 318 -0.78 -2.21 12.89
N ASN B 319 -0.88 -3.40 12.29
CA ASN B 319 -1.88 -4.40 12.65
C ASN B 319 -3.34 -3.92 12.48
N ILE B 320 -3.73 -3.68 11.24
CA ILE B 320 -5.06 -3.19 10.92
C ILE B 320 -5.84 -4.34 10.29
N GLN B 321 -6.88 -4.80 10.99
CA GLN B 321 -7.73 -5.88 10.48
C GLN B 321 -8.92 -5.28 9.75
N LEU B 322 -8.98 -5.53 8.44
CA LEU B 322 -10.07 -5.02 7.60
C LEU B 322 -10.99 -6.15 7.17
N THR B 323 -12.29 -5.92 7.30
CA THR B 323 -13.30 -6.83 6.73
C THR B 323 -14.32 -6.00 5.94
N ASN B 324 -14.41 -6.27 4.62
CA ASN B 324 -15.26 -5.50 3.70
C ASN B 324 -14.98 -3.99 3.79
N VAL B 325 -13.72 -3.62 3.63
CA VAL B 325 -13.33 -2.21 3.60
C VAL B 325 -12.60 -1.98 2.29
N PRO B 326 -13.33 -1.55 1.24
CA PRO B 326 -12.74 -1.46 -0.10
C PRO B 326 -11.46 -0.62 -0.18
N VAL B 327 -11.43 0.52 0.51
CA VAL B 327 -10.28 1.43 0.42
C VAL B 327 -9.61 1.55 1.80
N ALA B 328 -8.36 1.09 1.91
CA ALA B 328 -7.61 1.20 3.18
C ALA B 328 -7.12 2.63 3.41
N VAL B 329 -6.44 3.17 2.40
CA VAL B 329 -5.99 4.55 2.43
C VAL B 329 -6.38 5.15 1.09
N GLY B 330 -7.06 6.29 1.12
CA GLY B 330 -7.45 6.98 -0.11
C GLY B 330 -7.37 8.49 -0.02
N VAL B 331 -7.45 9.15 -1.17
CA VAL B 331 -7.50 10.61 -1.20
C VAL B 331 -8.94 11.01 -1.53
N LYS B 332 -9.46 12.01 -0.81
CA LYS B 332 -10.82 12.50 -1.04
C LYS B 332 -10.91 13.07 -2.46
N GLY B 333 -11.85 12.54 -3.24
CA GLY B 333 -12.03 12.96 -4.63
C GLY B 333 -10.82 12.64 -5.50
N GLY B 334 -10.03 11.67 -5.05
CA GLY B 334 -8.75 11.36 -5.66
C GLY B 334 -8.58 9.86 -5.64
N PRO B 335 -7.35 9.37 -5.88
CA PRO B 335 -7.09 7.93 -6.01
C PRO B 335 -7.00 7.15 -4.68
N THR B 336 -7.27 5.85 -4.77
CA THR B 336 -6.87 4.89 -3.74
C THR B 336 -5.34 4.89 -3.61
N VAL B 337 -4.86 4.95 -2.38
CA VAL B 337 -3.44 4.90 -2.09
C VAL B 337 -3.05 3.49 -1.65
N LEU B 338 -3.88 2.88 -0.79
CA LEU B 338 -3.73 1.47 -0.45
C LEU B 338 -5.07 0.80 -0.56
N ALA B 339 -5.16 -0.23 -1.41
CA ALA B 339 -6.37 -1.02 -1.51
C ALA B 339 -6.65 -1.81 -0.22
N GLY B 340 -7.93 -2.00 0.07
CA GLY B 340 -8.36 -2.75 1.24
C GLY B 340 -8.92 -4.10 0.84
N GLY B 341 -10.14 -4.36 1.29
CA GLY B 341 -10.82 -5.62 1.04
C GLY B 341 -11.08 -6.31 2.35
N THR B 342 -10.67 -7.58 2.41
CA THR B 342 -10.68 -8.35 3.65
C THR B 342 -9.28 -8.92 3.85
N THR B 343 -8.53 -8.27 4.74
CA THR B 343 -7.08 -8.52 4.83
C THR B 343 -6.57 -7.89 6.11
N THR B 344 -5.35 -8.23 6.49
CA THR B 344 -4.71 -7.56 7.62
C THR B 344 -3.48 -6.81 7.13
N ILE B 345 -3.41 -5.53 7.49
CA ILE B 345 -2.24 -4.74 7.18
C ILE B 345 -1.26 -4.90 8.34
N ASN B 346 -0.08 -5.44 8.05
CA ASN B 346 0.93 -5.59 9.09
C ASN B 346 1.55 -4.23 9.42
N SER B 347 2.40 -3.71 8.53
CA SER B 347 3.04 -2.42 8.77
C SER B 347 3.10 -1.64 7.46
N TRP B 348 2.52 -0.45 7.47
CA TRP B 348 2.42 0.38 6.27
C TRP B 348 2.66 1.84 6.67
N ALA B 349 3.29 2.60 5.78
CA ALA B 349 3.59 4.00 6.10
C ALA B 349 3.49 4.95 4.91
N GLN B 350 3.17 6.19 5.21
CA GLN B 350 3.26 7.33 4.30
C GLN B 350 4.13 8.39 4.96
N GLY B 351 5.27 8.71 4.34
CA GLY B 351 6.21 9.69 4.88
C GLY B 351 7.65 9.25 4.70
N ASN B 352 8.58 10.02 5.27
CA ASN B 352 10.02 9.74 5.13
C ASN B 352 10.49 8.65 6.10
N VAL B 353 11.04 7.60 5.52
CA VAL B 353 11.55 6.43 6.25
C VAL B 353 13.08 6.47 6.22
N TYR B 354 13.69 6.23 7.39
CA TYR B 354 15.14 6.30 7.57
C TYR B 354 15.70 5.00 8.14
N HIS B 355 16.96 4.71 7.84
CA HIS B 355 17.68 3.55 8.36
C HIS B 355 19.06 4.00 8.82
N GLY B 356 19.47 3.55 10.00
CA GLY B 356 20.84 3.78 10.49
C GLY B 356 21.32 5.22 10.60
N THR B 357 22.58 5.43 10.23
CA THR B 357 23.23 6.72 10.45
C THR B 357 23.31 7.62 9.22
N ASN B 358 22.83 7.16 8.08
CA ASN B 358 22.74 8.10 6.97
C ASN B 358 21.40 8.83 7.06
N GLY B 359 21.45 10.15 6.97
CA GLY B 359 20.27 10.93 7.24
C GLY B 359 19.47 11.19 5.99
N ASN B 360 19.53 10.25 5.04
CA ASN B 360 18.81 10.38 3.78
C ASN B 360 17.43 9.74 3.86
N PRO B 361 16.39 10.53 3.55
CA PRO B 361 15.02 10.01 3.58
C PRO B 361 14.71 9.11 2.40
N THR B 362 13.88 8.10 2.61
CA THR B 362 13.18 7.46 1.50
C THR B 362 11.72 7.79 1.69
N PHE B 363 11.19 8.65 0.82
CA PHE B 363 9.76 8.93 0.88
C PHE B 363 8.99 7.67 0.49
N THR B 364 8.00 7.33 1.30
CA THR B 364 7.37 6.02 1.23
C THR B 364 5.86 6.17 1.28
N GLN B 365 5.15 5.42 0.44
CA GLN B 365 3.71 5.22 0.56
C GLN B 365 3.50 3.75 0.27
N GLY B 366 3.75 2.92 1.26
CA GLY B 366 3.76 1.50 1.00
C GLY B 366 4.09 0.75 2.26
N ASN B 367 4.13 -0.57 2.13
CA ASN B 367 4.52 -1.45 3.22
C ASN B 367 5.93 -1.09 3.72
N ILE B 368 6.12 -1.17 5.03
CA ILE B 368 7.47 -1.05 5.61
C ILE B 368 7.83 -2.37 6.29
N ALA B 369 9.09 -2.53 6.70
CA ALA B 369 9.50 -3.72 7.41
C ALA B 369 8.58 -3.94 8.60
N ASN B 370 8.20 -5.18 8.86
CA ASN B 370 7.27 -5.48 9.93
C ASN B 370 7.75 -4.86 11.23
N ILE B 371 6.86 -4.11 11.86
CA ILE B 371 7.18 -3.47 13.14
C ILE B 371 7.33 -4.55 14.23
N ASN B 372 8.49 -4.55 14.91
CA ASN B 372 8.76 -5.50 16.00
C ASN B 372 7.85 -5.20 17.23
N ARG B 373 7.08 -6.19 17.66
CA ARG B 373 6.20 -6.03 18.82
C ARG B 373 6.57 -7.12 19.83
N PRO B 374 7.49 -6.79 20.75
CA PRO B 374 7.90 -7.79 21.76
C PRO B 374 6.68 -8.44 22.44
N GLY B 375 6.65 -9.79 22.46
CA GLY B 375 5.49 -10.56 22.90
C GLY B 375 5.03 -10.20 24.30
N VAL B 376 5.98 -9.86 25.16
CA VAL B 376 5.69 -9.52 26.55
C VAL B 376 4.85 -8.23 26.71
N LEU B 377 4.83 -7.39 25.66
CA LEU B 377 4.04 -6.17 25.66
C LEU B 377 2.62 -6.40 25.13
N LEU B 378 2.34 -7.61 24.66
CA LEU B 378 1.05 -7.92 24.02
C LEU B 378 0.20 -8.79 24.92
N ASP B 379 -1.12 -8.66 24.79
CA ASP B 379 -2.04 -9.45 25.59
C ASP B 379 -2.30 -10.80 24.90
N SER B 380 -3.24 -11.57 25.41
CA SER B 380 -3.48 -12.91 24.89
C SER B 380 -4.18 -12.94 23.54
N THR B 381 -4.47 -11.74 22.99
CA THR B 381 -5.01 -11.64 21.63
C THR B 381 -3.92 -11.11 20.69
N GLY B 382 -2.71 -10.86 21.21
CA GLY B 382 -1.58 -10.42 20.41
C GLY B 382 -1.61 -8.93 20.09
N ARG B 383 -2.27 -8.16 20.95
CA ARG B 383 -2.35 -6.70 20.79
C ARG B 383 -1.74 -6.00 21.98
N ILE B 384 -1.28 -4.77 21.77
CA ILE B 384 -0.68 -3.99 22.87
C ILE B 384 -1.69 -3.98 24.02
N VAL B 385 -1.21 -4.25 25.23
CA VAL B 385 -2.10 -4.30 26.41
C VAL B 385 -2.97 -3.04 26.52
N SER B 386 -4.25 -3.23 26.82
CA SER B 386 -5.23 -2.14 26.96
C SER B 386 -5.95 -2.33 28.28
N LYS B 387 -5.66 -1.47 29.25
CA LYS B 387 -6.25 -1.60 30.59
C LYS B 387 -6.78 -0.25 31.06
N SER B 388 -8.10 -0.18 31.24
CA SER B 388 -8.76 1.04 31.72
C SER B 388 -8.50 1.28 33.22
N HIS B 389 -8.57 2.55 33.60
CA HIS B 389 -8.55 3.03 34.99
C HIS B 389 -9.39 2.10 35.88
N PRO B 390 -8.76 1.37 36.82
CA PRO B 390 -9.56 0.48 37.68
C PRO B 390 -10.52 1.23 38.60
N GLN B 391 -11.80 0.84 38.57
CA GLN B 391 -12.83 1.54 39.33
C GLN B 391 -13.49 0.68 40.42
N TYR B 392 -13.08 -0.59 40.54
CA TYR B 392 -13.52 -1.42 41.69
C TYR B 392 -15.05 -1.47 41.79
N THR B 393 -15.71 -1.74 40.67
CA THR B 393 -17.17 -1.66 40.61
C THR B 393 -17.89 -2.64 41.53
N GLY B 394 -17.24 -3.76 41.83
CA GLY B 394 -17.83 -4.77 42.72
C GLY B 394 -17.54 -4.61 44.20
N TYR B 395 -16.90 -3.50 44.56
CA TYR B 395 -16.38 -3.27 45.92
C TYR B 395 -17.34 -2.40 46.76
N ALA B 396 -17.46 -2.73 48.04
CA ALA B 396 -18.33 -2.00 48.95
C ALA B 396 -17.53 -0.88 49.62
N PRO B 397 -18.19 0.19 50.11
CA PRO B 397 -17.45 1.18 50.90
C PRO B 397 -16.62 0.56 52.05
N SER B 398 -17.12 -0.52 52.65
CA SER B 398 -16.42 -1.20 53.75
C SER B 398 -15.11 -1.89 53.32
N ASP B 399 -14.94 -2.06 51.99
CA ASP B 399 -13.70 -2.59 51.42
C ASP B 399 -12.59 -1.55 51.34
N PHE B 400 -12.92 -0.28 51.62
CA PHE B 400 -11.97 0.83 51.59
C PHE B 400 -11.61 1.23 53.00
N VAL B 401 -10.42 1.77 53.15
CA VAL B 401 -10.01 2.42 54.41
C VAL B 401 -9.60 3.85 54.08
N SER B 402 -10.21 4.80 54.81
CA SER B 402 -9.94 6.21 54.60
C SER B 402 -8.69 6.65 55.36
N VAL B 403 -7.77 7.33 54.67
CA VAL B 403 -6.58 7.84 55.36
C VAL B 403 -6.94 8.92 56.38
N ARG B 404 -7.96 9.72 56.11
CA ARG B 404 -8.43 10.73 57.07
C ARG B 404 -8.89 10.06 58.35
N SER B 405 -9.71 9.02 58.22
CA SER B 405 -10.23 8.24 59.36
C SER B 405 -9.10 7.61 60.19
N GLN B 406 -7.96 7.36 59.54
CA GLN B 406 -6.74 6.81 60.17
C GLN B 406 -5.70 7.87 60.58
N GLY B 407 -6.12 9.13 60.65
CA GLY B 407 -5.28 10.17 61.25
C GLY B 407 -4.37 10.98 60.34
N ALA B 408 -4.43 10.75 59.03
CA ALA B 408 -3.74 11.61 58.07
C ALA B 408 -4.59 12.85 57.79
N LYS B 409 -4.11 14.03 58.19
CA LYS B 409 -4.89 15.27 58.16
C LYS B 409 -5.18 15.79 56.76
N GLY B 410 -4.22 15.65 55.85
CA GLY B 410 -4.35 16.18 54.49
C GLY B 410 -4.49 17.70 54.41
N ASP B 411 -3.95 18.40 55.41
CA ASP B 411 -4.17 19.84 55.55
C ASP B 411 -3.03 20.68 54.99
N GLY B 412 -2.01 20.02 54.44
CA GLY B 412 -0.89 20.72 53.81
C GLY B 412 0.11 21.31 54.80
N HIS B 413 -0.05 20.99 56.07
CA HIS B 413 0.78 21.58 57.14
C HIS B 413 1.26 20.51 58.11
N THR B 414 0.34 19.70 58.61
CA THR B 414 0.66 18.61 59.52
C THR B 414 1.56 17.58 58.85
N ASP B 415 2.57 17.12 59.57
CA ASP B 415 3.40 16.02 59.07
C ASP B 415 2.59 14.73 59.15
N ASP B 416 2.24 14.20 57.98
CA ASP B 416 1.37 13.03 57.89
C ASP B 416 2.15 11.74 57.65
N THR B 417 3.48 11.82 57.67
CA THR B 417 4.33 10.65 57.38
C THR B 417 3.94 9.43 58.19
N GLN B 418 3.96 9.53 59.52
CA GLN B 418 3.68 8.38 60.36
C GLN B 418 2.28 7.81 60.17
N ALA B 419 1.28 8.70 60.06
CA ALA B 419 -0.08 8.28 59.82
C ALA B 419 -0.20 7.45 58.53
N ILE B 420 0.45 7.88 57.47
CA ILE B 420 0.40 7.16 56.17
C ILE B 420 1.17 5.83 56.25
N LYS B 421 2.35 5.86 56.84
CA LYS B 421 3.13 4.65 57.06
C LYS B 421 2.29 3.61 57.81
N ASN B 422 1.57 4.07 58.85
CA ASN B 422 0.76 3.16 59.67
C ASN B 422 -0.42 2.57 58.91
N VAL B 423 -1.00 3.39 58.02
CA VAL B 423 -2.08 2.91 57.16
C VAL B 423 -1.63 1.72 56.32
N PHE B 424 -0.49 1.88 55.64
CA PHE B 424 0.06 0.78 54.84
C PHE B 424 0.41 -0.45 55.69
N ALA B 425 1.03 -0.21 56.85
CA ALA B 425 1.39 -1.32 57.75
C ALA B 425 0.16 -2.16 58.14
N LYS B 426 -0.94 -1.49 58.44
CA LYS B 426 -2.15 -2.18 58.91
C LYS B 426 -3.05 -2.70 57.79
N TYR B 427 -3.05 -2.00 56.66
CA TYR B 427 -4.10 -2.21 55.64
C TYR B 427 -3.67 -2.58 54.22
N ALA B 428 -2.39 -2.43 53.87
CA ALA B 428 -1.94 -2.81 52.51
C ALA B 428 -2.37 -4.24 52.17
N GLY B 429 -3.14 -4.38 51.08
CA GLY B 429 -3.64 -5.69 50.66
C GLY B 429 -4.91 -6.18 51.37
N CYS B 430 -5.32 -5.47 52.43
CA CYS B 430 -6.50 -5.85 53.24
C CYS B 430 -7.72 -5.03 52.84
N LYS B 431 -7.45 -3.78 52.50
CA LYS B 431 -8.49 -2.83 52.13
C LYS B 431 -7.92 -1.95 51.02
N ILE B 432 -8.79 -1.44 50.17
CA ILE B 432 -8.35 -0.45 49.19
C ILE B 432 -8.06 0.85 49.98
N ILE B 433 -6.91 1.45 49.75
CA ILE B 433 -6.48 2.61 50.51
C ILE B 433 -7.04 3.87 49.86
N PHE B 434 -7.93 4.55 50.57
CA PHE B 434 -8.62 5.70 50.01
C PHE B 434 -8.01 6.99 50.52
N PHE B 435 -7.28 7.67 49.64
CA PHE B 435 -6.72 8.96 49.97
C PHE B 435 -7.73 10.04 49.70
N ASP B 436 -8.47 10.41 50.75
CA ASP B 436 -9.37 11.55 50.68
C ASP B 436 -8.62 12.76 50.15
N ALA B 437 -9.33 13.61 49.42
CA ALA B 437 -8.74 14.82 48.87
C ALA B 437 -7.99 15.55 49.98
N GLY B 438 -6.82 16.06 49.61
CA GLY B 438 -6.04 16.90 50.52
C GLY B 438 -4.59 16.88 50.07
N THR B 439 -3.78 17.62 50.81
CA THR B 439 -2.35 17.64 50.56
C THR B 439 -1.67 17.10 51.80
N TYR B 440 -0.91 16.01 51.61
CA TYR B 440 -0.34 15.22 52.69
C TYR B 440 1.17 15.44 52.73
N ILE B 441 1.60 16.22 53.72
CA ILE B 441 3.03 16.51 53.89
C ILE B 441 3.79 15.31 54.46
N VAL B 442 4.83 14.89 53.76
CA VAL B 442 5.66 13.76 54.25
C VAL B 442 7.14 14.13 54.26
N THR B 443 7.87 13.60 55.24
CA THR B 443 9.28 13.99 55.42
C THR B 443 10.21 12.77 55.41
N ASP B 444 9.65 11.62 55.06
CA ASP B 444 10.44 10.40 54.87
C ASP B 444 9.80 9.58 53.76
N THR B 445 10.55 8.62 53.24
CA THR B 445 10.07 7.76 52.15
C THR B 445 8.79 7.05 52.57
N ILE B 446 7.79 7.07 51.69
CA ILE B 446 6.54 6.34 51.89
C ILE B 446 6.61 5.10 51.02
N GLN B 447 6.75 3.94 51.65
CA GLN B 447 6.85 2.69 50.90
C GLN B 447 5.46 2.10 50.70
N ILE B 448 4.99 2.07 49.45
CA ILE B 448 3.75 1.42 49.08
C ILE B 448 4.08 -0.04 48.81
N PRO B 449 3.60 -0.96 49.67
CA PRO B 449 3.92 -2.37 49.49
C PRO B 449 3.36 -2.98 48.21
N ALA B 450 4.05 -3.96 47.65
CA ALA B 450 3.47 -4.80 46.60
C ALA B 450 2.16 -5.40 47.13
N GLY B 451 1.11 -5.37 46.32
CA GLY B 451 -0.21 -5.89 46.74
C GLY B 451 -1.23 -4.80 47.01
N THR B 452 -0.80 -3.55 47.05
CA THR B 452 -1.65 -2.44 47.52
C THR B 452 -2.43 -1.83 46.36
N GLN B 453 -3.69 -1.47 46.64
CA GLN B 453 -4.48 -0.65 45.71
C GLN B 453 -4.79 0.70 46.38
N ILE B 454 -4.47 1.79 45.68
CA ILE B 454 -4.62 3.14 46.22
C ILE B 454 -5.49 3.99 45.29
N VAL B 455 -6.42 4.72 45.91
CA VAL B 455 -7.41 5.52 45.19
C VAL B 455 -7.49 6.92 45.78
N GLY B 456 -7.31 7.94 44.95
CA GLY B 456 -7.52 9.32 45.38
C GLY B 456 -8.88 9.91 45.05
N GLU B 457 -9.01 11.21 45.30
CA GLU B 457 -10.26 11.93 45.19
C GLU B 457 -9.97 13.32 44.60
N VAL B 458 -10.01 13.38 43.27
CA VAL B 458 -9.75 14.60 42.47
C VAL B 458 -8.42 15.34 42.68
N TRP B 459 -8.09 15.66 43.93
CA TRP B 459 -6.80 16.29 44.25
C TRP B 459 -6.31 15.73 45.59
N SER B 460 -5.64 14.57 45.50
CA SER B 460 -5.03 13.88 46.62
C SER B 460 -3.53 13.85 46.38
N VAL B 461 -2.81 14.66 47.16
CA VAL B 461 -1.40 14.94 46.91
C VAL B 461 -0.52 14.42 48.04
N ILE B 462 0.50 13.64 47.69
CA ILE B 462 1.54 13.34 48.67
C ILE B 462 2.71 14.24 48.33
N MET B 463 3.06 15.09 49.29
CA MET B 463 4.01 16.18 49.04
C MET B 463 5.22 15.98 49.95
N GLY B 464 6.33 15.55 49.37
CA GLY B 464 7.55 15.29 50.16
C GLY B 464 8.36 16.55 50.39
N THR B 465 8.96 16.68 51.57
CA THR B 465 9.71 17.88 51.87
C THR B 465 10.75 17.66 52.97
N GLY B 466 11.62 18.64 53.15
CA GLY B 466 12.59 18.60 54.23
C GLY B 466 13.91 17.92 53.91
N SER B 467 14.75 17.80 54.94
CA SER B 467 16.16 17.41 54.79
C SER B 467 16.44 16.05 54.16
N LYS B 468 15.48 15.12 54.21
CA LYS B 468 15.64 13.82 53.54
C LYS B 468 15.80 14.04 52.03
N PHE B 469 15.20 15.12 51.52
CA PHE B 469 15.07 15.32 50.08
C PHE B 469 15.77 16.54 49.50
N THR B 470 16.69 17.17 50.25
CA THR B 470 17.31 18.43 49.78
C THR B 470 18.74 18.29 49.22
N ASP B 471 19.29 17.09 49.29
CA ASP B 471 20.71 16.87 48.93
C ASP B 471 20.88 16.18 47.56
N TYR B 472 21.28 16.93 46.53
CA TYR B 472 21.35 16.29 45.21
C TYR B 472 22.47 15.25 45.08
N ASN B 473 23.45 15.33 45.98
CA ASN B 473 24.52 14.32 46.06
C ASN B 473 24.05 13.00 46.69
N ASN B 474 22.87 13.04 47.31
CA ASN B 474 22.30 11.90 48.01
C ASN B 474 20.78 11.82 47.77
N PRO B 475 20.36 11.58 46.52
CA PRO B 475 18.92 11.60 46.26
C PRO B 475 18.16 10.46 46.95
N GLN B 476 16.91 10.72 47.31
CA GLN B 476 16.12 9.79 48.10
C GLN B 476 14.70 9.81 47.57
N PRO B 477 14.03 8.64 47.58
CA PRO B 477 12.65 8.56 47.08
C PRO B 477 11.60 9.08 48.05
N VAL B 478 10.68 9.88 47.53
CA VAL B 478 9.49 10.31 48.29
C VAL B 478 8.49 9.15 48.39
N ILE B 479 8.19 8.56 47.23
CA ILE B 479 7.32 7.41 47.12
C ILE B 479 8.14 6.24 46.61
N GLN B 480 7.97 5.09 47.24
CA GLN B 480 8.60 3.87 46.74
C GLN B 480 7.47 2.88 46.43
N VAL B 481 7.28 2.56 45.15
CA VAL B 481 6.20 1.66 44.72
C VAL B 481 6.72 0.21 44.70
N GLY B 482 6.43 -0.50 45.78
CA GLY B 482 6.98 -1.83 46.03
C GLY B 482 8.40 -1.76 46.59
N ALA B 483 8.77 -2.77 47.37
CA ALA B 483 10.17 -2.97 47.75
C ALA B 483 10.95 -3.43 46.52
N PRO B 484 12.29 -3.16 46.49
CA PRO B 484 13.07 -3.74 45.39
C PRO B 484 12.89 -5.26 45.33
N GLY B 485 12.74 -5.79 44.11
CA GLY B 485 12.54 -7.23 43.91
C GLY B 485 11.11 -7.74 44.12
N SER B 486 10.19 -6.84 44.47
CA SER B 486 8.83 -7.25 44.82
C SER B 486 7.98 -7.49 43.57
N SER B 487 6.95 -8.34 43.72
CA SER B 487 5.96 -8.59 42.68
C SER B 487 4.59 -8.55 43.27
N GLY B 488 3.62 -8.09 42.49
CA GLY B 488 2.25 -8.06 42.95
C GLY B 488 1.42 -7.01 42.26
N VAL B 489 0.15 -6.96 42.63
CA VAL B 489 -0.75 -5.93 42.15
C VAL B 489 -0.35 -4.63 42.85
N VAL B 490 -0.12 -3.56 42.11
CA VAL B 490 -0.14 -2.23 42.72
C VAL B 490 -0.87 -1.32 41.75
N GLU B 491 -2.08 -0.92 42.11
CA GLU B 491 -2.82 -0.01 41.25
C GLU B 491 -2.97 1.32 41.95
N ILE B 492 -2.59 2.38 41.23
CA ILE B 492 -2.66 3.74 41.75
C ILE B 492 -3.56 4.56 40.84
N THR B 493 -4.60 5.15 41.42
CA THR B 493 -5.51 5.99 40.65
C THR B 493 -5.76 7.34 41.34
N ASP B 494 -5.76 8.41 40.55
CA ASP B 494 -6.16 9.75 40.98
C ASP B 494 -5.30 10.27 42.12
N MET B 495 -3.99 10.05 42.00
CA MET B 495 -3.04 10.56 42.98
C MET B 495 -2.13 11.60 42.33
N ILE B 496 -1.67 12.54 43.14
CA ILE B 496 -0.61 13.47 42.71
C ILE B 496 0.59 13.27 43.64
N PHE B 497 1.79 13.15 43.07
CA PHE B 497 3.02 13.03 43.85
C PHE B 497 3.91 14.20 43.53
N THR B 498 4.44 14.84 44.57
CA THR B 498 5.15 16.08 44.36
C THR B 498 6.04 16.42 45.55
N THR B 499 6.59 17.64 45.51
CA THR B 499 7.47 18.15 46.56
C THR B 499 7.05 19.53 47.05
N ARG B 500 7.53 19.89 48.23
CA ARG B 500 7.52 21.27 48.69
C ARG B 500 8.99 21.67 48.71
N GLY B 501 9.30 22.71 47.95
CA GLY B 501 10.67 23.06 47.72
C GLY B 501 11.27 23.78 48.92
N PRO B 502 12.61 23.82 48.98
CA PRO B 502 13.54 23.19 48.04
C PRO B 502 13.63 21.70 48.26
N ALA B 503 13.89 20.95 47.18
CA ALA B 503 13.95 19.50 47.25
C ALA B 503 14.89 18.94 46.18
N ALA B 504 16.13 19.44 46.17
CA ALA B 504 17.12 19.07 45.15
C ALA B 504 17.49 17.58 45.12
N GLY B 505 17.16 16.84 46.18
CA GLY B 505 17.49 15.42 46.29
C GLY B 505 16.29 14.51 46.13
N ALA B 506 15.14 15.08 45.76
CA ALA B 506 13.92 14.26 45.69
C ALA B 506 13.86 13.39 44.44
N ILE B 507 13.74 12.08 44.61
CA ILE B 507 13.31 11.19 43.53
C ILE B 507 11.83 10.98 43.85
N ILE B 508 10.96 11.61 43.09
CA ILE B 508 9.55 11.66 43.52
C ILE B 508 8.90 10.28 43.59
N VAL B 509 9.06 9.48 42.54
CA VAL B 509 8.55 8.12 42.57
C VAL B 509 9.64 7.16 42.16
N GLU B 510 9.96 6.22 43.04
CA GLU B 510 10.85 5.09 42.72
C GLU B 510 9.96 3.87 42.55
N TRP B 511 9.92 3.32 41.34
CA TRP B 511 8.96 2.29 41.01
C TRP B 511 9.71 0.96 40.87
N ASN B 512 9.42 0.03 41.78
CA ASN B 512 10.16 -1.25 41.90
C ASN B 512 9.38 -2.49 41.55
N VAL B 513 8.09 -2.45 41.84
CA VAL B 513 7.24 -3.65 41.71
C VAL B 513 7.12 -4.10 40.25
N HIS B 514 6.93 -5.42 40.10
CA HIS B 514 6.73 -6.07 38.80
C HIS B 514 5.39 -6.84 38.84
N ASP B 515 4.72 -6.97 37.69
CA ASP B 515 3.51 -7.78 37.57
C ASP B 515 3.75 -9.17 38.14
N PRO B 516 2.75 -9.74 38.84
CA PRO B 516 2.87 -11.18 39.15
C PRO B 516 2.70 -11.99 37.88
N SER B 517 3.08 -13.26 37.90
CA SER B 517 3.01 -14.10 36.69
C SER B 517 1.57 -14.23 36.21
N GLY B 518 1.33 -14.05 34.91
CA GLY B 518 -0.02 -14.15 34.33
C GLY B 518 -1.02 -13.05 34.70
N GLN B 519 -0.53 -11.90 35.18
CA GLN B 519 -1.38 -10.75 35.43
C GLN B 519 -0.76 -9.50 34.85
N GLN B 520 -0.97 -9.26 33.56
CA GLN B 520 -0.38 -8.11 32.89
C GLN B 520 -0.94 -6.80 33.36
N ALA B 521 -0.07 -5.81 33.53
CA ALA B 521 -0.46 -4.46 33.91
C ALA B 521 -1.16 -4.41 35.26
N ALA B 522 -0.90 -5.41 36.11
CA ALA B 522 -1.35 -5.41 37.50
C ALA B 522 -0.65 -4.29 38.30
N ALA B 523 0.54 -3.88 37.84
CA ALA B 523 1.26 -2.77 38.47
C ALA B 523 1.16 -1.59 37.53
N GLY B 524 0.42 -0.57 37.92
CA GLY B 524 0.20 0.56 37.02
C GLY B 524 -0.40 1.78 37.67
N ALA B 525 -0.49 2.87 36.91
CA ALA B 525 -1.14 4.08 37.42
C ALA B 525 -1.97 4.75 36.31
N TRP B 526 -3.09 5.33 36.73
CA TRP B 526 -4.04 6.02 35.85
C TRP B 526 -4.46 7.32 36.53
N ASP B 527 -4.64 8.39 35.73
CA ASP B 527 -5.06 9.70 36.29
C ASP B 527 -4.17 10.10 37.48
N THR B 528 -2.90 9.76 37.35
CA THR B 528 -1.90 9.99 38.38
C THR B 528 -0.73 10.76 37.77
N HIS B 529 -0.32 11.83 38.44
CA HIS B 529 0.60 12.80 37.84
C HIS B 529 1.63 13.28 38.83
N LEU B 530 2.77 13.70 38.30
CA LEU B 530 3.77 14.39 39.11
C LEU B 530 3.71 15.87 38.71
N ILE B 531 2.98 16.63 39.50
CA ILE B 531 2.81 18.07 39.23
C ILE B 531 3.81 18.80 40.12
N ILE B 532 4.94 19.18 39.54
CA ILE B 532 6.09 19.58 40.35
C ILE B 532 6.27 21.09 40.37
N GLY B 533 5.98 21.70 41.52
CA GLY B 533 6.05 23.16 41.66
C GLY B 533 4.88 23.85 41.01
N GLY B 534 4.91 25.18 41.00
CA GLY B 534 3.85 25.95 40.36
C GLY B 534 2.48 25.95 40.99
N THR B 535 2.38 25.47 42.23
CA THR B 535 1.08 25.35 42.90
C THR B 535 1.10 25.98 44.29
N ALA B 536 -0.09 26.29 44.82
CA ALA B 536 -0.24 26.96 46.12
C ALA B 536 0.60 26.29 47.22
N GLN B 537 1.39 27.11 47.93
CA GLN B 537 2.12 26.70 49.12
C GLN B 537 3.09 25.54 48.86
N SER B 538 3.58 25.46 47.63
CA SER B 538 4.63 24.48 47.25
C SER B 538 6.05 25.01 47.46
N GLY B 539 6.20 26.31 47.74
CA GLY B 539 7.53 26.95 47.81
C GLY B 539 8.20 27.13 46.45
N LEU B 540 7.45 26.81 45.38
CA LEU B 540 7.99 26.78 44.02
C LEU B 540 7.05 27.57 43.10
N GLN B 541 6.67 28.76 43.58
CA GLN B 541 5.78 29.66 42.85
C GLN B 541 6.54 30.89 42.35
N VAL B 542 5.85 31.79 41.66
CA VAL B 542 6.52 32.95 41.09
C VAL B 542 7.15 33.83 42.20
N GLY B 543 6.52 33.87 43.37
CA GLY B 543 7.06 34.63 44.53
C GLY B 543 8.44 34.16 44.97
N GLN B 544 8.74 32.89 44.73
CA GLN B 544 10.03 32.29 45.14
C GLN B 544 10.98 32.16 43.96
N CYS B 545 10.43 31.95 42.77
CA CYS B 545 11.23 31.47 41.63
C CYS B 545 10.97 32.21 40.33
N PRO B 546 11.27 33.52 40.29
CA PRO B 546 11.10 34.32 39.08
C PRO B 546 12.00 33.86 37.94
N THR B 547 11.62 34.23 36.72
CA THR B 547 12.33 33.82 35.53
C THR B 547 13.74 34.43 35.47
N SER B 548 13.96 35.47 36.28
CA SER B 548 15.29 36.05 36.47
C SER B 548 16.30 35.02 36.96
N GLY B 549 15.81 34.03 37.72
CA GLY B 549 16.67 33.00 38.32
C GLY B 549 17.17 33.40 39.70
N ALA B 550 16.74 34.58 40.16
CA ALA B 550 17.16 35.14 41.45
C ALA B 550 16.79 34.30 42.67
N GLY B 551 15.82 33.40 42.52
CA GLY B 551 15.49 32.46 43.59
C GLY B 551 16.60 31.45 43.86
N GLY B 552 17.46 31.24 42.86
CA GLY B 552 18.67 30.44 43.02
C GLY B 552 18.43 29.08 43.64
N ASN B 553 19.06 28.81 44.79
CA ASN B 553 18.99 27.48 45.40
C ASN B 553 17.66 27.14 46.09
N ASN B 554 16.76 28.12 46.17
CA ASN B 554 15.45 27.89 46.73
C ASN B 554 14.56 27.19 45.72
N CYS B 555 15.02 27.17 44.47
CA CYS B 555 14.15 26.75 43.36
C CYS B 555 14.39 25.35 42.83
N PHE B 556 15.23 24.60 43.55
CA PHE B 556 15.38 23.17 43.30
C PHE B 556 14.09 22.48 43.63
N ALA B 557 13.49 21.82 42.63
CA ALA B 557 12.17 21.20 42.78
C ALA B 557 12.27 19.69 43.03
N ASP B 558 13.21 19.04 42.35
CA ASP B 558 13.42 17.61 42.50
C ASP B 558 14.69 17.17 41.82
N PHE B 559 15.17 15.98 42.18
CA PHE B 559 16.26 15.38 41.45
C PHE B 559 15.75 14.62 40.24
N LEU B 560 14.74 13.78 40.46
CA LEU B 560 14.19 12.95 39.37
C LEU B 560 12.69 12.77 39.60
N GLY B 561 11.89 12.88 38.53
CA GLY B 561 10.45 12.67 38.67
C GLY B 561 10.17 11.20 38.97
N LEU B 562 10.48 10.36 37.98
CA LEU B 562 10.09 8.97 38.07
C LEU B 562 11.29 8.12 37.73
N HIS B 563 11.54 7.12 38.58
CA HIS B 563 12.63 6.18 38.40
C HIS B 563 12.07 4.75 38.34
N LEU B 564 12.07 4.16 37.14
CA LEU B 564 11.66 2.78 36.98
C LEU B 564 12.92 1.93 37.11
N THR B 565 12.95 1.11 38.15
CA THR B 565 14.17 0.34 38.46
C THR B 565 14.26 -0.97 37.69
N SER B 566 15.44 -1.57 37.68
CA SER B 566 15.71 -2.77 36.90
C SER B 566 14.62 -3.88 36.94
N GLY B 567 14.16 -4.23 38.15
CA GLY B 567 13.22 -5.34 38.35
C GLY B 567 11.74 -5.02 38.21
N SER B 568 11.45 -3.79 37.83
CA SER B 568 10.07 -3.31 37.78
C SER B 568 9.34 -3.65 36.47
N SER B 569 8.01 -3.56 36.53
CA SER B 569 7.17 -3.39 35.32
C SER B 569 6.19 -2.29 35.68
N ALA B 570 5.63 -1.63 34.66
CA ALA B 570 4.62 -0.58 34.91
C ALA B 570 3.75 -0.36 33.69
N TYR B 571 2.45 -0.18 33.93
CA TYR B 571 1.53 0.29 32.91
C TYR B 571 1.10 1.68 33.38
N LEU B 572 1.58 2.72 32.68
CA LEU B 572 1.39 4.09 33.13
C LEU B 572 0.61 4.83 32.06
N GLU B 573 -0.61 5.23 32.42
CA GLU B 573 -1.52 5.80 31.43
C GLU B 573 -1.84 7.28 31.69
N GLY B 574 -1.45 8.15 30.75
CA GLY B 574 -1.73 9.58 30.87
C GLY B 574 -0.80 10.35 31.83
N MET B 575 0.15 9.66 32.44
CA MET B 575 0.94 10.29 33.51
C MET B 575 1.75 11.47 32.98
N TRP B 576 1.56 12.62 33.61
CA TRP B 576 2.29 13.86 33.24
C TRP B 576 3.33 14.13 34.31
N VAL B 577 4.59 14.14 33.91
CA VAL B 577 5.70 14.42 34.82
C VAL B 577 6.14 15.84 34.48
N TRP B 578 5.46 16.80 35.11
CA TRP B 578 5.53 18.21 34.75
C TRP B 578 6.34 19.00 35.75
N LEU B 579 7.53 19.40 35.34
CA LEU B 579 8.25 20.42 36.09
C LEU B 579 7.59 21.73 35.66
N ALA B 580 6.95 22.41 36.61
CA ALA B 580 6.13 23.60 36.28
C ALA B 580 6.92 24.67 35.56
N ASP B 581 6.43 25.03 34.39
CA ASP B 581 6.98 26.16 33.61
C ASP B 581 6.32 27.49 34.00
N HIS B 582 5.15 27.40 34.62
CA HIS B 582 4.41 28.59 35.05
C HIS B 582 3.57 28.24 36.27
N ASP B 583 3.08 29.29 36.92
CA ASP B 583 2.47 29.19 38.24
C ASP B 583 0.95 29.16 38.08
N LEU B 584 0.35 28.03 38.49
CA LEU B 584 -1.08 27.76 38.32
C LEU B 584 -1.99 28.50 39.30
N ASP B 585 -1.44 28.95 40.44
CA ASP B 585 -2.26 29.44 41.53
C ASP B 585 -2.09 30.93 41.90
N SER B 586 -0.97 31.53 41.51
CA SER B 586 -0.69 32.93 41.91
C SER B 586 -1.48 33.96 41.11
N GLY B 587 -2.07 33.50 40.00
CA GLY B 587 -2.76 34.40 39.07
C GLY B 587 -1.85 34.83 37.95
N GLY B 588 -2.43 35.06 36.78
CA GLY B 588 -1.69 35.60 35.65
C GLY B 588 -0.84 34.61 34.85
N SER B 589 -0.88 33.33 35.24
CA SER B 589 -0.14 32.27 34.53
C SER B 589 1.32 32.66 34.33
N GLN B 590 1.95 33.10 35.42
CA GLN B 590 3.28 33.70 35.36
C GLN B 590 4.34 32.63 35.26
N GLN B 591 5.25 32.79 34.32
CA GLN B 591 6.34 31.83 34.15
C GLN B 591 7.31 31.86 35.33
N ILE B 592 7.91 30.70 35.60
CA ILE B 592 8.79 30.49 36.75
C ILE B 592 9.96 29.61 36.32
N SER B 593 11.08 29.70 37.04
CA SER B 593 12.25 28.87 36.75
C SER B 593 12.48 27.93 37.92
N LEU B 594 12.22 26.64 37.73
CA LEU B 594 12.45 25.62 38.74
C LEU B 594 13.47 24.64 38.19
N TRP B 595 14.23 23.99 39.08
CA TRP B 595 15.28 23.08 38.66
C TRP B 595 14.94 21.63 38.98
N SER B 596 14.87 20.79 37.92
CA SER B 596 14.71 19.35 38.06
C SER B 596 15.84 18.70 37.27
N ASN B 597 16.52 17.70 37.83
CA ASN B 597 17.65 17.11 37.10
C ASN B 597 17.23 16.29 35.88
N GLY B 598 16.15 15.53 36.04
CA GLY B 598 15.65 14.66 34.98
C GLY B 598 14.21 14.29 35.25
N GLY B 599 13.51 13.94 34.18
CA GLY B 599 12.07 13.70 34.26
C GLY B 599 11.78 12.25 34.60
N ILE B 600 11.95 11.39 33.59
CA ILE B 600 11.70 9.95 33.72
C ILE B 600 12.97 9.19 33.30
N MET B 601 13.48 8.36 34.20
CA MET B 601 14.59 7.46 33.89
C MET B 601 14.13 6.03 34.11
N SER B 602 14.17 5.20 33.06
CA SER B 602 13.82 3.80 33.21
C SER B 602 15.02 2.88 33.03
N GLU B 603 15.24 2.02 34.01
CA GLU B 603 16.21 0.92 33.87
C GLU B 603 15.48 -0.43 33.84
N SER B 604 14.16 -0.37 33.71
CA SER B 604 13.32 -1.55 33.80
C SER B 604 13.59 -2.52 32.65
N GLN B 605 13.63 -3.82 32.98
CA GLN B 605 13.71 -4.86 31.95
C GLN B 605 12.34 -5.17 31.38
N GLY B 606 11.32 -4.43 31.85
CA GLY B 606 9.97 -4.51 31.31
C GLY B 606 9.12 -5.66 31.85
N PRO B 607 7.88 -5.75 31.39
CA PRO B 607 7.27 -4.89 30.39
C PRO B 607 6.98 -3.49 30.95
N VAL B 608 7.20 -2.45 30.14
CA VAL B 608 6.75 -1.11 30.53
C VAL B 608 5.88 -0.58 29.38
N TRP B 609 4.66 -0.17 29.70
CA TRP B 609 3.79 0.50 28.74
C TRP B 609 3.60 1.95 29.21
N LEU B 610 4.06 2.90 28.40
CA LEU B 610 3.87 4.33 28.69
C LEU B 610 2.84 4.83 27.66
N ILE B 611 1.60 4.93 28.10
CA ILE B 611 0.47 5.22 27.18
C ILE B 611 0.07 6.69 27.38
N GLY B 612 0.44 7.55 26.44
CA GLY B 612 0.04 8.97 26.54
C GLY B 612 0.72 9.70 27.69
N THR B 613 1.94 9.28 28.03
CA THR B 613 2.67 9.98 29.10
C THR B 613 3.36 11.22 28.54
N ALA B 614 3.78 12.13 29.41
CA ALA B 614 4.48 13.33 28.98
C ALA B 614 5.46 13.67 30.08
N SER B 615 6.60 14.23 29.68
CA SER B 615 7.64 14.65 30.63
C SER B 615 8.21 15.98 30.12
N GLU B 616 8.08 17.02 30.94
CA GLU B 616 8.40 18.37 30.49
C GLU B 616 9.22 19.20 31.47
N HIS B 617 10.20 19.90 30.90
CA HIS B 617 10.93 21.01 31.56
C HIS B 617 11.97 20.59 32.60
N HIS B 618 12.49 19.36 32.43
CA HIS B 618 13.63 18.87 33.24
C HIS B 618 14.96 19.19 32.54
N ILE B 619 16.04 19.27 33.30
CA ILE B 619 17.31 19.84 32.80
C ILE B 619 18.13 18.94 31.91
N ASN B 620 18.37 17.70 32.33
CA ASN B 620 19.22 16.83 31.53
C ASN B 620 18.52 16.01 30.46
N TYR B 621 17.29 15.61 30.76
CA TYR B 621 16.49 14.78 29.86
C TYR B 621 15.04 14.77 30.33
N GLN B 622 14.11 14.55 29.39
CA GLN B 622 12.71 14.31 29.76
C GLN B 622 12.47 12.80 29.94
N TYR B 623 13.02 11.99 29.04
CA TYR B 623 13.07 10.54 29.16
C TYR B 623 14.51 10.04 29.00
N PHE B 624 14.93 9.15 29.89
CA PHE B 624 16.23 8.47 29.79
C PHE B 624 15.99 6.98 29.97
N LEU B 625 16.26 6.22 28.91
CA LEU B 625 16.17 4.76 28.97
C LEU B 625 17.59 4.24 29.13
N LYS B 626 17.87 3.57 30.24
CA LYS B 626 19.25 3.15 30.56
C LYS B 626 19.27 1.68 30.86
N ASN B 627 19.90 0.89 29.98
CA ASN B 627 19.92 -0.57 30.17
C ASN B 627 18.50 -1.13 30.27
N ALA B 628 17.57 -0.53 29.52
CA ALA B 628 16.16 -0.91 29.59
C ALA B 628 15.78 -1.95 28.54
N ALA B 629 14.66 -2.63 28.78
CA ALA B 629 14.14 -3.58 27.78
C ALA B 629 12.62 -3.58 27.77
N ASN B 630 12.07 -3.91 26.60
CA ASN B 630 10.66 -4.26 26.46
C ASN B 630 9.72 -3.17 26.94
N HIS B 631 9.84 -2.02 26.28
CA HIS B 631 8.95 -0.86 26.49
C HIS B 631 8.14 -0.57 25.23
N TYR B 632 6.83 -0.38 25.42
CA TYR B 632 5.98 0.25 24.44
C TYR B 632 5.73 1.68 24.93
N ILE B 633 6.01 2.65 24.07
CA ILE B 633 5.90 4.07 24.42
C ILE B 633 5.11 4.77 23.33
N GLY B 634 3.88 5.21 23.64
CA GLY B 634 3.05 5.88 22.62
C GLY B 634 1.77 6.48 23.16
N LEU B 635 1.46 7.73 22.83
CA LEU B 635 2.43 8.72 22.34
C LEU B 635 3.22 9.21 23.54
N ALA B 636 4.45 9.68 23.32
CA ALA B 636 5.21 10.37 24.38
C ALA B 636 5.44 11.82 23.97
N GLN B 637 5.33 12.75 24.91
CA GLN B 637 5.41 14.18 24.60
C GLN B 637 6.33 14.89 25.55
N THR B 638 7.12 15.82 25.02
CA THR B 638 8.11 16.52 25.84
C THR B 638 8.21 18.01 25.49
N GLU B 639 8.77 18.76 26.44
CA GLU B 639 9.22 20.12 26.18
C GLU B 639 10.50 20.36 26.95
N THR B 640 11.41 21.13 26.34
CA THR B 640 12.63 21.62 27.02
C THR B 640 12.26 22.74 28.02
N PRO B 641 12.97 22.84 29.17
CA PRO B 641 12.68 23.94 30.10
C PRO B 641 13.00 25.28 29.43
N TYR B 642 12.23 26.30 29.75
CA TYR B 642 12.25 27.54 28.95
C TYR B 642 13.50 28.39 29.19
N PHE B 643 14.13 28.18 30.33
CA PHE B 643 15.35 28.94 30.66
C PHE B 643 16.59 28.53 29.85
N GLN B 644 16.64 27.29 29.38
CA GLN B 644 17.84 26.83 28.65
C GLN B 644 17.98 27.61 27.34
N PRO B 645 19.24 27.91 26.93
CA PRO B 645 20.53 27.45 27.45
C PRO B 645 21.15 28.26 28.61
N ASN B 646 20.36 29.06 29.32
CA ASN B 646 20.89 29.75 30.50
C ASN B 646 20.24 29.34 31.81
N PRO B 647 20.85 28.38 32.54
CA PRO B 647 22.13 27.73 32.27
C PRO B 647 22.06 26.49 31.38
N ASN B 648 23.23 26.02 30.95
CA ASN B 648 23.42 24.80 30.17
C ASN B 648 23.32 23.60 31.08
N PRO B 649 22.83 22.46 30.58
CA PRO B 649 22.87 21.22 31.38
C PRO B 649 24.31 20.89 31.79
N PRO B 650 24.52 20.34 33.01
CA PRO B 650 23.52 19.94 34.00
C PRO B 650 23.16 21.02 35.01
N ALA B 651 23.69 22.22 34.85
CA ALA B 651 23.53 23.27 35.87
C ALA B 651 22.06 23.64 36.06
N PRO B 652 21.66 23.98 37.30
CA PRO B 652 22.56 24.13 38.46
C PRO B 652 22.82 22.85 39.27
N PHE B 653 22.51 21.69 38.70
CA PHE B 653 22.98 20.43 39.25
C PHE B 653 24.42 20.22 38.82
N ILE B 654 25.04 19.19 39.35
CA ILE B 654 26.36 18.76 38.88
C ILE B 654 26.25 17.40 38.18
N THR B 655 27.24 17.06 37.36
CA THR B 655 27.23 15.77 36.67
C THR B 655 27.12 14.64 37.69
N ASN B 656 26.22 13.68 37.41
CA ASN B 656 26.02 12.53 38.29
C ASN B 656 26.06 11.28 37.41
N SER B 657 27.04 10.42 37.62
CA SER B 657 27.30 9.34 36.66
C SER B 657 26.29 8.18 36.78
N ASN B 658 25.47 8.19 37.82
CA ASN B 658 24.45 7.17 38.02
C ASN B 658 23.13 7.54 37.32
N PHE B 659 22.79 8.82 37.35
CA PHE B 659 21.47 9.26 36.92
C PHE B 659 21.48 10.07 35.64
N ASP B 660 22.67 10.42 35.17
CA ASP B 660 22.80 11.17 33.93
C ASP B 660 23.27 10.30 32.77
N PRO B 661 22.84 10.66 31.55
CA PRO B 661 23.38 9.97 30.38
C PRO B 661 24.86 10.27 30.23
N SER B 662 25.57 9.35 29.58
CA SER B 662 26.99 9.50 29.29
C SER B 662 27.27 10.79 28.51
N GLN B 663 26.39 11.09 27.55
CA GLN B 663 26.49 12.30 26.73
C GLN B 663 25.44 13.32 27.13
N LEU B 664 25.86 14.35 27.86
CA LEU B 664 24.96 15.42 28.26
C LEU B 664 24.48 16.25 27.06
N GLY B 665 23.27 16.81 27.18
CA GLY B 665 22.76 17.71 26.15
C GLY B 665 23.65 18.91 25.95
N GLN B 666 23.82 19.33 24.70
CA GLN B 666 24.55 20.56 24.36
C GLN B 666 23.60 21.75 24.40
N GLY B 667 23.64 22.51 25.47
CA GLY B 667 22.83 23.70 25.61
C GLY B 667 21.43 23.42 26.15
N ASP B 668 20.84 22.29 25.74
CA ASP B 668 19.45 21.95 26.07
C ASP B 668 19.27 20.46 26.45
N ALA B 669 18.25 20.19 27.27
CA ALA B 669 17.85 18.81 27.61
C ALA B 669 17.56 17.94 26.39
N TRP B 670 17.94 16.67 26.46
CA TRP B 670 17.42 15.66 25.53
C TRP B 670 15.92 15.44 25.80
N ALA B 671 15.10 15.35 24.75
CA ALA B 671 13.74 14.84 24.93
C ALA B 671 13.80 13.38 25.38
N MET B 672 14.55 12.57 24.63
CA MET B 672 14.73 11.17 24.95
C MET B 672 16.14 10.76 24.58
N THR B 673 16.81 10.08 25.52
CA THR B 673 18.15 9.53 25.23
C THR B 673 18.17 8.08 25.69
N VAL B 674 18.81 7.23 24.91
CA VAL B 674 18.68 5.78 25.06
C VAL B 674 20.06 5.14 25.01
N GLN B 675 20.37 4.39 26.07
CA GLN B 675 21.64 3.63 26.21
C GLN B 675 21.38 2.15 26.44
N ASN B 676 22.06 1.31 25.67
CA ASN B 676 22.09 -0.14 25.91
C ASN B 676 20.72 -0.76 26.20
N SER B 677 19.72 -0.38 25.41
CA SER B 677 18.33 -0.79 25.65
C SER B 677 17.83 -1.61 24.48
N HIS B 678 16.92 -2.56 24.74
CA HIS B 678 16.45 -3.41 23.64
C HIS B 678 14.96 -3.68 23.72
N GLY B 679 14.35 -4.01 22.59
CA GLY B 679 12.91 -4.21 22.57
C GLY B 679 12.15 -2.95 22.94
N ILE B 680 12.64 -1.80 22.47
CA ILE B 680 11.95 -0.52 22.67
C ILE B 680 11.20 -0.07 21.43
N LEU B 681 9.89 0.08 21.59
CA LEU B 681 9.02 0.56 20.51
C LEU B 681 8.46 1.93 20.88
N VAL B 682 8.91 2.99 20.19
CA VAL B 682 8.32 4.32 20.34
C VAL B 682 7.37 4.56 19.16
N PHE B 683 6.08 4.62 19.48
CA PHE B 683 5.04 4.66 18.47
C PHE B 683 4.23 5.93 18.68
N GLY B 684 4.71 7.00 18.05
CA GLY B 684 4.18 8.35 18.24
C GLY B 684 4.98 9.08 19.32
N ALA B 685 5.56 10.21 18.94
CA ALA B 685 6.28 11.08 19.87
C ALA B 685 6.14 12.53 19.41
N GLY B 686 6.07 13.43 20.36
CA GLY B 686 6.08 14.88 20.05
C GLY B 686 7.08 15.52 20.99
N PHE B 687 8.26 15.82 20.46
CA PHE B 687 9.36 16.29 21.28
C PHE B 687 9.68 17.73 20.87
N TYR B 688 9.43 18.68 21.78
CA TYR B 688 9.43 20.09 21.41
C TYR B 688 10.45 20.98 22.11
N SER B 689 10.83 22.06 21.40
CA SER B 689 11.68 23.11 21.96
C SER B 689 11.16 24.43 21.41
N PHE B 690 10.78 25.33 22.31
CA PHE B 690 10.14 26.59 21.92
C PHE B 690 10.94 27.86 22.24
N PHE B 691 12.04 27.75 22.98
CA PHE B 691 12.70 28.93 23.54
C PHE B 691 14.22 28.85 23.52
N SER B 692 14.84 30.02 23.52
CA SER B 692 16.23 30.15 23.95
C SER B 692 16.28 31.18 25.08
N ALA B 693 16.45 30.70 26.32
CA ALA B 693 16.41 31.54 27.52
C ALA B 693 15.23 32.52 27.50
N TYR B 694 14.02 31.96 27.45
CA TYR B 694 12.77 32.73 27.39
C TYR B 694 12.51 33.57 26.13
N ASN B 695 13.46 33.56 25.19
CA ASN B 695 13.29 34.25 23.92
C ASN B 695 12.68 33.31 22.87
N THR B 696 11.64 33.79 22.19
CA THR B 696 10.94 33.00 21.17
C THR B 696 11.45 33.20 19.72
N GLY B 697 12.49 33.99 19.56
CA GLY B 697 13.03 34.31 18.24
C GLY B 697 13.40 33.10 17.39
N CYS B 698 13.89 32.06 18.07
CA CYS B 698 14.31 30.80 17.43
C CYS B 698 13.17 30.05 16.73
N GLN B 699 11.92 30.38 17.07
CA GLN B 699 10.77 29.67 16.47
C GLN B 699 10.65 29.86 14.95
N SER B 700 11.01 31.04 14.44
CA SER B 700 10.89 31.29 13.00
C SER B 700 11.91 30.49 12.19
N PRO B 701 13.22 30.62 12.51
CA PRO B 701 14.23 29.78 11.85
C PRO B 701 14.23 28.33 12.33
N GLN B 702 13.40 28.01 13.32
CA GLN B 702 13.24 26.64 13.81
C GLN B 702 14.56 26.02 14.33
N ASN B 703 15.28 26.79 15.15
CA ASN B 703 16.55 26.31 15.70
C ASN B 703 16.67 26.61 17.20
N CYS B 704 15.57 26.42 17.94
CA CYS B 704 15.62 26.64 19.38
C CYS B 704 16.65 25.76 20.07
N GLN B 705 16.85 24.55 19.55
CA GLN B 705 17.97 23.71 19.98
C GLN B 705 18.53 22.86 18.85
N ASN B 706 19.72 22.35 19.07
CA ASN B 706 20.46 21.69 17.99
C ASN B 706 20.15 20.20 17.85
N GLN B 707 20.03 19.53 18.99
CA GLN B 707 19.75 18.10 19.02
C GLN B 707 18.68 17.83 20.08
N ILE B 708 18.01 16.70 19.98
CA ILE B 708 16.88 16.42 20.87
C ILE B 708 16.62 14.93 21.18
N VAL B 709 16.99 14.03 20.27
CA VAL B 709 16.84 12.58 20.50
C VAL B 709 18.17 11.90 20.28
N ASN B 710 18.62 11.12 21.25
CA ASN B 710 19.91 10.45 21.13
C ASN B 710 19.76 8.96 21.36
N VAL B 711 20.38 8.16 20.48
CA VAL B 711 20.56 6.73 20.75
C VAL B 711 22.05 6.42 20.66
N ASP B 712 22.48 5.39 21.40
CA ASP B 712 23.85 4.87 21.26
C ASP B 712 23.95 3.91 20.06
N SER B 713 25.06 3.20 19.91
CA SER B 713 25.19 2.31 18.75
C SER B 713 24.51 0.95 18.91
N SER B 714 24.32 0.50 20.15
CA SER B 714 23.86 -0.87 20.40
C SER B 714 22.35 -1.01 20.56
N SER B 715 21.67 0.05 21.01
CA SER B 715 20.27 -0.11 21.40
C SER B 715 19.39 -0.66 20.31
N ASP B 716 18.52 -1.61 20.66
CA ASP B 716 17.51 -2.09 19.72
C ASP B 716 16.24 -1.31 20.00
N ILE B 717 16.05 -0.24 19.23
CA ILE B 717 14.93 0.70 19.41
C ILE B 717 14.40 1.05 18.02
N ALA B 718 13.08 1.24 17.91
CA ALA B 718 12.52 1.76 16.66
C ALA B 718 11.65 2.96 16.98
N PHE B 719 11.70 3.98 16.11
CA PHE B 719 10.81 5.15 16.26
C PHE B 719 9.84 5.23 15.08
N TYR B 720 8.59 5.51 15.38
CA TYR B 720 7.55 5.69 14.36
C TYR B 720 6.79 6.96 14.67
N SER B 721 6.55 7.78 13.64
CA SER B 721 5.80 9.02 13.78
C SER B 721 6.43 9.91 14.87
N LEU B 722 7.74 10.15 14.69
CA LEU B 722 8.53 10.97 15.60
C LEU B 722 8.49 12.40 15.11
N THR B 723 7.78 13.25 15.85
CA THR B 723 7.57 14.66 15.49
C THR B 723 8.36 15.54 16.44
N THR B 724 9.12 16.50 15.88
CA THR B 724 9.84 17.45 16.71
C THR B 724 9.49 18.88 16.33
N VAL B 725 9.75 19.81 17.22
CA VAL B 725 9.46 21.23 16.96
C VAL B 725 10.75 22.04 17.15
N ASP B 726 11.07 22.86 16.15
CA ASP B 726 12.15 23.86 16.21
C ASP B 726 13.52 23.31 16.69
N THR B 727 13.86 22.13 16.19
CA THR B 727 15.15 21.49 16.49
C THR B 727 15.85 21.11 15.19
N THR B 728 17.12 21.48 15.06
CA THR B 728 17.86 21.28 13.81
C THR B 728 18.03 19.79 13.45
N TRP B 729 18.62 19.04 14.37
CA TRP B 729 18.82 17.61 14.21
C TRP B 729 17.75 16.90 15.02
N GLN B 730 16.80 16.29 14.31
CA GLN B 730 15.65 15.69 14.97
C GLN B 730 16.04 14.39 15.65
N PHE B 731 17.10 13.76 15.12
CA PHE B 731 17.53 12.46 15.59
C PHE B 731 19.05 12.35 15.52
N SER B 732 19.65 11.87 16.61
CA SER B 732 21.12 11.75 16.73
C SER B 732 21.55 10.35 17.11
N VAL B 733 22.74 9.95 16.67
CA VAL B 733 23.37 8.73 17.14
C VAL B 733 24.69 9.14 17.77
N ASN B 734 24.87 8.77 19.03
CA ASN B 734 26.04 9.12 19.81
C ASN B 734 26.30 10.63 19.86
N ALA B 735 25.21 11.41 19.97
CA ALA B 735 25.26 12.87 20.06
C ALA B 735 25.81 13.54 18.81
N GLN B 736 25.74 12.82 17.71
CA GLN B 736 26.04 13.34 16.38
C GLN B 736 24.72 13.39 15.61
N GLY B 737 24.34 14.59 15.15
CA GLY B 737 23.10 14.74 14.37
C GLY B 737 23.12 13.85 13.15
N VAL B 738 22.02 13.15 12.91
CA VAL B 738 21.90 12.22 11.80
C VAL B 738 20.78 12.71 10.88
N ILE B 739 19.60 12.96 11.44
CA ILE B 739 18.46 13.38 10.62
C ILE B 739 18.15 14.86 10.80
N ASN B 740 18.31 15.63 9.74
CA ASN B 740 18.10 17.08 9.79
C ASN B 740 16.64 17.42 9.51
N ARG B 741 16.11 18.38 10.28
CA ARG B 741 14.72 18.82 10.10
C ARG B 741 14.44 19.31 8.68
N SER B 742 15.46 19.82 7.98
CA SER B 742 15.27 20.33 6.61
C SER B 742 14.67 19.29 5.65
N ASN B 743 14.81 18.01 5.98
CA ASN B 743 14.31 16.92 5.16
C ASN B 743 12.85 16.58 5.42
N ASN B 744 12.34 17.00 6.58
CA ASN B 744 11.02 16.56 7.02
C ASN B 744 10.06 17.67 7.42
N PRO B 745 10.04 18.82 6.69
CA PRO B 745 9.13 19.85 7.16
C PRO B 745 7.70 19.39 6.93
N ASN B 746 6.83 19.62 7.92
CA ASN B 746 5.52 19.01 7.87
C ASN B 746 4.45 19.93 8.49
N GLY B 747 4.68 21.23 8.33
CA GLY B 747 3.84 22.28 8.89
C GLY B 747 4.61 22.99 9.98
N PHE B 748 3.95 23.23 11.10
CA PHE B 748 4.61 23.84 12.24
C PHE B 748 5.72 22.94 12.76
N ALA B 749 5.48 21.63 12.70
CA ALA B 749 6.41 20.64 13.21
C ALA B 749 7.05 19.88 12.06
N ASP B 750 8.07 19.09 12.39
CA ASP B 750 8.80 18.26 11.43
C ASP B 750 8.64 16.81 11.87
N THR B 751 8.47 15.91 10.92
CA THR B 751 8.13 14.51 11.26
C THR B 751 8.96 13.44 10.55
N ILE B 752 9.57 12.56 11.34
CA ILE B 752 10.20 11.33 10.86
C ILE B 752 9.15 10.21 10.95
N THR B 753 8.81 9.63 9.81
CA THR B 753 7.76 8.61 9.80
C THR B 753 8.23 7.29 10.41
N ALA B 754 9.45 6.90 10.09
CA ALA B 754 10.05 5.70 10.69
C ALA B 754 11.59 5.83 10.74
N TRP B 755 12.16 5.33 11.82
CA TRP B 755 13.61 5.08 11.89
C TRP B 755 13.81 3.71 12.52
N THR B 756 14.68 2.92 11.89
CA THR B 756 15.09 1.65 12.45
C THR B 756 16.60 1.56 12.25
N ARG B 757 17.25 0.67 12.98
CA ARG B 757 18.73 0.56 12.94
C ARG B 757 19.18 0.13 11.54
N ASN B 758 18.46 -0.82 10.96
CA ASN B 758 18.81 -1.38 9.67
C ASN B 758 17.72 -1.19 8.64
C1 NAG C . 5.63 -11.73 -12.81
C2 NAG C . 4.27 -12.10 -12.16
C3 NAG C . 4.56 -13.01 -10.97
C4 NAG C . 5.56 -14.16 -11.29
C5 NAG C . 6.76 -13.70 -12.14
C6 NAG C . 7.58 -14.88 -12.69
C7 NAG C . 2.52 -10.32 -12.41
C8 NAG C . 2.01 -9.02 -11.80
N2 NAG C . 3.48 -10.94 -11.71
O3 NAG C . 3.33 -13.53 -10.48
O4 NAG C . 6.05 -14.73 -10.10
O5 NAG C . 6.28 -12.93 -13.20
O6 NAG C . 6.69 -15.82 -13.27
O7 NAG C . 2.05 -10.72 -13.49
C1 NAG C . 5.47 -16.04 -9.90
C2 NAG C . 6.34 -16.70 -8.83
C3 NAG C . 5.71 -17.97 -8.24
C4 NAG C . 4.19 -17.88 -8.05
C5 NAG C . 3.52 -17.29 -9.29
C6 NAG C . 1.99 -17.15 -9.14
C7 NAG C . 8.70 -16.20 -9.28
C8 NAG C . 9.96 -16.58 -9.99
N2 NAG C . 7.65 -17.00 -9.41
O3 NAG C . 6.34 -18.22 -7.00
O4 NAG C . 3.66 -19.16 -7.75
O5 NAG C . 4.07 -16.01 -9.57
O6 NAG C . 1.71 -16.37 -7.99
O7 NAG C . 8.66 -15.18 -8.61
C1 BMA C . 3.11 -19.19 -6.41
C2 BMA C . 1.91 -20.14 -6.33
C3 BMA C . 1.29 -20.11 -4.93
C4 BMA C . 2.33 -20.25 -3.83
C5 BMA C . 3.54 -19.31 -4.08
C6 BMA C . 4.67 -19.49 -3.06
O2 BMA C . 2.34 -21.46 -6.64
O3 BMA C . 0.29 -21.11 -4.80
O4 BMA C . 1.72 -19.96 -2.59
O5 BMA C . 4.07 -19.49 -5.39
O6 BMA C . 5.11 -20.81 -3.06
C1 NAG D . -13.14 -0.65 25.94
C2 NAG D . -12.75 -1.83 26.85
C3 NAG D . -14.03 -2.52 27.35
C4 NAG D . -15.05 -1.55 27.93
C5 NAG D . -15.26 -0.32 27.01
C6 NAG D . -16.14 0.75 27.67
C7 NAG D . -10.57 -2.79 26.22
C8 NAG D . -9.85 -3.73 25.27
N2 NAG D . -11.90 -2.82 26.18
O3 NAG D . -13.66 -3.51 28.28
O4 NAG D . -16.28 -2.24 27.99
O5 NAG D . -14.00 0.22 26.67
O6 NAG D . -15.63 1.11 28.95
O7 NAG D . -9.91 -2.05 26.96
C1 NAG D . -16.68 -2.46 29.34
C2 NAG D . -18.19 -2.75 29.29
C3 NAG D . -18.72 -3.25 30.64
C4 NAG D . -17.82 -4.33 31.24
C5 NAG D . -16.36 -3.83 31.27
C6 NAG D . -15.42 -4.89 31.82
C7 NAG D . -19.32 -1.37 27.60
C8 NAG D . -20.01 -0.07 27.29
N2 NAG D . -18.92 -1.56 28.86
O3 NAG D . -20.03 -3.75 30.44
O4 NAG D . -18.22 -4.66 32.55
O5 NAG D . -15.98 -3.53 29.94
O6 NAG D . -15.57 -6.03 31.02
O7 NAG D . -19.16 -2.19 26.70
C1 BMA D . -18.65 -6.03 32.68
C2 BMA D . -18.36 -6.51 34.10
C3 BMA D . -18.86 -7.95 34.29
C4 BMA D . -20.32 -8.10 33.85
C5 BMA D . -20.55 -7.48 32.47
C6 BMA D . -22.04 -7.41 32.11
O2 BMA D . -19.03 -5.65 34.99
O3 BMA D . -18.65 -8.36 35.65
O4 BMA D . -20.66 -9.47 33.79
O5 BMA D . -20.03 -6.17 32.40
O6 BMA D . -22.22 -6.79 30.86
ZN ZN E . -18.24 -5.39 -18.94
ZN ZN F . -0.26 -23.93 -21.00
ZN ZN G . 5.61 -13.33 -45.66
NA NA H . -21.44 -8.21 -33.78
NA NA I . 15.00 -21.19 -48.24
C1 GOL J . 16.77 -31.33 -38.14
O1 GOL J . 17.97 -30.59 -38.10
C2 GOL J . 16.80 -32.44 -37.09
O2 GOL J . 15.52 -33.04 -37.07
C3 GOL J . 17.88 -33.50 -37.41
O3 GOL J . 17.88 -34.55 -36.45
C1 GOL K . 6.56 23.15 -29.79
O1 GOL K . 7.74 22.57 -29.27
C2 GOL K . 6.76 23.23 -31.30
O2 GOL K . 6.70 21.92 -31.85
C3 GOL K . 5.69 24.11 -31.93
O3 GOL K . 4.42 23.54 -31.78
C1 GOL L . 5.99 7.31 -3.40
O1 GOL L . 4.63 6.92 -3.49
C2 GOL L . 6.48 7.80 -4.77
O2 GOL L . 5.44 8.51 -5.41
C3 GOL L . 6.86 6.60 -5.64
O3 GOL L . 7.96 5.92 -5.09
C1 GOL M . 5.96 -11.27 -40.51
O1 GOL M . 6.64 -11.86 -41.62
C2 GOL M . 5.13 -10.07 -40.98
O2 GOL M . 4.57 -9.36 -39.88
C3 GOL M . 4.03 -10.48 -41.97
O3 GOL M . 3.17 -11.43 -41.39
C1 GOL N . 8.50 -6.32 -44.13
O1 GOL N . 9.26 -7.38 -43.61
C2 GOL N . 7.19 -6.82 -44.72
O2 GOL N . 6.62 -7.81 -43.88
C3 GOL N . 7.46 -7.37 -46.11
O3 GOL N . 6.49 -8.33 -46.44
C1 GOL O . 10.90 -11.35 -45.13
O1 GOL O . 10.46 -10.12 -44.57
C2 GOL O . 10.43 -11.52 -46.57
O2 GOL O . 9.02 -11.60 -46.65
C3 GOL O . 11.09 -12.74 -47.25
O3 GOL O . 10.41 -13.98 -46.98
C1 GOL P . 23.35 0.06 -6.68
O1 GOL P . 22.69 0.09 -5.41
C2 GOL P . 23.56 1.50 -7.17
O2 GOL P . 24.78 1.64 -7.86
C3 GOL P . 22.43 1.94 -8.08
O3 GOL P . 22.60 3.32 -8.33
C ACT Q . 1.96 -25.20 -20.02
O ACT Q . 0.84 -24.93 -19.54
OXT ACT Q . 2.21 -24.72 -21.17
CH3 ACT Q . 2.95 -26.05 -19.29
ZN ZN R . -10.76 5.68 40.22
ZN ZN S . 9.67 -8.37 33.43
ZN ZN T . 3.04 27.48 30.71
NA NA U . 18.39 3.09 39.11
NA NA V . -6.23 35.84 32.92
C1 GOL W . -17.46 30.17 39.47
O1 GOL W . -17.96 30.50 38.18
C2 GOL W . -18.59 29.48 40.26
O2 GOL W . -18.08 28.94 41.46
C3 GOL W . -19.72 30.48 40.54
O3 GOL W . -20.68 29.86 41.37
C1 GOL X . 3.65 23.09 28.78
O1 GOL X . 3.48 22.30 29.93
C2 GOL X . 2.62 22.75 27.71
O2 GOL X . 2.81 21.42 27.27
C3 GOL X . 1.18 22.93 28.21
O3 GOL X . 0.93 24.30 28.46
C1 GOL Y . -0.08 29.34 26.50
O1 GOL Y . 0.48 28.42 25.55
C2 GOL Y . 0.94 30.35 27.05
O2 GOL Y . 2.21 29.80 26.89
C3 GOL Y . 0.87 30.48 28.57
O3 GOL Y . -0.19 31.25 29.07
C1 GOL Z . 4.62 27.65 24.65
O1 GOL Z . 5.28 27.75 25.90
C2 GOL Z . 4.56 26.18 24.22
O2 GOL Z . 4.09 25.36 25.27
C3 GOL Z . 3.60 26.11 23.04
O3 GOL Z . 2.30 26.42 23.50
C ACT AA . -13.39 6.15 40.01
O ACT AA . -12.78 7.17 39.60
OXT ACT AA . -12.66 5.17 40.33
CH3 ACT AA . -14.88 6.12 40.16
C ACT BA . 1.35 26.79 20.02
O ACT BA . 0.43 26.29 19.33
OXT ACT BA . 1.03 27.21 21.14
CH3 ACT BA . 2.77 26.88 19.51
#